data_5DHA
#
_entry.id   5DHA
#
_cell.length_a   106.279
_cell.length_b   106.279
_cell.length_c   304.570
_cell.angle_alpha   90.000
_cell.angle_beta   90.000
_cell.angle_gamma   90.000
#
_symmetry.space_group_name_H-M   'P 43 21 2'
#
loop_
_entity.id
_entity.type
_entity.pdbx_description
1 polymer 'GTP-binding nuclear protein Ran'
2 polymer 'Ran-specific GTPase-activating protein 1'
3 polymer Exportin-1
4 polymer 'Engineered Nuclear Export Signal Peptide (CPEB4 NES reverse mutant)'
5 non-polymer 'PHOSPHOAMINOPHOSPHONIC ACID-GUANYLATE ESTER'
6 non-polymer 'MAGNESIUM ION'
7 non-polymer GLYCEROL
8 water water
#
loop_
_entity_poly.entity_id
_entity_poly.type
_entity_poly.pdbx_seq_one_letter_code
_entity_poly.pdbx_strand_id
1 'polypeptide(L)'
;METGSSHHHHHHSSGLPRGSHMAAQGEPQVQFKLVLVGDGGTGKTTFVKRHLTGEFEKKYVATLGVEVHPLVFHTNRGPI
KFNVWDTAGQEKFGGLRDGYYIQAQCAIIMFDVTSRVTYKNVPNWHRDLVRVCENIPIVLCGNKVDIKDRKVKAKSIVFH
RKKNLQYYDISAKSNYNFEKPFLWLARKLIGDPNLEFVAMPALAPPEVVMDPALAAQYEHDLEVAQTTALPDEDDDL
;
A
2 'polypeptide(L)'
;GGSDIHFEPVVHLEKVDVKTMEEDEEVLYKVRAKLFRFDADAKEWKERGTGDCKFLKNKKTNKVRILMRRDKTLKICANH
IIAPEYTLKPNVGSDRSWVYACTADIAEGEAEAFTFAIRFGSKENADKFKEEFEKAQEINKKA
;
B
3 'polypeptide(L)'
;GGSMEGILDFSNDLDIALLDQVVSTFYQGSGVQQKQAQEILTKFQDNPDAWQKADQILQFSTNPQSKFIALSILDKLITR
KWKLLPNDHRIGIRNFVVGMIISMCQDDEVFKTQKNLINKSDLTLVQILKQEWPQNWPEFIPELIGSSSSSVNVCENNMI
VLKLLSEEVFDFSAEQMTQAKALHLKNSMSKEFEQIFKLCFQVLEQGSSSSLIVATLESLLRYLHWIPYRYIYETNILEL
LSTKFMTSPDTRAITLKCLTEVSNLKIPQDNDLIKRQTVLFFQNTLQQIATSVMPVTADLKATYANANGNDQSFLQDLAM
FLTTYLARNRALLESDESLRELLLNAHQYLIQLSKIEERELFKTTLDYWHNLVADLFYEPLKKHIYEEICSQLRLVIIEN
MVRPEEDLVVENDEGEIVREFVKESDTIQLYKSEREVLVYLTHLNVIDTEEIMISKLARQIDGSEWSWHNINTLSWAIGS
ISGTMSEDTEKRFVVTVIKDLLGLCEQKRGKDNKAVVASDIMYVVGQYPRFLKAHWNFLRTVILKLFEFMHETHEGVQDM
ACDTFIKIVQKCKYHFVIQQPRESEPFIQTIIRDIQKTTADLQPQQVHTFYKACGIIISEERSVAERNRLLSDLMQLPNM
AWDTIVEQSTANPTLLLDSETVKIIANIIKTNVAVCTSMGADFYPQLGHIYYNMLQLYRAVSSMISAQVAAEGLIATKTP
KVRGLRTIKKEILKLVETYISKARNLDDVVKVLVEPLLNAVLEDYMNNVPDARDAEVLNCMTTVVEKVGHMIPQGVILIL
QSVFECTLDMINKDFTEYPEHRVEFYKLLKVINEKSFAAFLELPPAAFKLFVDAICWAFKHNNRDVEVNGLQIALDLVKN
IERMGNVPFANEFHKNYFFIFVSETFFVLTDSDHKSGFSKQALLLMKLISLVYDNKISVPLYQEAEVPQGTSNQVYLSQY
LANMLSNAFPHLTSEQIASFLSALTKQCKDLVVFKGTLRDFLVQIKEVGGDPTDYLFAEDKENA
;
C
4 'polypeptide(L)' GGSYRMIDILSSELSHMDFTR D
#
# COMPACT_ATOMS: atom_id res chain seq x y z
N VAL A 30 31.57 -8.48 -8.39
CA VAL A 30 31.05 -7.59 -7.36
C VAL A 30 29.52 -7.61 -7.36
N GLN A 31 28.95 -8.77 -7.01
CA GLN A 31 27.51 -8.97 -7.11
C GLN A 31 26.90 -9.59 -5.84
N PHE A 32 25.61 -9.34 -5.64
CA PHE A 32 24.88 -9.82 -4.48
C PHE A 32 23.56 -10.46 -4.89
N LYS A 33 23.17 -11.53 -4.19
CA LYS A 33 21.90 -12.22 -4.46
C LYS A 33 20.75 -11.62 -3.64
N LEU A 34 19.71 -11.17 -4.34
CA LEU A 34 18.53 -10.60 -3.71
C LEU A 34 17.31 -11.46 -4.00
N VAL A 35 16.60 -11.85 -2.95
CA VAL A 35 15.35 -12.60 -3.11
C VAL A 35 14.16 -11.68 -2.85
N LEU A 36 13.19 -11.77 -3.74
CA LEU A 36 11.99 -10.93 -3.69
C LEU A 36 10.77 -11.82 -3.48
N VAL A 37 10.12 -11.65 -2.33
CA VAL A 37 9.01 -12.51 -1.93
C VAL A 37 7.79 -11.71 -1.53
N GLY A 38 6.62 -12.37 -1.58
CA GLY A 38 5.37 -11.74 -1.20
C GLY A 38 4.18 -12.41 -1.88
N ASP A 39 3.00 -12.16 -1.36
CA ASP A 39 1.76 -12.73 -1.91
C ASP A 39 1.61 -12.44 -3.40
N GLY A 40 0.81 -13.25 -4.08
CA GLY A 40 0.57 -13.08 -5.50
C GLY A 40 -0.29 -11.86 -5.78
N GLY A 41 0.22 -10.97 -6.63
CA GLY A 41 -0.50 -9.77 -7.04
C GLY A 41 0.04 -8.50 -6.43
N THR A 42 1.03 -8.63 -5.55
CA THR A 42 1.56 -7.48 -4.82
C THR A 42 2.40 -6.56 -5.72
N GLY A 43 2.87 -7.09 -6.83
CA GLY A 43 3.58 -6.29 -7.83
C GLY A 43 5.09 -6.45 -7.82
N LYS A 44 5.56 -7.65 -7.49
CA LYS A 44 6.99 -7.93 -7.43
C LYS A 44 7.64 -7.85 -8.82
N THR A 45 7.03 -8.52 -9.79
CA THR A 45 7.56 -8.56 -11.15
C THR A 45 7.51 -7.18 -11.81
N THR A 46 6.41 -6.47 -11.61
CA THR A 46 6.25 -5.12 -12.15
C THR A 46 7.34 -4.19 -11.63
N PHE A 47 7.66 -4.34 -10.35
CA PHE A 47 8.69 -3.55 -9.71
C PHE A 47 10.06 -3.77 -10.35
N VAL A 48 10.39 -5.03 -10.62
CA VAL A 48 11.70 -5.36 -11.21
C VAL A 48 11.77 -4.92 -12.66
N LYS A 49 10.66 -5.04 -13.39
CA LYS A 49 10.62 -4.63 -14.80
C LYS A 49 10.81 -3.12 -14.95
N ARG A 50 10.40 -2.36 -13.94
CA ARG A 50 10.60 -0.91 -13.94
C ARG A 50 12.08 -0.55 -13.89
N HIS A 51 12.86 -1.37 -13.20
CA HIS A 51 14.29 -1.09 -13.03
C HIS A 51 15.11 -1.62 -14.21
N LEU A 52 14.53 -2.54 -14.97
CA LEU A 52 15.21 -3.13 -16.12
C LEU A 52 14.94 -2.36 -17.41
N THR A 53 13.67 -2.31 -17.82
CA THR A 53 13.28 -1.72 -19.08
C THR A 53 12.68 -0.32 -18.91
N GLY A 54 12.29 0.02 -17.69
CA GLY A 54 11.66 1.30 -17.41
C GLY A 54 10.17 1.30 -17.70
N GLU A 55 9.65 0.17 -18.16
CA GLU A 55 8.25 0.07 -18.56
C GLU A 55 7.36 -0.28 -17.36
N PHE A 56 6.06 -0.12 -17.56
CA PHE A 56 5.08 -0.49 -16.55
C PHE A 56 4.09 -1.50 -17.12
N GLU A 57 4.21 -2.75 -16.68
CA GLU A 57 3.31 -3.82 -17.11
C GLU A 57 1.96 -3.71 -16.41
N LYS A 58 0.90 -3.60 -17.19
CA LYS A 58 -0.45 -3.45 -16.65
C LYS A 58 -1.07 -4.80 -16.30
N LYS A 59 -0.81 -5.81 -17.13
CA LYS A 59 -1.43 -7.13 -16.96
C LYS A 59 -0.76 -7.96 -15.87
N TYR A 60 -1.52 -8.87 -15.29
CA TYR A 60 -1.02 -9.76 -14.23
C TYR A 60 -0.79 -11.17 -14.77
N VAL A 61 0.45 -11.44 -15.15
CA VAL A 61 0.87 -12.80 -15.54
C VAL A 61 1.66 -13.41 -14.39
N ALA A 62 1.07 -14.39 -13.73
CA ALA A 62 1.68 -15.04 -12.58
C ALA A 62 3.06 -15.58 -12.92
N THR A 63 4.00 -15.42 -11.99
CA THR A 63 5.34 -15.96 -12.17
C THR A 63 5.37 -17.42 -11.79
N LEU A 64 6.00 -18.24 -12.63
CA LEU A 64 6.11 -19.66 -12.38
C LEU A 64 7.46 -20.01 -11.76
N GLY A 65 7.47 -20.15 -10.44
CA GLY A 65 8.68 -20.52 -9.72
C GLY A 65 9.54 -19.32 -9.39
N VAL A 66 10.50 -19.02 -10.26
CA VAL A 66 11.38 -17.87 -10.07
C VAL A 66 12.00 -17.41 -11.39
N GLU A 67 12.05 -16.08 -11.56
CA GLU A 67 12.74 -15.47 -12.68
C GLU A 67 13.96 -14.71 -12.17
N VAL A 68 15.13 -15.09 -12.66
CA VAL A 68 16.38 -14.45 -12.27
C VAL A 68 16.75 -13.36 -13.27
N HIS A 69 16.91 -12.14 -12.78
CA HIS A 69 17.30 -11.00 -13.61
C HIS A 69 18.48 -10.25 -12.99
N PRO A 70 19.57 -10.06 -13.75
CA PRO A 70 20.65 -9.23 -13.23
C PRO A 70 20.31 -7.74 -13.29
N LEU A 71 20.54 -7.02 -12.20
CA LEU A 71 20.23 -5.60 -12.15
C LEU A 71 21.44 -4.80 -11.64
N VAL A 72 21.88 -3.84 -12.45
CA VAL A 72 23.08 -3.06 -12.13
C VAL A 72 22.73 -1.61 -11.77
N PHE A 73 23.36 -1.10 -10.73
CA PHE A 73 23.25 0.29 -10.34
C PHE A 73 24.63 0.94 -10.33
N HIS A 74 24.69 2.20 -10.72
CA HIS A 74 25.93 2.96 -10.72
C HIS A 74 26.00 3.84 -9.48
N THR A 75 26.99 3.55 -8.63
CA THR A 75 27.17 4.27 -7.37
C THR A 75 28.55 4.91 -7.35
N ASN A 76 28.78 5.77 -6.35
CA ASN A 76 30.06 6.44 -6.22
C ASN A 76 31.12 5.54 -5.59
N ARG A 77 30.80 4.25 -5.47
CA ARG A 77 31.74 3.26 -4.99
C ARG A 77 31.88 2.12 -6.00
N GLY A 78 31.54 2.41 -7.25
CA GLY A 78 31.62 1.43 -8.31
C GLY A 78 30.27 0.79 -8.62
N PRO A 79 30.15 0.15 -9.78
CA PRO A 79 28.89 -0.47 -10.18
C PRO A 79 28.53 -1.69 -9.34
N ILE A 80 27.41 -1.60 -8.63
CA ILE A 80 26.91 -2.72 -7.83
C ILE A 80 25.88 -3.52 -8.62
N LYS A 81 25.92 -4.84 -8.48
CA LYS A 81 25.07 -5.74 -9.25
C LYS A 81 24.22 -6.62 -8.35
N PHE A 82 22.90 -6.50 -8.50
CA PHE A 82 21.96 -7.35 -7.78
C PHE A 82 21.49 -8.49 -8.67
N ASN A 83 21.58 -9.72 -8.17
CA ASN A 83 20.98 -10.86 -8.83
C ASN A 83 19.58 -11.07 -8.25
N VAL A 84 18.59 -10.48 -8.92
CA VAL A 84 17.24 -10.46 -8.38
C VAL A 84 16.49 -11.76 -8.66
N TRP A 85 16.19 -12.48 -7.60
CA TRP A 85 15.39 -13.70 -7.69
C TRP A 85 13.93 -13.38 -7.40
N ASP A 86 13.17 -13.17 -8.47
CA ASP A 86 11.75 -12.83 -8.36
C ASP A 86 10.91 -14.09 -8.23
N THR A 87 10.44 -14.36 -7.02
CA THR A 87 9.72 -15.60 -6.71
C THR A 87 8.21 -15.48 -6.91
N ALA A 88 7.53 -16.62 -6.84
CA ALA A 88 6.10 -16.71 -7.13
C ALA A 88 5.28 -16.64 -5.86
N GLY A 89 4.30 -15.75 -5.83
CA GLY A 89 3.48 -15.54 -4.65
C GLY A 89 2.34 -16.52 -4.53
N GLN A 90 1.78 -16.92 -5.66
CA GLN A 90 0.68 -17.89 -5.65
C GLN A 90 1.23 -19.27 -5.29
N GLU A 91 0.53 -19.97 -4.42
CA GLU A 91 1.01 -21.22 -3.87
C GLU A 91 1.06 -22.33 -4.91
N LYS A 92 0.16 -22.28 -5.88
CA LYS A 92 0.11 -23.28 -6.93
C LYS A 92 1.33 -23.21 -7.84
N PHE A 93 1.93 -22.02 -7.91
CA PHE A 93 3.13 -21.79 -8.70
C PHE A 93 4.36 -21.61 -7.80
N GLY A 94 4.28 -22.14 -6.59
CA GLY A 94 5.30 -21.93 -5.58
C GLY A 94 6.71 -22.34 -6.00
N GLY A 95 6.81 -23.44 -6.75
CA GLY A 95 8.10 -23.95 -7.16
C GLY A 95 8.86 -24.52 -5.98
N LEU A 96 10.17 -24.28 -5.95
CA LEU A 96 11.02 -24.80 -4.89
C LEU A 96 10.79 -24.09 -3.56
N ARG A 97 10.00 -23.01 -3.60
CA ARG A 97 9.63 -22.25 -2.39
C ARG A 97 10.87 -21.75 -1.64
N ASP A 98 11.12 -22.28 -0.44
CA ASP A 98 12.22 -21.79 0.38
C ASP A 98 13.57 -22.30 -0.12
N GLY A 99 13.55 -23.09 -1.18
CA GLY A 99 14.77 -23.53 -1.82
C GLY A 99 15.44 -22.38 -2.55
N TYR A 100 14.64 -21.36 -2.89
CA TYR A 100 15.13 -20.19 -3.61
C TYR A 100 15.92 -19.25 -2.70
N TYR A 101 15.78 -19.42 -1.39
CA TYR A 101 16.33 -18.47 -0.43
C TYR A 101 17.78 -18.79 -0.04
N ILE A 102 18.30 -19.93 -0.49
CA ILE A 102 19.62 -20.39 -0.06
C ILE A 102 20.73 -19.45 -0.55
N GLN A 103 21.68 -19.17 0.33
CA GLN A 103 22.83 -18.33 0.03
C GLN A 103 22.44 -16.90 -0.40
N ALA A 104 21.21 -16.50 -0.10
CA ALA A 104 20.76 -15.14 -0.39
C ALA A 104 21.42 -14.18 0.59
N GLN A 105 21.82 -13.01 0.08
CA GLN A 105 22.57 -12.04 0.86
C GLN A 105 21.74 -10.80 1.21
N CYS A 106 20.51 -10.74 0.72
CA CYS A 106 19.57 -9.68 1.07
C CYS A 106 18.19 -10.03 0.52
N ALA A 107 17.15 -9.31 0.95
CA ALA A 107 15.80 -9.66 0.57
C ALA A 107 14.81 -8.50 0.65
N ILE A 108 13.76 -8.58 -0.16
CA ILE A 108 12.66 -7.63 -0.11
C ILE A 108 11.33 -8.37 0.07
N ILE A 109 10.64 -8.07 1.16
CA ILE A 109 9.30 -8.61 1.39
C ILE A 109 8.28 -7.59 0.89
N MET A 110 7.39 -8.04 0.02
CA MET A 110 6.43 -7.15 -0.65
C MET A 110 5.00 -7.46 -0.23
N PHE A 111 4.19 -6.41 -0.08
CA PHE A 111 2.76 -6.58 0.11
C PHE A 111 2.01 -5.43 -0.56
N ASP A 112 0.70 -5.56 -0.66
CA ASP A 112 -0.15 -4.58 -1.32
C ASP A 112 -0.92 -3.78 -0.27
N VAL A 113 -0.75 -2.46 -0.25
CA VAL A 113 -1.43 -1.63 0.73
C VAL A 113 -2.93 -1.58 0.50
N THR A 114 -3.37 -2.11 -0.64
CA THR A 114 -4.79 -2.16 -0.97
C THR A 114 -5.41 -3.50 -0.60
N SER A 115 -4.60 -4.39 -0.02
CA SER A 115 -5.04 -5.74 0.32
C SER A 115 -4.55 -6.15 1.70
N ARG A 116 -5.45 -6.16 2.67
CA ARG A 116 -5.09 -6.50 4.06
C ARG A 116 -4.47 -7.89 4.16
N VAL A 117 -5.02 -8.83 3.41
CA VAL A 117 -4.57 -10.22 3.47
C VAL A 117 -3.10 -10.36 3.09
N THR A 118 -2.59 -9.43 2.28
CA THR A 118 -1.19 -9.49 1.87
C THR A 118 -0.27 -9.01 3.00
N TYR A 119 -0.74 -8.05 3.79
CA TYR A 119 0.03 -7.62 4.96
C TYR A 119 -0.10 -8.64 6.08
N LYS A 120 -1.22 -9.35 6.10
CA LYS A 120 -1.45 -10.41 7.07
C LYS A 120 -0.47 -11.55 6.87
N ASN A 121 -0.01 -11.74 5.64
CA ASN A 121 0.86 -12.85 5.29
C ASN A 121 2.34 -12.49 5.33
N VAL A 122 2.65 -11.27 5.75
CA VAL A 122 4.04 -10.85 5.83
C VAL A 122 4.82 -11.65 6.87
N PRO A 123 4.25 -11.84 8.08
CA PRO A 123 4.97 -12.63 9.10
C PRO A 123 5.26 -14.06 8.65
N ASN A 124 4.49 -14.55 7.69
CA ASN A 124 4.69 -15.89 7.15
C ASN A 124 5.86 -15.94 6.17
N TRP A 125 5.91 -14.96 5.28
CA TRP A 125 7.00 -14.86 4.32
C TRP A 125 8.32 -14.63 5.05
N HIS A 126 8.32 -13.70 6.01
CA HIS A 126 9.50 -13.42 6.81
C HIS A 126 9.96 -14.64 7.59
N ARG A 127 9.00 -15.39 8.12
CA ARG A 127 9.30 -16.61 8.87
C ARG A 127 10.06 -17.60 8.00
N ASP A 128 9.54 -17.88 6.82
CA ASP A 128 10.19 -18.79 5.89
C ASP A 128 11.53 -18.24 5.43
N LEU A 129 11.65 -16.91 5.42
CA LEU A 129 12.83 -16.24 4.90
C LEU A 129 14.02 -16.31 5.87
N VAL A 130 13.80 -15.95 7.12
CA VAL A 130 14.90 -15.86 8.09
C VAL A 130 15.26 -17.21 8.69
N ARG A 131 14.51 -18.26 8.32
CA ARG A 131 14.87 -19.61 8.74
C ARG A 131 15.99 -20.15 7.87
N VAL A 132 16.03 -19.70 6.61
CA VAL A 132 17.09 -20.06 5.67
C VAL A 132 18.25 -19.06 5.76
N CYS A 133 17.89 -17.79 5.80
CA CYS A 133 18.85 -16.69 5.86
C CYS A 133 18.98 -16.13 7.27
N GLU A 134 19.94 -16.66 8.01
CA GLU A 134 20.10 -16.36 9.44
C GLU A 134 20.17 -14.86 9.70
N ASN A 135 21.02 -14.16 8.95
CA ASN A 135 21.21 -12.73 9.15
C ASN A 135 21.54 -12.01 7.85
N ILE A 136 20.53 -11.32 7.31
CA ILE A 136 20.70 -10.55 6.09
C ILE A 136 19.87 -9.26 6.15
N PRO A 137 20.30 -8.21 5.44
CA PRO A 137 19.47 -7.00 5.36
C PRO A 137 18.18 -7.23 4.58
N ILE A 138 17.05 -6.84 5.16
CA ILE A 138 15.74 -7.06 4.55
C ILE A 138 14.91 -5.77 4.50
N VAL A 139 14.21 -5.57 3.40
CA VAL A 139 13.33 -4.41 3.23
C VAL A 139 11.87 -4.84 3.10
N LEU A 140 11.01 -4.19 3.87
CA LEU A 140 9.57 -4.39 3.76
C LEU A 140 8.98 -3.27 2.89
N CYS A 141 8.18 -3.65 1.89
CA CYS A 141 7.64 -2.68 0.92
C CYS A 141 6.13 -2.80 0.76
N GLY A 142 5.45 -1.70 1.05
CA GLY A 142 4.01 -1.61 0.81
C GLY A 142 3.78 -0.98 -0.55
N ASN A 143 3.52 -1.81 -1.55
CA ASN A 143 3.38 -1.34 -2.92
C ASN A 143 2.00 -0.75 -3.22
N LYS A 144 1.90 -0.02 -4.32
CA LYS A 144 0.64 0.52 -4.84
C LYS A 144 0.06 1.62 -3.97
N VAL A 145 0.93 2.49 -3.42
CA VAL A 145 0.44 3.63 -2.65
C VAL A 145 -0.20 4.67 -3.57
N ASP A 146 -0.09 4.47 -4.88
CA ASP A 146 -0.66 5.39 -5.85
C ASP A 146 -2.18 5.34 -5.84
N ILE A 147 -2.73 4.19 -5.47
CA ILE A 147 -4.17 3.99 -5.46
C ILE A 147 -4.83 4.73 -4.29
N LYS A 148 -5.89 5.47 -4.59
CA LYS A 148 -6.58 6.27 -3.58
C LYS A 148 -7.14 5.43 -2.43
N ASP A 149 -7.83 4.35 -2.78
CA ASP A 149 -8.53 3.55 -1.78
C ASP A 149 -7.60 2.60 -1.03
N ARG A 150 -6.63 3.19 -0.33
CA ARG A 150 -5.67 2.43 0.46
C ARG A 150 -6.35 1.76 1.65
N LYS A 151 -6.09 0.46 1.84
CA LYS A 151 -6.77 -0.31 2.87
C LYS A 151 -5.87 -0.57 4.09
N VAL A 152 -4.56 -0.66 3.86
CA VAL A 152 -3.61 -0.86 4.95
C VAL A 152 -2.98 0.47 5.36
N LYS A 153 -3.49 1.04 6.45
CA LYS A 153 -3.02 2.33 6.94
C LYS A 153 -1.64 2.24 7.56
N ALA A 154 -0.88 3.33 7.47
CA ALA A 154 0.48 3.38 7.98
C ALA A 154 0.51 3.11 9.49
N LYS A 155 -0.55 3.49 10.17
CA LYS A 155 -0.68 3.26 11.61
C LYS A 155 -0.61 1.78 11.97
N SER A 156 -1.04 0.93 11.04
CA SER A 156 -1.08 -0.52 11.27
C SER A 156 0.25 -1.20 10.95
N ILE A 157 0.98 -0.63 10.00
CA ILE A 157 2.23 -1.22 9.55
C ILE A 157 3.33 -1.02 10.59
N VAL A 158 3.57 -2.06 11.40
CA VAL A 158 4.56 -2.01 12.46
C VAL A 158 5.33 -3.32 12.62
N PHE A 159 5.11 -4.26 11.70
CA PHE A 159 5.75 -5.57 11.79
C PHE A 159 7.27 -5.44 11.70
N HIS A 160 7.72 -4.43 10.97
CA HIS A 160 9.14 -4.23 10.70
C HIS A 160 9.92 -3.82 11.95
N ARG A 161 9.22 -3.27 12.93
CA ARG A 161 9.87 -2.70 14.10
C ARG A 161 10.65 -3.72 14.91
N LYS A 162 9.98 -4.78 15.35
CA LYS A 162 10.63 -5.79 16.18
C LYS A 162 11.57 -6.69 15.37
N LYS A 163 11.29 -6.87 14.09
CA LYS A 163 12.08 -7.76 13.24
C LYS A 163 13.26 -7.06 12.55
N ASN A 164 13.54 -5.83 12.97
CA ASN A 164 14.66 -5.04 12.43
C ASN A 164 14.65 -4.89 10.91
N LEU A 165 13.46 -4.87 10.32
CA LEU A 165 13.31 -4.64 8.88
C LEU A 165 13.25 -3.15 8.57
N GLN A 166 13.67 -2.79 7.36
CA GLN A 166 13.50 -1.43 6.86
C GLN A 166 12.22 -1.36 6.05
N TYR A 167 11.42 -0.33 6.26
CA TYR A 167 10.15 -0.20 5.54
C TYR A 167 10.14 0.99 4.59
N TYR A 168 9.41 0.83 3.48
CA TYR A 168 9.23 1.89 2.51
C TYR A 168 7.86 1.82 1.84
N ASP A 169 7.08 2.90 1.96
CA ASP A 169 5.92 3.09 1.09
C ASP A 169 6.43 3.22 -0.33
N ILE A 170 5.96 2.37 -1.24
CA ILE A 170 6.39 2.46 -2.64
C ILE A 170 5.26 2.25 -3.63
N SER A 171 5.52 2.63 -4.87
CA SER A 171 4.57 2.44 -5.97
C SER A 171 5.31 2.28 -7.28
N ALA A 172 5.04 1.18 -7.97
CA ALA A 172 5.71 0.89 -9.23
C ALA A 172 5.13 1.73 -10.37
N LYS A 173 3.90 2.19 -10.21
CA LYS A 173 3.23 2.94 -11.29
C LYS A 173 3.66 4.40 -11.33
N SER A 174 4.01 4.96 -10.17
CA SER A 174 4.42 6.36 -10.08
C SER A 174 5.88 6.50 -9.66
N ASN A 175 6.55 5.37 -9.45
CA ASN A 175 7.97 5.35 -9.06
C ASN A 175 8.23 6.04 -7.73
N TYR A 176 7.18 6.16 -6.91
CA TYR A 176 7.33 6.75 -5.58
C TYR A 176 8.22 5.85 -4.73
N ASN A 177 9.37 6.38 -4.30
CA ASN A 177 10.33 5.64 -3.48
C ASN A 177 10.78 4.32 -4.10
N PHE A 178 10.76 4.23 -5.42
CA PHE A 178 11.05 2.98 -6.10
C PHE A 178 12.56 2.65 -6.09
N GLU A 179 13.39 3.66 -5.85
CA GLU A 179 14.83 3.46 -5.80
C GLU A 179 15.32 3.19 -4.38
N LYS A 180 14.48 3.53 -3.40
CA LYS A 180 14.87 3.47 -1.99
C LYS A 180 15.31 2.07 -1.52
N PRO A 181 14.55 1.03 -1.88
CA PRO A 181 14.92 -0.30 -1.36
C PRO A 181 16.32 -0.75 -1.79
N PHE A 182 16.68 -0.49 -3.04
CA PHE A 182 17.98 -0.89 -3.54
C PHE A 182 19.11 -0.04 -2.98
N LEU A 183 18.85 1.25 -2.81
CA LEU A 183 19.81 2.17 -2.25
C LEU A 183 20.16 1.80 -0.81
N TRP A 184 19.15 1.39 -0.05
CA TRP A 184 19.34 1.01 1.34
C TRP A 184 20.14 -0.27 1.46
N LEU A 185 19.81 -1.25 0.62
CA LEU A 185 20.50 -2.53 0.64
C LEU A 185 21.95 -2.37 0.22
N ALA A 186 22.20 -1.49 -0.75
CA ALA A 186 23.55 -1.25 -1.22
C ALA A 186 24.41 -0.66 -0.09
N ARG A 187 23.85 0.32 0.61
CA ARG A 187 24.54 0.95 1.73
C ARG A 187 24.88 -0.08 2.80
N LYS A 188 24.07 -1.13 2.87
CA LYS A 188 24.25 -2.17 3.88
C LYS A 188 25.28 -3.20 3.43
N LEU A 189 25.09 -3.75 2.23
CA LEU A 189 25.97 -4.80 1.72
C LEU A 189 27.41 -4.32 1.55
N ILE A 190 27.57 -3.07 1.14
CA ILE A 190 28.89 -2.48 0.97
C ILE A 190 29.46 -2.00 2.31
N GLY A 191 28.57 -1.53 3.17
CA GLY A 191 28.96 -1.04 4.49
C GLY A 191 29.29 0.44 4.49
N ASP A 192 28.67 1.17 3.55
CA ASP A 192 28.90 2.60 3.42
C ASP A 192 27.57 3.35 3.47
N PRO A 193 27.30 4.07 4.58
CA PRO A 193 26.03 4.81 4.66
C PRO A 193 26.00 6.04 3.76
N ASN A 194 27.19 6.52 3.38
CA ASN A 194 27.31 7.71 2.54
C ASN A 194 27.36 7.35 1.05
N LEU A 195 26.76 6.21 0.71
CA LEU A 195 26.74 5.74 -0.67
C LEU A 195 25.52 6.27 -1.41
N GLU A 196 25.75 6.87 -2.57
CA GLU A 196 24.68 7.44 -3.40
C GLU A 196 24.72 6.90 -4.81
N PHE A 197 23.60 7.04 -5.53
CA PHE A 197 23.55 6.69 -6.94
C PHE A 197 24.06 7.86 -7.77
N VAL A 198 24.81 7.54 -8.81
CA VAL A 198 25.39 8.55 -9.69
C VAL A 198 25.01 8.33 -11.15
N ALA A 199 25.11 9.39 -11.94
CA ALA A 199 24.79 9.32 -13.36
C ALA A 199 25.89 8.55 -14.09
N MET A 200 25.48 7.61 -14.93
CA MET A 200 26.43 6.82 -15.70
C MET A 200 26.92 7.61 -16.91
N PRO A 201 28.21 7.47 -17.26
CA PRO A 201 28.78 8.22 -18.40
C PRO A 201 28.05 8.01 -19.70
N ALA A 202 27.81 9.10 -20.44
CA ALA A 202 27.09 9.05 -21.70
C ALA A 202 28.04 9.12 -22.89
N LEU A 203 28.49 7.95 -23.36
CA LEU A 203 29.36 7.87 -24.52
C LEU A 203 28.71 8.54 -25.72
N ALA A 204 29.52 9.16 -26.58
CA ALA A 204 29.02 9.84 -27.76
C ALA A 204 28.34 8.84 -28.70
N PRO A 205 27.17 9.21 -29.28
CA PRO A 205 26.46 8.26 -30.13
C PRO A 205 26.93 8.30 -31.59
N PRO A 206 26.74 7.20 -32.34
CA PRO A 206 27.13 7.19 -33.76
C PRO A 206 26.30 8.15 -34.59
N GLU A 207 26.93 8.83 -35.55
CA GLU A 207 26.24 9.74 -36.45
C GLU A 207 25.98 9.04 -37.78
N VAL A 208 24.83 8.38 -37.88
CA VAL A 208 24.46 7.62 -39.06
C VAL A 208 23.41 8.36 -39.90
N ASP A 211 20.49 4.15 -45.61
CA ASP A 211 20.24 2.86 -46.24
C ASP A 211 18.79 2.75 -46.69
N PRO A 212 18.55 2.71 -48.02
CA PRO A 212 17.16 2.63 -48.50
C PRO A 212 16.63 1.20 -48.59
N ALA A 213 17.46 0.22 -48.23
CA ALA A 213 17.06 -1.18 -48.26
C ALA A 213 16.12 -1.50 -47.09
N LEU A 214 16.24 -0.73 -46.02
CA LEU A 214 15.40 -0.91 -44.83
C LEU A 214 14.56 0.33 -44.56
N ALA A 215 14.61 1.30 -45.47
CA ALA A 215 13.82 2.51 -45.34
C ALA A 215 12.33 2.21 -45.51
N ALA A 216 12.03 1.11 -46.17
CA ALA A 216 10.65 0.70 -46.41
C ALA A 216 10.04 0.08 -45.16
N GLN A 217 10.71 -0.94 -44.62
CA GLN A 217 10.18 -1.68 -43.48
C GLN A 217 10.20 -0.87 -42.19
N TYR A 218 10.98 0.21 -42.16
CA TYR A 218 11.02 1.09 -41.00
C TYR A 218 9.79 1.98 -40.95
N GLU A 219 9.41 2.50 -42.10
CA GLU A 219 8.21 3.35 -42.17
C GLU A 219 6.97 2.51 -41.91
N HIS A 220 7.04 1.22 -42.25
CA HIS A 220 5.95 0.29 -41.96
C HIS A 220 5.76 0.15 -40.46
N ASP A 221 6.87 0.10 -39.73
CA ASP A 221 6.85 -0.02 -38.28
C ASP A 221 6.46 1.31 -37.64
N LEU A 222 6.55 2.39 -38.41
CA LEU A 222 6.23 3.72 -37.91
C LEU A 222 4.75 4.06 -38.15
N GLU A 223 4.19 3.54 -39.24
CA GLU A 223 2.77 3.73 -39.53
C GLU A 223 1.93 3.06 -38.47
N VAL A 224 2.37 1.88 -38.04
CA VAL A 224 1.67 1.13 -37.01
C VAL A 224 1.84 1.80 -35.64
N ALA A 225 3.03 2.30 -35.38
CA ALA A 225 3.33 2.96 -34.11
C ALA A 225 2.55 4.26 -33.99
N GLN A 226 2.49 5.00 -35.09
CA GLN A 226 1.88 6.33 -35.11
C GLN A 226 0.37 6.26 -34.86
N THR A 227 -0.26 5.18 -35.30
CA THR A 227 -1.72 5.01 -35.18
C THR A 227 -2.10 4.18 -33.95
N THR A 228 -1.12 3.84 -33.13
CA THR A 228 -1.37 3.18 -31.85
C THR A 228 -1.32 4.22 -30.73
N ALA A 229 -2.46 4.45 -30.08
CA ALA A 229 -2.57 5.48 -29.07
C ALA A 229 -1.67 5.21 -27.88
N LEU A 230 -1.01 6.26 -27.39
CA LEU A 230 -0.13 6.13 -26.25
C LEU A 230 -0.95 5.78 -25.00
N PRO A 231 -0.40 4.91 -24.13
CA PRO A 231 -1.12 4.53 -22.92
C PRO A 231 -1.13 5.62 -21.86
N ASP A 232 -2.15 5.63 -21.01
CA ASP A 232 -2.23 6.57 -19.89
C ASP A 232 -2.13 8.01 -20.38
N GLU A 233 -3.02 8.40 -21.27
CA GLU A 233 -2.97 9.73 -21.88
C GLU A 233 -3.49 10.79 -20.92
N ASP A 234 -4.15 10.37 -19.85
CA ASP A 234 -4.65 11.30 -18.85
C ASP A 234 -3.57 11.64 -17.82
N ASP A 235 -2.50 10.85 -17.79
CA ASP A 235 -1.40 11.08 -16.84
C ASP A 235 -0.74 12.42 -17.09
N ASP A 236 -0.07 12.95 -16.06
CA ASP A 236 0.56 14.25 -16.14
C ASP A 236 1.81 14.24 -17.00
N LEU A 237 2.29 13.04 -17.34
CA LEU A 237 3.49 12.91 -18.17
C LEU A 237 3.57 11.52 -18.79
N PHE B 7 51.76 25.95 9.79
CA PHE B 7 50.82 24.95 10.30
C PHE B 7 50.13 24.20 9.17
N GLU B 8 50.56 22.97 8.94
CA GLU B 8 50.01 22.15 7.87
C GLU B 8 48.54 21.82 8.15
N PRO B 9 47.64 22.10 7.19
CA PRO B 9 46.23 21.79 7.43
C PRO B 9 45.93 20.28 7.39
N VAL B 10 44.66 19.93 7.25
CA VAL B 10 44.23 18.53 7.17
C VAL B 10 43.84 18.18 5.74
N THR B 20 30.44 10.58 -15.57
CA THR B 20 29.67 11.45 -16.44
C THR B 20 30.49 11.81 -17.66
N MET B 21 29.82 12.04 -18.79
CA MET B 21 30.49 12.38 -20.04
C MET B 21 29.83 13.61 -20.68
N GLU B 22 29.49 14.58 -19.84
CA GLU B 22 28.75 15.77 -20.28
C GLU B 22 29.52 17.06 -19.99
N GLU B 23 30.85 16.98 -19.99
CA GLU B 23 31.69 18.14 -19.69
C GLU B 23 32.06 18.89 -20.96
N ASP B 24 32.06 18.18 -22.09
CA ASP B 24 32.45 18.77 -23.37
C ASP B 24 31.23 19.26 -24.16
N GLU B 25 30.13 19.51 -23.45
CA GLU B 25 28.87 19.83 -24.13
C GLU B 25 28.13 21.01 -23.48
N GLU B 26 27.21 21.59 -24.25
CA GLU B 26 26.44 22.75 -23.83
C GLU B 26 24.94 22.48 -23.99
N VAL B 27 24.16 22.90 -22.99
CA VAL B 27 22.72 22.66 -23.00
C VAL B 27 21.99 23.75 -23.78
N LEU B 28 21.34 23.35 -24.87
CA LEU B 28 20.58 24.28 -25.71
C LEU B 28 19.13 24.35 -25.27
N TYR B 29 18.62 23.24 -24.73
CA TYR B 29 17.23 23.13 -24.35
C TYR B 29 17.00 22.00 -23.35
N LYS B 30 16.18 22.26 -22.35
CA LYS B 30 15.85 21.28 -21.31
C LYS B 30 14.35 21.22 -21.07
N VAL B 31 13.80 20.02 -21.03
CA VAL B 31 12.37 19.84 -20.79
C VAL B 31 12.04 18.48 -20.17
N ARG B 32 11.09 18.49 -19.23
CA ARG B 32 10.59 17.27 -18.62
C ARG B 32 9.76 16.48 -19.63
N ALA B 33 9.98 15.17 -19.68
CA ALA B 33 9.27 14.32 -20.64
C ALA B 33 9.26 12.86 -20.22
N LYS B 34 8.28 12.13 -20.73
CA LYS B 34 8.23 10.68 -20.59
C LYS B 34 8.51 10.06 -21.94
N LEU B 35 9.35 9.03 -21.97
CA LEU B 35 9.79 8.42 -23.22
C LEU B 35 9.20 7.02 -23.40
N PHE B 36 8.64 6.79 -24.58
CA PHE B 36 8.09 5.48 -24.95
C PHE B 36 8.89 4.86 -26.09
N ARG B 37 8.73 3.55 -26.26
CA ARG B 37 9.29 2.83 -27.39
C ARG B 37 8.27 1.81 -27.89
N PHE B 38 8.27 1.54 -29.19
CA PHE B 38 7.29 0.62 -29.76
C PHE B 38 7.82 -0.80 -29.86
N ASP B 39 7.00 -1.75 -29.42
CA ASP B 39 7.31 -3.18 -29.52
C ASP B 39 6.45 -3.77 -30.63
N ALA B 40 7.01 -3.83 -31.83
CA ALA B 40 6.28 -4.30 -33.00
C ALA B 40 5.89 -5.78 -32.87
N ASP B 41 6.69 -6.52 -32.10
CA ASP B 41 6.45 -7.94 -31.92
C ASP B 41 5.18 -8.21 -31.10
N ALA B 42 4.61 -7.15 -30.52
CA ALA B 42 3.38 -7.25 -29.74
C ALA B 42 2.40 -6.12 -30.08
N LYS B 43 2.85 -5.16 -30.88
CA LYS B 43 2.03 -4.01 -31.26
C LYS B 43 1.54 -3.30 -30.00
N GLU B 44 2.48 -2.67 -29.29
CA GLU B 44 2.18 -2.05 -28.00
C GLU B 44 3.29 -1.11 -27.57
N TRP B 45 2.92 0.03 -27.00
CA TRP B 45 3.91 0.98 -26.50
C TRP B 45 4.45 0.55 -25.15
N LYS B 46 5.65 1.02 -24.83
CA LYS B 46 6.29 0.72 -23.55
C LYS B 46 7.16 1.89 -23.10
N GLU B 47 6.97 2.32 -21.86
CA GLU B 47 7.81 3.36 -21.28
C GLU B 47 9.26 2.89 -21.23
N ARG B 48 10.19 3.84 -21.37
CA ARG B 48 11.60 3.52 -21.31
C ARG B 48 12.28 4.31 -20.20
N GLY B 49 11.71 5.47 -19.89
CA GLY B 49 12.25 6.31 -18.83
C GLY B 49 11.48 7.61 -18.67
N THR B 50 11.63 8.22 -17.51
CA THR B 50 11.00 9.51 -17.20
C THR B 50 11.99 10.42 -16.50
N GLY B 51 12.14 11.64 -17.02
CA GLY B 51 13.05 12.60 -16.45
C GLY B 51 13.38 13.74 -17.39
N ASP B 52 14.51 14.39 -17.16
CA ASP B 52 14.90 15.56 -17.94
C ASP B 52 15.51 15.17 -19.28
N CYS B 53 14.88 15.66 -20.35
CA CYS B 53 15.40 15.50 -21.71
C CYS B 53 16.20 16.74 -22.09
N LYS B 54 17.46 16.53 -22.51
CA LYS B 54 18.37 17.63 -22.82
C LYS B 54 18.88 17.58 -24.26
N PHE B 55 19.18 18.76 -24.81
CA PHE B 55 19.86 18.87 -26.09
C PHE B 55 21.29 19.33 -25.85
N LEU B 56 22.24 18.42 -26.09
CA LEU B 56 23.65 18.69 -25.80
C LEU B 56 24.47 18.93 -27.07
N LYS B 57 25.01 20.13 -27.18
CA LYS B 57 25.87 20.51 -28.31
C LYS B 57 27.35 20.39 -27.93
N ASN B 58 28.04 19.45 -28.58
CA ASN B 58 29.46 19.26 -28.34
C ASN B 58 30.27 20.48 -28.82
N LYS B 59 30.97 21.12 -27.89
CA LYS B 59 31.72 22.33 -28.20
C LYS B 59 32.84 22.05 -29.19
N LYS B 60 33.28 20.79 -29.26
CA LYS B 60 34.34 20.39 -30.18
C LYS B 60 33.81 20.15 -31.59
N THR B 61 32.82 19.28 -31.70
CA THR B 61 32.29 18.86 -33.00
C THR B 61 31.04 19.65 -33.42
N ASN B 62 30.55 20.51 -32.53
CA ASN B 62 29.37 21.33 -32.81
C ASN B 62 28.16 20.49 -33.25
N LYS B 63 28.12 19.23 -32.83
CA LYS B 63 27.01 18.34 -33.13
C LYS B 63 26.10 18.20 -31.92
N VAL B 64 24.79 18.09 -32.18
CA VAL B 64 23.79 18.04 -31.12
C VAL B 64 23.23 16.63 -30.95
N ARG B 65 23.00 16.23 -29.70
CA ARG B 65 22.41 14.93 -29.39
C ARG B 65 21.32 15.07 -28.35
N ILE B 66 20.47 14.05 -28.26
CA ILE B 66 19.48 13.95 -27.20
C ILE B 66 20.02 13.06 -26.09
N LEU B 67 20.03 13.57 -24.86
CA LEU B 67 20.42 12.79 -23.69
C LEU B 67 19.36 12.91 -22.61
N MET B 68 18.66 11.81 -22.36
CA MET B 68 17.60 11.77 -21.37
C MET B 68 17.94 10.72 -20.29
N ARG B 69 17.77 11.10 -19.04
CA ARG B 69 18.04 10.21 -17.91
C ARG B 69 16.77 9.96 -17.11
N ARG B 70 16.71 8.81 -16.45
CA ARG B 70 15.61 8.49 -15.55
C ARG B 70 15.82 9.16 -14.21
N ASP B 71 14.73 9.63 -13.60
CA ASP B 71 14.81 10.23 -12.28
C ASP B 71 15.32 9.22 -11.24
N LYS B 72 15.93 9.75 -10.18
CA LYS B 72 16.37 8.95 -9.03
C LYS B 72 17.55 8.03 -9.38
N THR B 73 17.35 7.11 -10.32
CA THR B 73 18.40 6.18 -10.71
C THR B 73 19.42 6.83 -11.63
N LEU B 74 18.99 7.89 -12.32
CA LEU B 74 19.86 8.63 -13.24
C LEU B 74 20.42 7.73 -14.33
N LYS B 75 19.66 6.69 -14.68
CA LYS B 75 20.03 5.80 -15.78
C LYS B 75 19.59 6.38 -17.11
N ILE B 76 20.50 6.35 -18.09
CA ILE B 76 20.19 6.86 -19.42
C ILE B 76 19.14 5.99 -20.09
N CYS B 77 18.17 6.63 -20.73
CA CYS B 77 17.12 5.95 -21.47
C CYS B 77 17.05 6.44 -22.91
N ALA B 78 17.90 7.41 -23.24
CA ALA B 78 18.01 7.89 -24.61
C ALA B 78 19.36 8.57 -24.82
N ASN B 79 20.02 8.23 -25.92
CA ASN B 79 21.32 8.80 -26.24
C ASN B 79 21.64 8.63 -27.73
N HIS B 80 21.20 9.60 -28.53
CA HIS B 80 21.38 9.54 -29.99
C HIS B 80 21.49 10.93 -30.62
N ILE B 81 22.08 10.97 -31.81
CA ILE B 81 22.23 12.23 -32.55
C ILE B 81 20.91 12.67 -33.15
N ILE B 82 20.62 13.96 -33.09
CA ILE B 82 19.45 14.51 -33.76
C ILE B 82 19.76 14.69 -35.25
N ALA B 83 19.67 13.60 -36.00
CA ALA B 83 20.01 13.61 -37.41
C ALA B 83 19.07 14.52 -38.20
N PRO B 84 19.59 15.22 -39.23
CA PRO B 84 18.69 16.03 -40.07
C PRO B 84 17.66 15.19 -40.82
N GLU B 85 17.84 13.87 -40.82
CA GLU B 85 16.97 12.96 -41.55
C GLU B 85 15.66 12.71 -40.81
N TYR B 86 15.72 12.64 -39.49
CA TYR B 86 14.57 12.26 -38.67
C TYR B 86 13.40 13.25 -38.83
N THR B 87 12.19 12.71 -38.76
CA THR B 87 10.97 13.49 -38.91
C THR B 87 10.01 13.22 -37.77
N LEU B 88 9.49 14.29 -37.16
CA LEU B 88 8.53 14.17 -36.08
C LEU B 88 7.10 14.09 -36.61
N LYS B 89 6.38 13.07 -36.14
CA LYS B 89 4.99 12.84 -36.55
C LYS B 89 4.07 12.89 -35.34
N PRO B 90 2.84 13.40 -35.50
CA PRO B 90 1.90 13.42 -34.37
C PRO B 90 1.31 12.05 -34.08
N ASN B 91 0.98 11.81 -32.82
CA ASN B 91 0.34 10.56 -32.41
C ASN B 91 -1.18 10.71 -32.45
N VAL B 92 -1.86 9.64 -32.83
CA VAL B 92 -3.31 9.66 -32.96
C VAL B 92 -4.00 10.01 -31.65
N GLY B 93 -3.41 9.58 -30.53
CA GLY B 93 -4.05 9.69 -29.23
C GLY B 93 -3.74 10.94 -28.44
N SER B 94 -2.95 11.85 -29.01
CA SER B 94 -2.56 13.05 -28.28
C SER B 94 -2.15 14.19 -29.20
N ASP B 95 -1.97 15.37 -28.62
CA ASP B 95 -1.49 16.54 -29.33
C ASP B 95 -0.20 17.07 -28.69
N ARG B 96 0.16 16.47 -27.57
CA ARG B 96 1.34 16.86 -26.80
C ARG B 96 2.40 15.77 -26.85
N SER B 97 2.50 15.09 -28.00
CA SER B 97 3.47 14.02 -28.18
C SER B 97 3.94 13.95 -29.62
N TRP B 98 5.18 13.50 -29.79
CA TRP B 98 5.77 13.30 -31.12
C TRP B 98 6.26 11.87 -31.27
N VAL B 99 6.11 11.32 -32.47
CA VAL B 99 6.60 9.99 -32.80
C VAL B 99 7.61 10.09 -33.95
N TYR B 100 8.72 9.38 -33.84
CA TYR B 100 9.72 9.34 -34.90
C TYR B 100 10.62 8.11 -34.79
N ALA B 101 11.28 7.78 -35.89
CA ALA B 101 12.14 6.61 -35.96
C ALA B 101 13.61 6.98 -35.74
N CYS B 102 14.29 6.16 -34.95
CA CYS B 102 15.71 6.36 -34.67
C CYS B 102 16.49 5.11 -35.06
N THR B 103 17.62 5.28 -35.74
CA THR B 103 18.39 4.17 -36.28
C THR B 103 19.69 3.91 -35.54
N ALA B 104 19.99 4.73 -34.53
CA ALA B 104 21.20 4.55 -33.74
C ALA B 104 21.10 5.20 -32.36
N ASP B 105 20.64 4.43 -31.38
CA ASP B 105 20.58 4.87 -29.99
C ASP B 105 21.36 3.90 -29.11
N ILE B 106 22.10 4.45 -28.14
CA ILE B 106 23.02 3.66 -27.32
C ILE B 106 22.75 3.83 -25.83
N ALA B 107 21.47 3.85 -25.44
CA ALA B 107 21.10 3.95 -24.03
C ALA B 107 21.29 2.62 -23.32
N GLU B 108 21.29 1.54 -24.10
CA GLU B 108 21.41 0.18 -23.55
C GLU B 108 22.68 -0.52 -24.01
N GLY B 109 23.56 0.21 -24.69
CA GLY B 109 24.82 -0.32 -25.16
C GLY B 109 24.98 -0.21 -26.66
N GLU B 110 24.62 -1.26 -27.38
CA GLU B 110 24.78 -1.30 -28.83
C GLU B 110 23.78 -0.37 -29.52
N ALA B 111 24.16 0.14 -30.68
CA ALA B 111 23.32 1.07 -31.42
C ALA B 111 22.14 0.36 -32.07
N GLU B 112 21.11 0.09 -31.28
CA GLU B 112 19.87 -0.49 -31.80
C GLU B 112 19.05 0.54 -32.56
N ALA B 113 17.99 0.08 -33.21
CA ALA B 113 17.03 0.95 -33.88
C ALA B 113 15.68 0.89 -33.16
N PHE B 114 15.13 2.06 -32.83
CA PHE B 114 13.87 2.14 -32.10
C PHE B 114 12.89 3.10 -32.77
N THR B 115 11.61 2.83 -32.56
CA THR B 115 10.55 3.77 -32.91
C THR B 115 10.12 4.48 -31.63
N PHE B 116 10.62 5.70 -31.44
CA PHE B 116 10.41 6.43 -30.20
C PHE B 116 9.15 7.29 -30.24
N ALA B 117 8.55 7.45 -29.07
CA ALA B 117 7.48 8.43 -28.87
C ALA B 117 7.73 9.15 -27.55
N ILE B 118 7.71 10.48 -27.59
CA ILE B 118 7.99 11.29 -26.43
C ILE B 118 6.82 12.24 -26.14
N ARG B 119 6.45 12.31 -24.86
CA ARG B 119 5.29 13.09 -24.44
C ARG B 119 5.68 14.08 -23.36
N PHE B 120 4.94 15.17 -23.26
CA PHE B 120 5.28 16.27 -22.36
C PHE B 120 4.10 16.64 -21.47
N GLY B 121 4.21 17.77 -20.79
CA GLY B 121 3.18 18.21 -19.88
C GLY B 121 2.01 18.87 -20.59
N SER B 122 2.32 19.62 -21.65
CA SER B 122 1.30 20.34 -22.41
C SER B 122 1.66 20.43 -23.89
N LYS B 123 0.73 20.94 -24.67
CA LYS B 123 0.96 21.12 -26.11
C LYS B 123 2.01 22.20 -26.34
N GLU B 124 2.14 23.10 -25.37
CA GLU B 124 3.13 24.17 -25.46
C GLU B 124 4.54 23.60 -25.48
N ASN B 125 4.83 22.71 -24.53
CA ASN B 125 6.15 22.10 -24.41
C ASN B 125 6.46 21.20 -25.60
N ALA B 126 5.43 20.58 -26.16
CA ALA B 126 5.59 19.73 -27.34
C ALA B 126 5.91 20.56 -28.57
N ASP B 127 5.28 21.72 -28.69
CA ASP B 127 5.52 22.62 -29.80
C ASP B 127 6.88 23.30 -29.65
N LYS B 128 7.21 23.70 -28.43
CA LYS B 128 8.50 24.32 -28.15
C LYS B 128 9.61 23.31 -28.36
N PHE B 129 9.31 22.05 -28.07
CA PHE B 129 10.25 20.95 -28.30
C PHE B 129 10.60 20.84 -29.77
N LYS B 130 9.57 20.90 -30.62
CA LYS B 130 9.78 20.77 -32.06
C LYS B 130 10.52 21.98 -32.63
N GLU B 131 10.42 23.13 -31.95
CA GLU B 131 11.15 24.31 -32.37
C GLU B 131 12.65 24.12 -32.16
N GLU B 132 13.03 23.75 -30.94
CA GLU B 132 14.43 23.53 -30.60
C GLU B 132 14.96 22.26 -31.23
N PHE B 133 14.05 21.38 -31.65
CA PHE B 133 14.42 20.12 -32.29
C PHE B 133 14.91 20.37 -33.71
N GLU B 134 14.17 21.20 -34.44
CA GLU B 134 14.52 21.53 -35.82
C GLU B 134 15.67 22.53 -35.87
N LYS B 135 15.77 23.37 -34.84
CA LYS B 135 16.90 24.27 -34.70
C LYS B 135 18.20 23.46 -34.64
N ALA B 136 18.14 22.34 -33.92
CA ALA B 136 19.31 21.50 -33.70
C ALA B 136 19.71 20.75 -34.97
N GLN B 137 18.71 20.40 -35.78
CA GLN B 137 18.97 19.68 -37.03
C GLN B 137 19.76 20.55 -38.01
N GLU B 138 19.49 21.85 -37.98
CA GLU B 138 20.20 22.78 -38.86
C GLU B 138 21.66 22.89 -38.42
N ILE B 139 21.91 22.77 -37.13
CA ILE B 139 23.25 22.80 -36.60
C ILE B 139 24.01 21.53 -37.00
N ASN B 140 23.29 20.41 -37.05
CA ASN B 140 23.89 19.13 -37.40
C ASN B 140 24.22 19.04 -38.90
N LYS B 141 23.66 19.95 -39.69
CA LYS B 141 24.01 20.04 -41.09
C LYS B 141 25.33 20.80 -41.24
N LYS B 142 25.42 21.94 -40.57
CA LYS B 142 26.63 22.74 -40.57
C LYS B 142 27.79 21.99 -39.92
N SER C 3 19.18 -33.12 -21.90
CA SER C 3 20.27 -33.93 -21.29
C SER C 3 20.17 -33.91 -19.76
N MET C 4 19.76 -32.77 -19.21
CA MET C 4 19.58 -32.65 -17.77
C MET C 4 18.26 -33.28 -17.32
N GLU C 5 17.43 -33.65 -18.29
CA GLU C 5 16.10 -34.20 -18.00
C GLU C 5 16.15 -35.70 -17.74
N GLY C 6 17.29 -36.19 -17.26
CA GLY C 6 17.45 -37.60 -16.95
C GLY C 6 16.90 -37.94 -15.58
N ILE C 7 17.09 -37.03 -14.62
CA ILE C 7 16.60 -37.24 -13.26
C ILE C 7 15.08 -37.25 -13.22
N LEU C 8 14.45 -36.71 -14.26
CA LEU C 8 12.99 -36.72 -14.36
C LEU C 8 12.48 -38.11 -14.70
N ASP C 9 13.37 -38.98 -15.17
CA ASP C 9 13.00 -40.35 -15.52
C ASP C 9 13.11 -41.27 -14.30
N PHE C 10 11.98 -41.72 -13.79
CA PHE C 10 11.93 -42.53 -12.58
C PHE C 10 11.91 -44.03 -12.85
N SER C 11 11.95 -44.42 -14.12
CA SER C 11 11.96 -45.84 -14.47
C SER C 11 13.25 -46.49 -13.99
N ASN C 12 14.38 -45.88 -14.35
CA ASN C 12 15.69 -46.34 -13.89
C ASN C 12 16.10 -45.60 -12.62
N ASP C 13 17.17 -46.07 -11.98
CA ASP C 13 17.65 -45.49 -10.74
C ASP C 13 18.09 -44.04 -10.93
N LEU C 14 17.97 -43.24 -9.87
CA LEU C 14 18.34 -41.84 -9.92
C LEU C 14 19.86 -41.68 -9.93
N ASP C 15 20.36 -40.85 -10.83
CA ASP C 15 21.79 -40.53 -10.91
C ASP C 15 22.10 -39.37 -9.97
N ILE C 16 22.64 -39.69 -8.80
CA ILE C 16 22.94 -38.69 -7.78
C ILE C 16 23.97 -37.68 -8.28
N ALA C 17 24.95 -38.16 -9.05
CA ALA C 17 26.00 -37.31 -9.61
C ALA C 17 25.41 -36.29 -10.57
N LEU C 18 24.41 -36.72 -11.32
CA LEU C 18 23.72 -35.83 -12.26
C LEU C 18 22.86 -34.82 -11.51
N LEU C 19 22.24 -35.25 -10.42
CA LEU C 19 21.42 -34.37 -9.60
C LEU C 19 22.26 -33.19 -9.10
N ASP C 20 23.39 -33.50 -8.48
CA ASP C 20 24.26 -32.48 -7.91
C ASP C 20 24.76 -31.50 -8.98
N GLN C 21 24.68 -31.90 -10.24
CA GLN C 21 25.07 -31.03 -11.35
C GLN C 21 23.92 -30.10 -11.72
N VAL C 22 22.70 -30.65 -11.79
CA VAL C 22 21.53 -29.87 -12.14
C VAL C 22 21.21 -28.85 -11.06
N VAL C 23 21.43 -29.23 -9.80
CA VAL C 23 21.25 -28.33 -8.67
C VAL C 23 22.30 -27.22 -8.71
N SER C 24 23.56 -27.59 -8.87
CA SER C 24 24.66 -26.63 -8.91
C SER C 24 24.48 -25.62 -10.05
N THR C 25 23.96 -26.09 -11.17
CA THR C 25 23.73 -25.23 -12.33
C THR C 25 22.65 -24.20 -12.04
N PHE C 26 21.73 -24.55 -11.14
CA PHE C 26 20.64 -23.65 -10.78
C PHE C 26 21.10 -22.55 -9.83
N TYR C 27 21.82 -22.93 -8.78
CA TYR C 27 22.23 -21.97 -7.75
C TYR C 27 23.46 -21.15 -8.16
N GLN C 28 24.26 -21.67 -9.09
CA GLN C 28 25.52 -21.02 -9.49
C GLN C 28 25.55 -20.63 -10.96
N GLY C 29 24.62 -21.14 -11.76
CA GLY C 29 24.61 -20.89 -13.19
C GLY C 29 24.00 -19.55 -13.56
N SER C 30 23.74 -19.37 -14.85
CA SER C 30 23.23 -18.11 -15.38
C SER C 30 22.46 -18.32 -16.68
N GLY C 31 21.65 -17.33 -17.04
CA GLY C 31 20.98 -17.29 -18.32
C GLY C 31 20.05 -18.47 -18.60
N VAL C 32 20.19 -19.03 -19.80
CA VAL C 32 19.31 -20.10 -20.25
C VAL C 32 19.52 -21.37 -19.44
N GLN C 33 20.79 -21.72 -19.21
CA GLN C 33 21.14 -22.95 -18.50
C GLN C 33 20.52 -22.98 -17.10
N GLN C 34 20.50 -21.83 -16.45
CA GLN C 34 19.92 -21.71 -15.11
C GLN C 34 18.40 -21.83 -15.19
N LYS C 35 17.81 -21.22 -16.21
CA LYS C 35 16.36 -21.24 -16.39
C LYS C 35 15.89 -22.66 -16.72
N GLN C 36 16.66 -23.37 -17.55
CA GLN C 36 16.33 -24.74 -17.92
C GLN C 36 16.42 -25.65 -16.70
N ALA C 37 17.48 -25.49 -15.92
CA ALA C 37 17.69 -26.28 -14.72
C ALA C 37 16.55 -26.05 -13.71
N GLN C 38 16.06 -24.82 -13.67
CA GLN C 38 14.99 -24.45 -12.75
C GLN C 38 13.73 -25.26 -13.03
N GLU C 39 13.32 -25.32 -14.30
CA GLU C 39 12.11 -26.04 -14.68
C GLU C 39 12.23 -27.54 -14.40
N ILE C 40 13.45 -28.03 -14.28
CA ILE C 40 13.68 -29.45 -14.05
C ILE C 40 13.57 -29.77 -12.56
N LEU C 41 14.20 -28.94 -11.71
CA LEU C 41 14.13 -29.15 -10.27
C LEU C 41 12.69 -28.99 -9.77
N THR C 42 11.93 -28.13 -10.43
CA THR C 42 10.53 -27.93 -10.09
C THR C 42 9.74 -29.19 -10.41
N LYS C 43 9.92 -29.71 -11.61
CA LYS C 43 9.23 -30.92 -12.05
C LYS C 43 9.67 -32.14 -11.25
N PHE C 44 10.87 -32.07 -10.68
CA PHE C 44 11.41 -33.19 -9.91
C PHE C 44 10.75 -33.30 -8.54
N GLN C 45 10.79 -32.23 -7.76
CA GLN C 45 10.24 -32.27 -6.41
C GLN C 45 8.72 -32.39 -6.44
N ASP C 46 8.11 -31.88 -7.52
CA ASP C 46 6.66 -31.92 -7.66
C ASP C 46 6.19 -33.27 -8.20
N ASN C 47 7.12 -34.21 -8.37
CA ASN C 47 6.77 -35.59 -8.69
C ASN C 47 6.32 -36.29 -7.40
N PRO C 48 5.11 -36.91 -7.42
CA PRO C 48 4.59 -37.48 -6.17
C PRO C 48 5.42 -38.62 -5.59
N ASP C 49 6.31 -39.22 -6.40
CA ASP C 49 7.13 -40.34 -5.95
C ASP C 49 8.55 -39.91 -5.58
N ALA C 50 8.81 -38.60 -5.62
CA ALA C 50 10.16 -38.09 -5.40
C ALA C 50 10.64 -38.36 -3.97
N TRP C 51 9.72 -38.34 -3.01
CA TRP C 51 10.07 -38.52 -1.61
C TRP C 51 10.78 -39.85 -1.37
N GLN C 52 10.46 -40.83 -2.20
CA GLN C 52 11.06 -42.16 -2.09
C GLN C 52 12.57 -42.09 -2.28
N LYS C 53 13.01 -41.09 -3.04
CA LYS C 53 14.42 -40.93 -3.36
C LYS C 53 15.08 -39.90 -2.45
N ALA C 54 14.53 -39.74 -1.25
CA ALA C 54 15.03 -38.76 -0.29
C ALA C 54 16.21 -39.30 0.50
N ASP C 55 16.05 -40.49 1.08
CA ASP C 55 17.11 -41.10 1.89
C ASP C 55 18.36 -41.35 1.06
N GLN C 56 18.18 -41.52 -0.25
CA GLN C 56 19.32 -41.70 -1.16
C GLN C 56 20.16 -40.44 -1.18
N ILE C 57 19.51 -39.32 -1.50
CA ILE C 57 20.18 -38.03 -1.56
C ILE C 57 20.82 -37.69 -0.22
N LEU C 58 20.04 -37.84 0.86
CA LEU C 58 20.51 -37.51 2.20
C LEU C 58 21.75 -38.29 2.61
N GLN C 59 22.02 -39.39 1.92
CA GLN C 59 23.17 -40.25 2.24
C GLN C 59 24.30 -40.12 1.21
N PHE C 60 23.96 -40.18 -0.07
CA PHE C 60 24.95 -40.25 -1.14
C PHE C 60 25.38 -38.88 -1.66
N SER C 61 24.44 -37.94 -1.75
CA SER C 61 24.74 -36.63 -2.31
C SER C 61 25.83 -35.92 -1.52
N THR C 62 26.63 -35.11 -2.23
CA THR C 62 27.69 -34.33 -1.59
C THR C 62 27.36 -32.84 -1.65
N ASN C 63 26.19 -32.51 -2.22
CA ASN C 63 25.76 -31.13 -2.37
C ASN C 63 24.73 -30.75 -1.29
N PRO C 64 25.06 -29.78 -0.43
CA PRO C 64 24.10 -29.36 0.61
C PRO C 64 22.78 -28.85 0.03
N GLN C 65 22.83 -28.24 -1.15
CA GLN C 65 21.61 -27.75 -1.79
C GLN C 65 20.70 -28.91 -2.18
N SER C 66 21.28 -30.01 -2.63
CA SER C 66 20.51 -31.18 -3.03
C SER C 66 19.79 -31.78 -1.83
N LYS C 67 20.51 -31.90 -0.71
CA LYS C 67 19.94 -32.46 0.50
C LYS C 67 18.83 -31.57 1.04
N PHE C 68 18.93 -30.27 0.76
CA PHE C 68 17.92 -29.31 1.18
C PHE C 68 16.64 -29.54 0.40
N ILE C 69 16.76 -29.68 -0.92
CA ILE C 69 15.60 -29.93 -1.77
C ILE C 69 14.99 -31.28 -1.46
N ALA C 70 15.83 -32.24 -1.05
CA ALA C 70 15.34 -33.55 -0.67
C ALA C 70 14.45 -33.45 0.56
N LEU C 71 14.86 -32.64 1.52
CA LEU C 71 14.08 -32.43 2.73
C LEU C 71 12.77 -31.71 2.42
N SER C 72 12.80 -30.81 1.44
CA SER C 72 11.59 -30.11 1.03
C SER C 72 10.56 -31.10 0.51
N ILE C 73 11.02 -32.10 -0.24
CA ILE C 73 10.14 -33.12 -0.78
C ILE C 73 9.52 -33.93 0.35
N LEU C 74 10.28 -34.14 1.42
CA LEU C 74 9.78 -34.83 2.61
C LEU C 74 8.76 -33.98 3.36
N ASP C 75 9.12 -32.72 3.63
CA ASP C 75 8.22 -31.80 4.32
C ASP C 75 6.85 -31.76 3.62
N LYS C 76 6.89 -31.85 2.29
CA LYS C 76 5.68 -31.83 1.48
C LYS C 76 4.88 -33.12 1.67
N LEU C 77 5.59 -34.19 2.03
CA LEU C 77 4.97 -35.49 2.23
C LEU C 77 4.44 -35.61 3.66
N ILE C 78 5.26 -35.18 4.62
CA ILE C 78 4.90 -35.27 6.03
C ILE C 78 3.69 -34.39 6.32
N THR C 79 3.57 -33.30 5.57
CA THR C 79 2.49 -32.34 5.78
C THR C 79 1.15 -32.82 5.21
N ARG C 80 1.21 -33.40 4.01
CA ARG C 80 -0.01 -33.62 3.22
C ARG C 80 -0.47 -35.08 3.15
N LYS C 81 0.47 -36.02 3.09
CA LYS C 81 0.13 -37.43 2.87
C LYS C 81 0.74 -38.37 3.92
N TRP C 82 1.04 -37.85 5.11
CA TRP C 82 1.72 -38.64 6.14
C TRP C 82 0.86 -39.80 6.65
N LYS C 83 -0.39 -39.52 6.98
CA LYS C 83 -1.26 -40.55 7.54
C LYS C 83 -1.62 -41.61 6.50
N LEU C 84 -1.43 -41.28 5.22
CA LEU C 84 -1.74 -42.20 4.14
C LEU C 84 -0.67 -43.29 3.99
N LEU C 85 0.52 -43.02 4.52
CA LEU C 85 1.62 -43.97 4.42
C LEU C 85 1.42 -45.16 5.35
N PRO C 86 1.80 -46.38 4.90
CA PRO C 86 1.88 -47.51 5.82
C PRO C 86 2.70 -47.18 7.07
N ASN C 87 2.36 -47.78 8.20
CA ASN C 87 3.03 -47.48 9.46
C ASN C 87 4.52 -47.79 9.41
N ASP C 88 4.92 -48.60 8.43
CA ASP C 88 6.31 -49.00 8.27
C ASP C 88 7.17 -47.84 7.76
N HIS C 89 6.70 -47.15 6.71
CA HIS C 89 7.44 -46.04 6.14
C HIS C 89 7.52 -44.87 7.10
N ARG C 90 6.43 -44.61 7.83
CA ARG C 90 6.37 -43.50 8.76
C ARG C 90 7.49 -43.56 9.79
N ILE C 91 7.62 -44.69 10.47
CA ILE C 91 8.67 -44.87 11.47
C ILE C 91 10.04 -44.89 10.79
N GLY C 92 10.07 -45.33 9.54
CA GLY C 92 11.29 -45.41 8.77
C GLY C 92 11.84 -44.05 8.42
N ILE C 93 10.96 -43.12 8.07
CA ILE C 93 11.37 -41.76 7.74
C ILE C 93 11.84 -41.03 9.00
N ARG C 94 11.17 -41.29 10.12
CA ARG C 94 11.56 -40.71 11.40
C ARG C 94 13.01 -41.03 11.74
N ASN C 95 13.46 -42.21 11.34
CA ASN C 95 14.79 -42.68 11.71
C ASN C 95 15.92 -41.94 11.00
N PHE C 96 15.96 -42.01 9.67
CA PHE C 96 17.10 -41.46 8.94
C PHE C 96 17.02 -39.94 8.83
N VAL C 97 16.02 -39.35 9.48
CA VAL C 97 15.98 -37.90 9.67
C VAL C 97 16.65 -37.58 11.01
N VAL C 98 16.35 -38.38 12.02
CA VAL C 98 17.01 -38.24 13.32
C VAL C 98 18.49 -38.59 13.20
N GLY C 99 18.79 -39.73 12.58
CA GLY C 99 20.16 -40.16 12.37
C GLY C 99 20.96 -39.15 11.57
N MET C 100 20.31 -38.53 10.59
CA MET C 100 20.95 -37.52 9.75
C MET C 100 21.36 -36.32 10.60
N ILE C 101 20.49 -35.93 11.53
CA ILE C 101 20.78 -34.81 12.41
C ILE C 101 22.00 -35.14 13.28
N ILE C 102 21.96 -36.30 13.92
CA ILE C 102 23.07 -36.75 14.75
C ILE C 102 24.35 -36.84 13.91
N SER C 103 24.22 -37.32 12.69
CA SER C 103 25.35 -37.48 11.78
C SER C 103 26.08 -36.16 11.54
N MET C 104 25.30 -35.08 11.51
CA MET C 104 25.85 -33.76 11.21
C MET C 104 26.34 -33.04 12.47
N CYS C 105 25.81 -33.43 13.62
CA CYS C 105 26.19 -32.80 14.88
C CYS C 105 27.54 -33.31 15.38
N GLN C 106 27.83 -34.58 15.14
CA GLN C 106 29.10 -35.17 15.57
C GLN C 106 30.25 -34.63 14.74
N ASP C 107 29.96 -34.22 13.50
CA ASP C 107 30.98 -33.69 12.59
C ASP C 107 31.09 -32.18 12.77
N ASP C 108 32.12 -31.75 13.50
CA ASP C 108 32.33 -30.33 13.80
C ASP C 108 32.50 -29.51 12.52
N GLU C 109 33.01 -30.15 11.47
CA GLU C 109 33.17 -29.50 10.18
C GLU C 109 31.81 -29.18 9.57
N VAL C 110 30.98 -30.21 9.46
CA VAL C 110 29.65 -30.07 8.87
C VAL C 110 28.77 -29.16 9.73
N PHE C 111 28.92 -29.28 11.05
CA PHE C 111 28.09 -28.54 12.00
C PHE C 111 28.30 -27.02 11.88
N LYS C 112 29.49 -26.63 11.43
CA LYS C 112 29.82 -25.21 11.30
C LYS C 112 29.50 -24.67 9.91
N THR C 113 29.82 -25.45 8.89
CA THR C 113 29.79 -24.96 7.51
C THR C 113 28.47 -25.20 6.80
N GLN C 114 27.58 -25.96 7.41
CA GLN C 114 26.29 -26.29 6.80
C GLN C 114 25.13 -26.04 7.76
N LYS C 115 25.03 -24.81 8.27
CA LYS C 115 23.96 -24.43 9.16
C LYS C 115 22.60 -24.50 8.47
N ASN C 116 22.57 -24.08 7.20
CA ASN C 116 21.33 -24.06 6.44
C ASN C 116 20.73 -25.44 6.26
N LEU C 117 21.60 -26.46 6.19
CA LEU C 117 21.14 -27.83 5.94
C LEU C 117 20.72 -28.52 7.23
N ILE C 118 21.31 -28.13 8.36
CA ILE C 118 20.95 -28.70 9.65
C ILE C 118 19.62 -28.12 10.12
N ASN C 119 19.44 -26.82 9.92
CA ASN C 119 18.20 -26.15 10.30
C ASN C 119 17.00 -26.71 9.53
N LYS C 120 17.20 -27.01 8.25
CA LYS C 120 16.16 -27.57 7.42
C LYS C 120 15.77 -28.96 7.92
N SER C 121 16.76 -29.70 8.42
CA SER C 121 16.53 -31.03 8.98
C SER C 121 15.79 -30.92 10.30
N ASP C 122 16.14 -29.92 11.09
CA ASP C 122 15.46 -29.66 12.36
C ASP C 122 13.99 -29.36 12.09
N LEU C 123 13.72 -28.52 11.11
CA LEU C 123 12.35 -28.17 10.78
C LEU C 123 11.59 -29.40 10.28
N THR C 124 12.27 -30.23 9.50
CA THR C 124 11.69 -31.46 9.00
C THR C 124 11.33 -32.39 10.16
N LEU C 125 12.16 -32.39 11.19
CA LEU C 125 11.91 -33.20 12.38
C LEU C 125 10.64 -32.72 13.08
N VAL C 126 10.46 -31.41 13.18
CA VAL C 126 9.30 -30.85 13.86
C VAL C 126 8.01 -31.18 13.12
N GLN C 127 8.08 -31.32 11.80
CA GLN C 127 6.90 -31.67 11.03
C GLN C 127 6.43 -33.07 11.39
N ILE C 128 7.38 -33.94 11.75
CA ILE C 128 7.05 -35.28 12.20
C ILE C 128 6.42 -35.21 13.60
N LEU C 129 7.00 -34.39 14.45
CA LEU C 129 6.50 -34.23 15.82
C LEU C 129 5.05 -33.76 15.81
N LYS C 130 4.75 -32.83 14.92
CA LYS C 130 3.39 -32.30 14.78
C LYS C 130 2.41 -33.40 14.38
N GLN C 131 2.94 -34.49 13.82
CA GLN C 131 2.11 -35.61 13.38
C GLN C 131 2.09 -36.73 14.43
N GLU C 132 3.25 -37.03 15.01
CA GLU C 132 3.39 -38.20 15.86
C GLU C 132 3.42 -37.87 17.35
N TRP C 133 4.06 -36.76 17.71
CA TRP C 133 4.29 -36.45 19.11
C TRP C 133 3.05 -35.83 19.76
N PRO C 134 2.77 -36.18 21.04
CA PRO C 134 3.45 -37.15 21.90
C PRO C 134 2.83 -38.55 21.88
N GLN C 135 1.67 -38.70 21.26
CA GLN C 135 0.91 -39.96 21.35
C GLN C 135 1.71 -41.18 20.88
N ASN C 136 2.56 -41.00 19.87
CA ASN C 136 3.37 -42.09 19.33
C ASN C 136 4.87 -41.83 19.49
N TRP C 137 5.22 -40.96 20.43
CA TRP C 137 6.62 -40.64 20.69
C TRP C 137 6.75 -39.98 22.07
N PRO C 138 6.23 -40.63 23.12
CA PRO C 138 6.11 -40.01 24.44
C PRO C 138 7.46 -39.75 25.13
N GLU C 139 8.52 -40.35 24.62
CA GLU C 139 9.83 -40.25 25.26
C GLU C 139 10.74 -39.24 24.57
N PHE C 140 10.16 -38.37 23.74
CA PHE C 140 10.95 -37.44 22.95
C PHE C 140 11.71 -36.45 23.82
N ILE C 141 11.02 -35.82 24.76
CA ILE C 141 11.63 -34.79 25.59
C ILE C 141 12.60 -35.37 26.63
N PRO C 142 12.21 -36.46 27.33
CA PRO C 142 13.17 -37.05 28.26
C PRO C 142 14.46 -37.50 27.56
N GLU C 143 14.33 -37.98 26.33
CA GLU C 143 15.49 -38.42 25.56
C GLU C 143 16.27 -37.22 25.03
N LEU C 144 15.57 -36.12 24.78
CA LEU C 144 16.21 -34.91 24.28
C LEU C 144 17.08 -34.28 25.36
N ILE C 145 16.62 -34.35 26.61
CA ILE C 145 17.36 -33.77 27.73
C ILE C 145 18.60 -34.60 28.05
N GLY C 146 18.49 -35.91 27.89
CA GLY C 146 19.59 -36.81 28.17
C GLY C 146 20.72 -36.63 27.18
N SER C 147 20.37 -36.49 25.92
CA SER C 147 21.37 -36.33 24.85
C SER C 147 21.99 -34.93 24.86
N SER C 148 21.38 -34.02 25.61
CA SER C 148 21.87 -32.64 25.68
C SER C 148 23.06 -32.50 26.63
N SER C 149 23.39 -33.59 27.32
CA SER C 149 24.53 -33.60 28.24
C SER C 149 25.73 -34.32 27.62
N SER C 150 25.46 -35.09 26.57
CA SER C 150 26.49 -35.90 25.93
C SER C 150 27.41 -35.07 25.04
N SER C 151 26.91 -33.94 24.56
CA SER C 151 27.68 -33.07 23.67
C SER C 151 27.20 -31.62 23.74
N VAL C 152 28.05 -30.72 23.27
CA VAL C 152 27.71 -29.31 23.21
C VAL C 152 26.99 -29.02 21.90
N ASN C 153 27.50 -29.57 20.81
CA ASN C 153 26.90 -29.39 19.49
C ASN C 153 25.48 -29.95 19.43
N VAL C 154 25.26 -31.07 20.09
CA VAL C 154 23.93 -31.67 20.14
C VAL C 154 23.01 -30.83 21.00
N CYS C 155 23.52 -30.36 22.13
CA CYS C 155 22.76 -29.54 23.05
C CYS C 155 22.28 -28.27 22.36
N GLU C 156 23.18 -27.65 21.60
CA GLU C 156 22.85 -26.43 20.86
C GLU C 156 21.74 -26.67 19.85
N ASN C 157 21.88 -27.74 19.07
CA ASN C 157 20.91 -28.05 18.03
C ASN C 157 19.55 -28.37 18.61
N ASN C 158 19.53 -28.94 19.81
CA ASN C 158 18.27 -29.27 20.48
C ASN C 158 17.52 -27.98 20.82
N MET C 159 18.25 -26.92 21.14
CA MET C 159 17.63 -25.63 21.41
C MET C 159 16.98 -25.08 20.15
N ILE C 160 17.57 -25.42 19.00
CA ILE C 160 17.01 -25.01 17.72
C ILE C 160 15.70 -25.77 17.46
N VAL C 161 15.69 -27.05 17.78
CA VAL C 161 14.50 -27.89 17.58
C VAL C 161 13.35 -27.43 18.48
N LEU C 162 13.67 -27.12 19.74
CA LEU C 162 12.67 -26.65 20.68
C LEU C 162 12.15 -25.27 20.28
N LYS C 163 13.03 -24.46 19.69
CA LYS C 163 12.64 -23.14 19.20
C LYS C 163 11.57 -23.28 18.11
N LEU C 164 11.89 -24.06 17.09
CA LEU C 164 10.98 -24.28 15.97
C LEU C 164 9.68 -24.94 16.42
N LEU C 165 9.79 -25.87 17.38
CA LEU C 165 8.63 -26.56 17.92
C LEU C 165 7.70 -25.56 18.59
N SER C 166 8.27 -24.59 19.30
CA SER C 166 7.48 -23.58 20.00
C SER C 166 6.76 -22.68 19.02
N GLU C 167 7.42 -22.32 17.92
CA GLU C 167 6.85 -21.44 16.90
C GLU C 167 5.65 -22.08 16.21
N GLU C 168 5.84 -23.31 15.70
CA GLU C 168 4.82 -23.99 14.92
C GLU C 168 3.55 -24.28 15.73
N VAL C 169 3.68 -24.31 17.06
CA VAL C 169 2.58 -24.69 17.94
C VAL C 169 1.83 -23.49 18.52
N PHE C 170 2.57 -22.41 18.81
CA PHE C 170 1.99 -21.26 19.49
C PHE C 170 1.92 -20.01 18.62
N ASP C 171 2.85 -19.87 17.69
CA ASP C 171 2.97 -18.64 16.90
C ASP C 171 2.30 -18.76 15.53
N PHE C 172 2.39 -19.95 14.92
CA PHE C 172 1.88 -20.15 13.57
C PHE C 172 0.92 -21.33 13.46
N SER C 173 0.47 -21.85 14.58
CA SER C 173 -0.44 -22.99 14.57
C SER C 173 -1.81 -22.61 14.02
N ALA C 174 -2.27 -21.40 14.34
CA ALA C 174 -3.57 -20.96 13.87
C ALA C 174 -3.61 -20.91 12.35
N GLU C 175 -4.72 -21.39 11.78
CA GLU C 175 -4.94 -21.41 10.34
C GLU C 175 -3.91 -22.26 9.58
N GLN C 176 -3.19 -23.12 10.30
CA GLN C 176 -2.28 -24.09 9.68
C GLN C 176 -2.72 -25.50 10.05
N MET C 177 -3.15 -25.67 11.29
CA MET C 177 -3.68 -26.93 11.80
C MET C 177 -5.06 -26.69 12.40
N THR C 178 -5.82 -27.76 12.63
CA THR C 178 -7.16 -27.63 13.20
C THR C 178 -7.08 -27.11 14.63
N GLN C 179 -8.21 -26.64 15.14
CA GLN C 179 -8.28 -26.15 16.51
C GLN C 179 -7.93 -27.26 17.49
N ALA C 180 -8.43 -28.45 17.19
CA ALA C 180 -8.20 -29.61 18.04
C ALA C 180 -6.72 -29.95 18.08
N LYS C 181 -6.10 -30.05 16.91
CA LYS C 181 -4.71 -30.46 16.82
C LYS C 181 -3.80 -29.42 17.46
N ALA C 182 -4.18 -28.15 17.35
CA ALA C 182 -3.40 -27.06 17.93
C ALA C 182 -3.47 -27.15 19.46
N LEU C 183 -4.68 -27.14 20.00
CA LEU C 183 -4.89 -27.25 21.43
C LEU C 183 -4.19 -28.47 22.00
N HIS C 184 -4.25 -29.58 21.26
CA HIS C 184 -3.63 -30.82 21.68
C HIS C 184 -2.11 -30.66 21.83
N LEU C 185 -1.49 -29.99 20.87
CA LEU C 185 -0.05 -29.81 20.88
C LEU C 185 0.37 -28.79 21.93
N LYS C 186 -0.46 -27.77 22.13
CA LYS C 186 -0.20 -26.75 23.15
C LYS C 186 -0.16 -27.39 24.54
N ASN C 187 -1.20 -28.18 24.85
CA ASN C 187 -1.26 -28.89 26.13
C ASN C 187 -0.06 -29.80 26.34
N SER C 188 0.38 -30.44 25.28
CA SER C 188 1.48 -31.40 25.37
C SER C 188 2.78 -30.73 25.80
N MET C 189 3.06 -29.55 25.24
CA MET C 189 4.26 -28.81 25.61
C MET C 189 4.14 -28.26 27.03
N SER C 190 2.94 -27.83 27.38
CA SER C 190 2.69 -27.27 28.71
C SER C 190 2.89 -28.30 29.80
N LYS C 191 2.60 -29.56 29.48
CA LYS C 191 2.73 -30.65 30.45
C LYS C 191 4.17 -31.01 30.74
N GLU C 192 5.08 -30.64 29.83
CA GLU C 192 6.47 -31.07 29.91
C GLU C 192 7.46 -29.93 29.83
N PHE C 193 6.99 -28.70 30.07
CA PHE C 193 7.88 -27.55 29.97
C PHE C 193 8.80 -27.44 31.17
N GLU C 194 8.34 -27.88 32.33
CA GLU C 194 9.14 -27.82 33.55
C GLU C 194 10.48 -28.50 33.35
N GLN C 195 10.49 -29.53 32.50
CA GLN C 195 11.70 -30.27 32.20
C GLN C 195 12.60 -29.49 31.25
N ILE C 196 11.95 -28.77 30.32
CA ILE C 196 12.68 -27.97 29.33
C ILE C 196 13.32 -26.76 29.98
N PHE C 197 12.58 -26.09 30.85
CA PHE C 197 13.08 -24.92 31.55
C PHE C 197 14.26 -25.28 32.44
N LYS C 198 14.21 -26.49 32.99
CA LYS C 198 15.31 -26.99 33.83
C LYS C 198 16.61 -27.02 33.03
N LEU C 199 16.56 -27.65 31.86
CA LEU C 199 17.73 -27.73 30.97
C LEU C 199 18.18 -26.35 30.51
N CYS C 200 17.20 -25.54 30.09
CA CYS C 200 17.48 -24.19 29.62
CA CYS C 200 17.50 -24.19 29.60
C CYS C 200 18.22 -23.36 30.66
N PHE C 201 17.71 -23.37 31.89
CA PHE C 201 18.30 -22.60 32.97
C PHE C 201 19.71 -23.08 33.33
N GLN C 202 19.93 -24.40 33.24
CA GLN C 202 21.22 -24.98 33.55
C GLN C 202 22.28 -24.51 32.55
N VAL C 203 21.90 -24.47 31.27
CA VAL C 203 22.81 -24.00 30.23
C VAL C 203 23.16 -22.53 30.42
N LEU C 204 22.18 -21.74 30.85
CA LEU C 204 22.38 -20.30 31.03
C LEU C 204 23.27 -20.00 32.23
N GLU C 205 23.20 -20.84 33.26
CA GLU C 205 23.96 -20.60 34.48
C GLU C 205 25.36 -21.21 34.41
N GLN C 206 25.46 -22.40 33.83
CA GLN C 206 26.72 -23.14 33.80
C GLN C 206 27.66 -22.64 32.71
N GLY C 207 27.10 -22.01 31.67
CA GLY C 207 27.91 -21.55 30.55
C GLY C 207 28.30 -22.71 29.65
N SER C 208 29.21 -22.49 28.71
CA SER C 208 29.83 -21.19 28.45
C SER C 208 30.12 -20.97 26.97
N SER C 209 29.69 -21.90 26.12
CA SER C 209 29.87 -21.78 24.68
C SER C 209 28.94 -20.71 24.11
N SER C 210 29.51 -19.70 23.46
CA SER C 210 28.74 -18.57 22.95
C SER C 210 27.59 -19.00 22.04
N SER C 211 27.88 -19.89 21.09
CA SER C 211 26.86 -20.36 20.16
C SER C 211 25.72 -21.06 20.89
N LEU C 212 26.07 -21.81 21.93
CA LEU C 212 25.08 -22.55 22.71
C LEU C 212 24.18 -21.61 23.51
N ILE C 213 24.76 -20.52 24.01
CA ILE C 213 24.01 -19.57 24.81
C ILE C 213 22.97 -18.85 23.94
N VAL C 214 23.37 -18.42 22.77
CA VAL C 214 22.49 -17.68 21.87
C VAL C 214 21.33 -18.56 21.41
N ALA C 215 21.63 -19.81 21.06
CA ALA C 215 20.60 -20.76 20.65
C ALA C 215 19.60 -20.99 21.79
N THR C 216 20.11 -20.98 23.02
CA THR C 216 19.28 -21.15 24.20
C THR C 216 18.41 -19.93 24.46
N LEU C 217 19.01 -18.75 24.31
CA LEU C 217 18.29 -17.50 24.52
C LEU C 217 17.28 -17.24 23.40
N GLU C 218 17.59 -17.74 22.21
CA GLU C 218 16.70 -17.56 21.07
C GLU C 218 15.45 -18.43 21.20
N SER C 219 15.58 -19.58 21.85
CA SER C 219 14.43 -20.43 22.10
C SER C 219 13.62 -19.86 23.26
N LEU C 220 14.32 -19.27 24.24
CA LEU C 220 13.68 -18.65 25.38
C LEU C 220 12.73 -17.54 24.94
N LEU C 221 13.12 -16.80 23.90
CA LEU C 221 12.30 -15.72 23.38
C LEU C 221 10.91 -16.20 22.95
N ARG C 222 10.85 -17.42 22.40
CA ARG C 222 9.59 -17.98 21.95
C ARG C 222 8.72 -18.46 23.11
N TYR C 223 9.36 -18.91 24.19
CA TYR C 223 8.63 -19.40 25.35
C TYR C 223 7.87 -18.29 26.04
N LEU C 224 8.47 -17.10 26.09
CA LEU C 224 7.88 -15.98 26.82
C LEU C 224 6.56 -15.51 26.19
N HIS C 225 6.20 -16.09 25.05
CA HIS C 225 4.93 -15.79 24.40
C HIS C 225 3.75 -16.43 25.13
N TRP C 226 3.99 -17.53 25.85
CA TRP C 226 2.89 -18.35 26.37
C TRP C 226 3.09 -18.96 27.77
N ILE C 227 4.33 -19.06 28.24
CA ILE C 227 4.56 -19.75 29.52
C ILE C 227 4.07 -18.92 30.70
N PRO C 228 3.71 -19.60 31.81
CA PRO C 228 3.20 -18.89 32.99
C PRO C 228 4.25 -18.00 33.65
N TYR C 229 3.79 -16.95 34.33
CA TYR C 229 4.67 -15.92 34.87
C TYR C 229 5.67 -16.47 35.87
N ARG C 230 5.33 -17.56 36.53
CA ARG C 230 6.16 -18.07 37.62
C ARG C 230 7.53 -18.53 37.13
N TYR C 231 7.63 -18.90 35.86
CA TYR C 231 8.91 -19.32 35.29
C TYR C 231 9.85 -18.14 35.06
N ILE C 232 9.40 -16.93 35.42
CA ILE C 232 10.18 -15.72 35.21
C ILE C 232 10.56 -15.07 36.54
N TYR C 233 9.62 -15.09 37.49
CA TYR C 233 9.77 -14.35 38.74
C TYR C 233 10.10 -15.25 39.93
N GLU C 234 9.48 -16.43 39.99
CA GLU C 234 9.75 -17.35 41.09
C GLU C 234 11.11 -18.03 40.95
N THR C 235 11.82 -17.67 39.88
CA THR C 235 13.18 -18.14 39.64
C THR C 235 14.14 -16.96 39.51
N ASN C 236 15.43 -17.25 39.45
CA ASN C 236 16.45 -16.21 39.37
C ASN C 236 16.94 -16.00 37.95
N ILE C 237 16.03 -16.11 36.99
CA ILE C 237 16.39 -16.03 35.58
C ILE C 237 16.49 -14.58 35.10
N LEU C 238 15.69 -13.70 35.70
CA LEU C 238 15.70 -12.29 35.32
C LEU C 238 17.01 -11.63 35.73
N GLU C 239 17.59 -12.09 36.83
CA GLU C 239 18.89 -11.58 37.28
C GLU C 239 19.97 -11.88 36.25
N LEU C 240 19.91 -13.08 35.69
CA LEU C 240 20.90 -13.50 34.70
C LEU C 240 20.77 -12.70 33.41
N LEU C 241 19.54 -12.55 32.93
CA LEU C 241 19.28 -11.84 31.68
C LEU C 241 19.68 -10.38 31.77
N SER C 242 19.44 -9.76 32.93
CA SER C 242 19.62 -8.32 33.06
C SER C 242 21.02 -7.92 33.51
N THR C 243 21.92 -8.89 33.68
CA THR C 243 23.31 -8.60 34.06
C THR C 243 24.32 -9.41 33.24
N LYS C 244 24.28 -10.72 33.40
CA LYS C 244 25.29 -11.60 32.80
C LYS C 244 25.33 -11.52 31.27
N PHE C 245 24.17 -11.46 30.64
CA PHE C 245 24.09 -11.57 29.19
C PHE C 245 24.00 -10.22 28.48
N MET C 246 24.03 -9.13 29.23
CA MET C 246 23.98 -7.79 28.66
C MET C 246 25.38 -7.21 28.47
N THR C 247 26.40 -8.00 28.81
CA THR C 247 27.78 -7.54 28.73
C THR C 247 28.43 -7.94 27.41
N SER C 248 28.15 -9.16 26.95
CA SER C 248 28.72 -9.66 25.70
C SER C 248 27.81 -9.29 24.51
N PRO C 249 28.38 -8.69 23.45
CA PRO C 249 27.55 -8.25 22.32
C PRO C 249 26.79 -9.36 21.61
N ASP C 250 27.38 -10.55 21.50
CA ASP C 250 26.75 -11.63 20.74
C ASP C 250 25.42 -12.06 21.36
N THR C 251 25.33 -12.03 22.68
CA THR C 251 24.10 -12.42 23.39
C THR C 251 23.24 -11.21 23.73
N ARG C 252 23.84 -10.03 23.63
CA ARG C 252 23.15 -8.78 24.00
C ARG C 252 21.89 -8.56 23.18
N ALA C 253 21.99 -8.78 21.88
CA ALA C 253 20.91 -8.46 20.95
C ALA C 253 19.64 -9.26 21.25
N ILE C 254 19.82 -10.54 21.57
CA ILE C 254 18.69 -11.43 21.80
C ILE C 254 18.15 -11.29 23.22
N THR C 255 19.05 -11.04 24.17
CA THR C 255 18.66 -10.86 25.57
C THR C 255 17.74 -9.67 25.74
N LEU C 256 18.04 -8.60 25.00
CA LEU C 256 17.26 -7.39 25.05
C LEU C 256 15.86 -7.63 24.50
N LYS C 257 15.74 -8.58 23.57
CA LYS C 257 14.45 -8.95 23.00
C LYS C 257 13.65 -9.79 24.00
N CYS C 258 14.35 -10.60 24.79
CA CYS C 258 13.70 -11.40 25.82
C CYS C 258 13.08 -10.51 26.88
N LEU C 259 13.85 -9.53 27.35
CA LEU C 259 13.39 -8.59 28.36
C LEU C 259 12.25 -7.71 27.84
N THR C 260 12.21 -7.50 26.53
CA THR C 260 11.15 -6.73 25.91
C THR C 260 9.81 -7.47 26.00
N GLU C 261 9.86 -8.80 25.87
CA GLU C 261 8.66 -9.61 25.97
C GLU C 261 8.18 -9.72 27.41
N VAL C 262 9.13 -9.85 28.33
CA VAL C 262 8.81 -9.88 29.76
C VAL C 262 8.21 -8.53 30.18
N SER C 263 8.79 -7.45 29.67
CA SER C 263 8.35 -6.10 30.02
C SER C 263 6.93 -5.84 29.55
N ASN C 264 6.50 -6.58 28.52
CA ASN C 264 5.17 -6.39 27.95
C ASN C 264 4.16 -7.38 28.53
N LEU C 265 4.15 -7.48 29.86
CA LEU C 265 3.19 -8.32 30.57
C LEU C 265 2.44 -7.50 31.61
N LYS C 266 1.14 -7.73 31.69
CA LYS C 266 0.31 -7.07 32.70
C LYS C 266 0.43 -7.82 34.01
N ILE C 267 1.52 -7.57 34.72
CA ILE C 267 1.83 -8.27 35.96
C ILE C 267 0.73 -8.14 37.01
N PRO C 268 0.61 -9.13 37.92
CA PRO C 268 -0.26 -9.00 39.08
C PRO C 268 0.00 -7.69 39.82
N GLN C 269 -0.87 -6.71 39.61
CA GLN C 269 -0.65 -5.35 40.11
C GLN C 269 -0.56 -5.27 41.63
N ASP C 270 -1.19 -6.21 42.32
CA ASP C 270 -1.23 -6.19 43.79
C ASP C 270 -0.02 -6.88 44.41
N ASN C 271 0.77 -7.57 43.60
CA ASN C 271 1.96 -8.27 44.10
C ASN C 271 3.13 -7.32 44.28
N ASP C 272 3.59 -7.20 45.52
CA ASP C 272 4.66 -6.26 45.86
C ASP C 272 6.04 -6.87 45.64
N LEU C 273 6.10 -8.14 45.27
CA LEU C 273 7.36 -8.82 45.03
C LEU C 273 7.72 -8.82 43.55
N ILE C 274 6.71 -9.03 42.71
CA ILE C 274 6.91 -8.98 41.26
C ILE C 274 7.25 -7.55 40.84
N LYS C 275 6.69 -6.57 41.55
CA LYS C 275 6.99 -5.17 41.30
C LYS C 275 8.49 -4.90 41.44
N ARG C 276 9.07 -5.32 42.56
CA ARG C 276 10.49 -5.14 42.78
C ARG C 276 11.29 -5.94 41.77
N GLN C 277 10.77 -7.09 41.38
CA GLN C 277 11.39 -7.91 40.33
C GLN C 277 11.34 -7.19 38.99
N THR C 278 10.27 -6.45 38.76
CA THR C 278 10.09 -5.72 37.50
C THR C 278 10.93 -4.45 37.49
N VAL C 279 11.14 -3.87 38.66
CA VAL C 279 12.02 -2.71 38.80
C VAL C 279 13.49 -3.14 38.77
N LEU C 280 13.77 -4.30 39.34
CA LEU C 280 15.14 -4.79 39.48
C LEU C 280 15.81 -5.04 38.14
N PHE C 281 15.15 -5.76 37.24
CA PHE C 281 15.80 -6.15 35.99
C PHE C 281 15.93 -4.96 35.06
N PHE C 282 15.03 -3.98 35.22
CA PHE C 282 15.11 -2.76 34.42
C PHE C 282 16.27 -1.91 34.90
N GLN C 283 16.43 -1.84 36.22
CA GLN C 283 17.52 -1.09 36.82
C GLN C 283 18.87 -1.63 36.36
N ASN C 284 18.99 -2.97 36.38
CA ASN C 284 20.23 -3.62 35.97
C ASN C 284 20.53 -3.41 34.49
N THR C 285 19.52 -3.55 33.64
CA THR C 285 19.69 -3.42 32.20
C THR C 285 20.29 -2.06 31.84
N LEU C 286 19.73 -1.00 32.40
CA LEU C 286 20.21 0.35 32.13
C LEU C 286 21.62 0.57 32.68
N GLN C 287 21.94 -0.11 33.78
CA GLN C 287 23.26 0.02 34.39
C GLN C 287 24.31 -0.61 33.46
N GLN C 288 23.99 -1.77 32.91
CA GLN C 288 24.91 -2.48 32.02
C GLN C 288 25.16 -1.70 30.73
N ILE C 289 24.10 -1.09 30.21
CA ILE C 289 24.22 -0.30 28.98
C ILE C 289 25.12 0.91 29.23
N ALA C 290 24.96 1.54 30.38
CA ALA C 290 25.71 2.75 30.70
C ALA C 290 27.19 2.46 30.94
N THR C 291 27.54 1.20 31.22
CA THR C 291 28.92 0.84 31.56
C THR C 291 29.58 -0.04 30.48
N SER C 292 28.79 -0.82 29.76
CA SER C 292 29.32 -1.81 28.82
C SER C 292 29.05 -1.44 27.36
N VAL C 293 28.26 -0.40 27.14
CA VAL C 293 27.91 0.01 25.78
C VAL C 293 28.13 1.50 25.54
N MET C 294 27.39 2.35 26.25
CA MET C 294 27.42 3.78 26.00
C MET C 294 26.77 4.59 27.13
N PRO C 295 27.39 5.71 27.53
CA PRO C 295 26.80 6.55 28.57
C PRO C 295 25.51 7.25 28.12
N VAL C 296 24.87 7.96 29.03
CA VAL C 296 23.58 8.57 28.74
C VAL C 296 23.76 9.82 27.86
N THR C 297 24.95 10.40 27.91
CA THR C 297 25.24 11.61 27.15
C THR C 297 25.70 11.31 25.73
N ALA C 298 25.79 10.02 25.40
CA ALA C 298 26.32 9.59 24.11
C ALA C 298 25.46 10.07 22.94
N ASP C 299 26.13 10.52 21.88
CA ASP C 299 25.46 11.00 20.67
C ASP C 299 25.01 9.80 19.82
N LEU C 300 23.80 9.33 20.07
CA LEU C 300 23.28 8.15 19.39
C LEU C 300 22.91 8.43 17.93
N LYS C 301 22.70 9.70 17.60
CA LYS C 301 22.41 10.10 16.23
C LYS C 301 23.60 9.80 15.30
N ALA C 302 24.81 10.09 15.79
CA ALA C 302 26.02 9.88 15.02
C ALA C 302 26.40 8.41 14.96
N THR C 303 26.07 7.67 16.02
CA THR C 303 26.35 6.24 16.07
C THR C 303 25.51 5.51 15.03
N TYR C 304 24.22 5.87 14.96
CA TYR C 304 23.31 5.25 14.02
C TYR C 304 23.72 5.56 12.59
N ALA C 305 24.24 6.76 12.38
CA ALA C 305 24.61 7.21 11.04
C ALA C 305 25.85 6.47 10.54
N ASN C 306 26.80 6.21 11.44
CA ASN C 306 28.03 5.52 11.07
C ASN C 306 27.77 4.07 10.72
N ALA C 307 26.81 3.47 11.40
CA ALA C 307 26.35 2.11 11.12
C ALA C 307 27.47 1.08 11.22
N ASN C 308 28.16 1.06 12.35
CA ASN C 308 29.21 0.08 12.59
C ASN C 308 28.65 -1.19 13.21
N GLY C 309 28.92 -2.33 12.57
CA GLY C 309 28.50 -3.61 13.09
C GLY C 309 27.00 -3.70 13.25
N ASN C 310 26.55 -3.88 14.49
CA ASN C 310 25.14 -4.05 14.79
C ASN C 310 24.57 -2.91 15.64
N ASP C 311 25.12 -1.72 15.44
CA ASP C 311 24.67 -0.54 16.19
C ASP C 311 23.23 -0.20 15.85
N GLN C 312 22.90 -0.14 14.56
CA GLN C 312 21.56 0.23 14.13
C GLN C 312 20.52 -0.78 14.61
N SER C 313 20.90 -2.05 14.66
CA SER C 313 19.99 -3.08 15.15
C SER C 313 19.81 -2.95 16.67
N PHE C 314 20.92 -2.73 17.37
CA PHE C 314 20.90 -2.60 18.82
C PHE C 314 20.12 -1.37 19.28
N LEU C 315 20.28 -0.27 18.56
CA LEU C 315 19.59 0.97 18.92
C LEU C 315 18.09 0.85 18.68
N GLN C 316 17.72 0.19 17.60
CA GLN C 316 16.31 -0.11 17.32
C GLN C 316 15.73 -0.93 18.46
N ASP C 317 16.47 -1.94 18.89
CA ASP C 317 16.01 -2.85 19.94
C ASP C 317 15.96 -2.13 21.29
N LEU C 318 16.89 -1.22 21.53
CA LEU C 318 16.90 -0.44 22.77
C LEU C 318 15.69 0.49 22.80
N ALA C 319 15.33 1.03 21.64
CA ALA C 319 14.17 1.91 21.52
C ALA C 319 12.88 1.12 21.76
N MET C 320 12.86 -0.12 21.28
CA MET C 320 11.69 -0.98 21.46
C MET C 320 11.56 -1.43 22.92
N PHE C 321 12.71 -1.63 23.56
CA PHE C 321 12.74 -2.06 24.96
C PHE C 321 12.29 -0.96 25.93
N LEU C 322 12.90 0.21 25.83
CA LEU C 322 12.59 1.32 26.73
C LEU C 322 11.13 1.74 26.64
N THR C 323 10.64 1.92 25.42
CA THR C 323 9.26 2.36 25.22
C THR C 323 8.26 1.32 25.74
N THR C 324 8.57 0.05 25.49
CA THR C 324 7.68 -1.04 25.91
C THR C 324 7.57 -1.10 27.43
N TYR C 325 8.70 -1.03 28.11
CA TYR C 325 8.74 -1.12 29.56
C TYR C 325 8.08 0.08 30.22
N LEU C 326 8.47 1.28 29.77
CA LEU C 326 8.01 2.51 30.38
C LEU C 326 6.52 2.76 30.11
N ALA C 327 6.00 2.18 29.04
CA ALA C 327 4.59 2.32 28.72
C ALA C 327 3.74 1.42 29.62
N ARG C 328 4.39 0.50 30.33
CA ARG C 328 3.70 -0.44 31.20
C ARG C 328 4.00 -0.23 32.68
N ASN C 329 5.23 0.17 32.98
CA ASN C 329 5.73 0.10 34.36
C ASN C 329 6.36 1.39 34.90
N ARG C 330 6.31 2.49 34.15
CA ARG C 330 6.98 3.70 34.59
C ARG C 330 6.36 4.25 35.86
N ALA C 331 5.12 3.84 36.14
CA ALA C 331 4.44 4.26 37.35
C ALA C 331 5.16 3.74 38.59
N LEU C 332 5.89 2.64 38.43
CA LEU C 332 6.66 2.05 39.53
C LEU C 332 7.82 2.95 39.93
N LEU C 333 8.35 3.70 38.97
CA LEU C 333 9.55 4.51 39.19
C LEU C 333 9.20 5.96 39.55
N GLU C 334 7.95 6.33 39.38
CA GLU C 334 7.51 7.71 39.61
C GLU C 334 7.30 8.01 41.08
N SER C 335 6.90 7.00 41.85
CA SER C 335 6.58 7.19 43.26
C SER C 335 7.85 7.30 44.10
N ASP C 336 8.66 6.24 44.07
CA ASP C 336 9.89 6.19 44.85
C ASP C 336 10.88 7.25 44.36
N GLU C 337 11.55 7.90 45.31
CA GLU C 337 12.52 8.94 45.00
C GLU C 337 13.87 8.34 44.61
N SER C 338 14.19 7.19 45.19
CA SER C 338 15.46 6.52 44.91
C SER C 338 15.53 5.95 43.49
N LEU C 339 14.40 5.97 42.79
CA LEU C 339 14.32 5.45 41.42
C LEU C 339 14.18 6.57 40.40
N ARG C 340 14.20 7.81 40.86
CA ARG C 340 13.97 8.95 40.00
C ARG C 340 15.08 9.09 38.95
N GLU C 341 16.32 8.86 39.36
CA GLU C 341 17.46 8.92 38.47
C GLU C 341 17.35 7.84 37.39
N LEU C 342 16.95 6.64 37.78
CA LEU C 342 16.75 5.54 36.84
C LEU C 342 15.65 5.88 35.84
N LEU C 343 14.59 6.52 36.33
CA LEU C 343 13.46 6.89 35.49
C LEU C 343 13.85 7.89 34.41
N LEU C 344 14.60 8.93 34.80
CA LEU C 344 14.97 10.00 33.88
C LEU C 344 16.11 9.60 32.95
N ASN C 345 17.03 8.78 33.43
CA ASN C 345 18.07 8.24 32.56
C ASN C 345 17.46 7.43 31.44
N ALA C 346 16.39 6.70 31.75
CA ALA C 346 15.70 5.89 30.75
C ALA C 346 15.10 6.77 29.66
N HIS C 347 14.53 7.89 30.08
CA HIS C 347 13.92 8.82 29.13
C HIS C 347 14.98 9.62 28.39
N GLN C 348 16.10 9.87 29.04
CA GLN C 348 17.19 10.60 28.41
C GLN C 348 17.81 9.77 27.29
N TYR C 349 17.76 8.46 27.41
CA TYR C 349 18.18 7.58 26.33
C TYR C 349 17.20 7.70 25.16
N LEU C 350 15.92 7.89 25.47
CA LEU C 350 14.89 8.01 24.44
C LEU C 350 14.93 9.37 23.77
N ILE C 351 15.41 10.38 24.49
CA ILE C 351 15.64 11.69 23.90
C ILE C 351 16.73 11.58 22.84
N GLN C 352 17.84 10.95 23.20
CA GLN C 352 18.96 10.76 22.28
C GLN C 352 18.57 9.91 21.08
N LEU C 353 17.73 8.90 21.30
CA LEU C 353 17.25 8.04 20.23
C LEU C 353 16.34 8.80 19.25
N SER C 354 15.57 9.74 19.78
CA SER C 354 14.62 10.49 18.97
C SER C 354 15.31 11.41 17.97
N LYS C 355 16.57 11.73 18.25
CA LYS C 355 17.36 12.62 17.39
C LYS C 355 17.93 11.88 16.18
N ILE C 356 17.88 10.55 16.22
CA ILE C 356 18.35 9.74 15.11
C ILE C 356 17.50 10.01 13.87
N GLU C 357 18.19 10.20 12.74
CA GLU C 357 17.50 10.41 11.46
C GLU C 357 17.17 9.07 10.83
N GLU C 358 15.97 8.61 11.13
CA GLU C 358 15.45 7.34 10.61
C GLU C 358 13.95 7.34 10.86
N ARG C 359 13.19 7.60 9.80
CA ARG C 359 11.75 7.84 9.89
C ARG C 359 11.01 6.77 10.69
N GLU C 360 11.22 5.50 10.34
CA GLU C 360 10.49 4.41 10.97
C GLU C 360 10.85 4.27 12.45
N LEU C 361 12.10 4.58 12.79
CA LEU C 361 12.52 4.55 14.19
C LEU C 361 11.92 5.73 14.94
N PHE C 362 11.81 6.86 14.27
CA PHE C 362 11.28 8.08 14.89
C PHE C 362 9.80 7.93 15.19
N LYS C 363 9.07 7.29 14.28
CA LYS C 363 7.67 6.98 14.48
C LYS C 363 7.47 6.12 15.73
N THR C 364 8.50 5.35 16.08
CA THR C 364 8.41 4.43 17.20
C THR C 364 8.50 5.19 18.53
N THR C 365 9.53 6.01 18.68
CA THR C 365 9.70 6.79 19.90
C THR C 365 8.57 7.81 20.02
N LEU C 366 8.13 8.34 18.88
CA LEU C 366 7.07 9.35 18.86
C LEU C 366 5.79 8.79 19.44
N ASP C 367 5.52 7.51 19.15
CA ASP C 367 4.32 6.85 19.66
C ASP C 367 4.36 6.75 21.18
N TYR C 368 5.56 6.69 21.74
CA TYR C 368 5.71 6.64 23.19
C TYR C 368 5.57 8.02 23.81
N TRP C 369 6.20 9.02 23.20
CA TRP C 369 6.09 10.38 23.71
C TRP C 369 4.62 10.78 23.77
N HIS C 370 3.85 10.39 22.77
CA HIS C 370 2.43 10.65 22.72
C HIS C 370 1.70 10.00 23.91
N ASN C 371 2.19 8.84 24.32
CA ASN C 371 1.65 8.14 25.47
C ASN C 371 2.00 8.90 26.76
N LEU C 372 3.20 9.47 26.80
CA LEU C 372 3.69 10.15 28.00
C LEU C 372 3.01 11.48 28.22
N VAL C 373 3.11 12.39 27.24
CA VAL C 373 2.58 13.74 27.41
C VAL C 373 1.08 13.71 27.64
N ALA C 374 0.40 12.71 27.07
CA ALA C 374 -1.03 12.55 27.30
C ALA C 374 -1.27 12.11 28.73
N ASP C 375 -0.35 11.32 29.28
CA ASP C 375 -0.45 10.87 30.66
C ASP C 375 -0.20 12.03 31.62
N LEU C 376 0.69 12.93 31.21
CA LEU C 376 1.03 14.10 32.02
C LEU C 376 -0.02 15.20 31.88
N PHE C 377 -0.84 15.10 30.84
CA PHE C 377 -1.90 16.07 30.59
C PHE C 377 -3.16 15.75 31.40
N TYR C 378 -3.29 14.50 31.84
CA TYR C 378 -4.49 14.07 32.56
C TYR C 378 -4.19 13.66 34.01
N GLU C 379 -3.11 12.91 34.21
CA GLU C 379 -2.81 12.36 35.53
C GLU C 379 -2.19 13.41 36.46
N PRO C 380 -2.75 13.57 37.68
CA PRO C 380 -2.21 14.57 38.63
C PRO C 380 -0.85 14.25 39.23
N LEU C 381 -0.08 15.29 39.56
CA LEU C 381 1.23 15.16 40.20
C LEU C 381 2.18 14.28 39.39
N LYS C 382 2.42 14.65 38.14
CA LYS C 382 3.28 13.87 37.26
C LYS C 382 4.14 14.74 36.36
N LYS C 383 3.57 15.83 35.84
CA LYS C 383 4.27 16.63 34.84
C LYS C 383 5.50 17.32 35.42
N HIS C 384 5.49 17.59 36.72
CA HIS C 384 6.63 18.23 37.36
C HIS C 384 7.87 17.33 37.33
N ILE C 385 7.64 16.03 37.12
CA ILE C 385 8.72 15.05 37.12
C ILE C 385 9.52 15.11 35.82
N TYR C 386 8.82 15.32 34.71
CA TYR C 386 9.43 15.24 33.39
C TYR C 386 9.60 16.62 32.74
N GLU C 387 9.70 17.66 33.55
CA GLU C 387 9.79 19.02 33.01
C GLU C 387 11.05 19.19 32.16
N GLU C 388 12.13 18.51 32.54
CA GLU C 388 13.38 18.57 31.78
C GLU C 388 13.32 17.70 30.53
N ILE C 389 12.73 16.52 30.65
CA ILE C 389 12.54 15.65 29.49
C ILE C 389 11.64 16.34 28.47
N CYS C 390 10.57 16.97 28.96
CA CYS C 390 9.61 17.62 28.07
C CYS C 390 10.22 18.84 27.39
N SER C 391 11.15 19.49 28.06
CA SER C 391 11.80 20.68 27.50
C SER C 391 12.60 20.33 26.26
N GLN C 392 13.42 19.28 26.37
CA GLN C 392 14.22 18.82 25.24
C GLN C 392 13.34 18.29 24.13
N LEU C 393 12.28 17.58 24.51
CA LEU C 393 11.35 16.99 23.55
C LEU C 393 10.72 18.05 22.65
N ARG C 394 10.47 19.23 23.19
CA ARG C 394 9.93 20.34 22.41
C ARG C 394 10.88 20.70 21.28
N LEU C 395 12.15 20.85 21.63
CA LEU C 395 13.18 21.16 20.64
C LEU C 395 13.27 20.07 19.58
N VAL C 396 13.16 18.81 20.01
CA VAL C 396 13.29 17.68 19.09
C VAL C 396 12.18 17.66 18.05
N ILE C 397 10.94 17.86 18.49
CA ILE C 397 9.79 17.78 17.60
C ILE C 397 9.72 18.99 16.67
N ILE C 398 10.10 20.16 17.18
CA ILE C 398 10.10 21.38 16.38
C ILE C 398 11.13 21.28 15.26
N GLU C 399 12.24 20.60 15.53
CA GLU C 399 13.33 20.50 14.57
C GLU C 399 13.12 19.40 13.52
N ASN C 400 12.20 18.48 13.80
CA ASN C 400 11.95 17.34 12.91
C ASN C 400 10.50 17.32 12.40
N MET C 401 9.92 18.51 12.28
CA MET C 401 8.53 18.64 11.81
C MET C 401 8.43 18.43 10.30
N VAL C 402 7.36 17.76 9.87
CA VAL C 402 7.15 17.46 8.44
C VAL C 402 5.95 18.20 7.85
N ARG C 403 5.85 18.18 6.52
CA ARG C 403 4.84 18.95 5.80
C ARG C 403 3.42 18.43 6.03
N PRO C 404 2.47 19.34 6.33
CA PRO C 404 1.07 18.94 6.48
C PRO C 404 0.29 18.97 5.16
N THR C 427 4.83 11.45 5.06
CA THR C 427 3.40 11.22 4.92
C THR C 427 2.61 12.19 5.80
N ILE C 428 1.29 12.18 5.65
CA ILE C 428 0.41 13.07 6.41
C ILE C 428 0.17 12.54 7.82
N GLN C 429 0.17 11.22 7.96
CA GLN C 429 -0.07 10.59 9.25
C GLN C 429 0.96 11.02 10.28
N LEU C 430 2.20 11.20 9.84
CA LEU C 430 3.29 11.57 10.73
C LEU C 430 3.10 12.97 11.31
N TYR C 431 2.69 13.92 10.47
CA TYR C 431 2.49 15.30 10.92
C TYR C 431 1.46 15.38 12.05
N LYS C 432 0.29 14.79 11.82
CA LYS C 432 -0.79 14.82 12.80
C LYS C 432 -0.32 14.24 14.14
N SER C 433 0.52 13.21 14.07
CA SER C 433 1.07 12.61 15.28
C SER C 433 1.96 13.63 15.99
N GLU C 434 2.78 14.33 15.22
CA GLU C 434 3.70 15.32 15.78
C GLU C 434 2.95 16.51 16.36
N ARG C 435 1.96 17.01 15.62
CA ARG C 435 1.15 18.12 16.07
C ARG C 435 0.49 17.78 17.40
N GLU C 436 -0.08 16.57 17.48
CA GLU C 436 -0.82 16.15 18.65
C GLU C 436 0.09 16.07 19.89
N VAL C 437 1.33 15.64 19.68
CA VAL C 437 2.31 15.58 20.76
C VAL C 437 2.78 16.98 21.15
N LEU C 438 2.95 17.82 20.14
CA LEU C 438 3.46 19.18 20.35
C LEU C 438 2.40 20.07 21.00
N VAL C 439 1.13 19.79 20.71
CA VAL C 439 0.04 20.51 21.34
C VAL C 439 0.00 20.20 22.83
N TYR C 440 0.14 18.92 23.16
CA TYR C 440 0.19 18.47 24.53
C TYR C 440 1.33 19.16 25.28
N LEU C 441 2.50 19.22 24.64
CA LEU C 441 3.69 19.80 25.26
C LEU C 441 3.54 21.31 25.47
N THR C 442 2.83 21.98 24.58
CA THR C 442 2.63 23.42 24.71
C THR C 442 1.65 23.70 25.84
N HIS C 443 0.78 22.75 26.13
CA HIS C 443 -0.20 22.88 27.20
C HIS C 443 0.45 22.68 28.56
N LEU C 444 1.43 21.79 28.62
CA LEU C 444 2.14 21.51 29.86
C LEU C 444 3.03 22.68 30.26
N ASN C 445 3.48 23.44 29.27
CA ASN C 445 4.26 24.65 29.51
C ASN C 445 4.28 25.58 28.30
N VAL C 446 3.37 26.55 28.29
CA VAL C 446 3.25 27.49 27.16
C VAL C 446 4.49 28.35 27.03
N ILE C 447 5.00 28.84 28.15
CA ILE C 447 6.11 29.78 28.15
C ILE C 447 7.36 29.17 27.51
N ASP C 448 7.69 27.93 27.90
CA ASP C 448 8.87 27.26 27.37
C ASP C 448 8.78 27.11 25.86
N THR C 449 7.63 26.61 25.39
CA THR C 449 7.41 26.36 23.97
C THR C 449 7.56 27.64 23.17
N GLU C 450 6.92 28.71 23.64
CA GLU C 450 6.96 30.00 22.98
C GLU C 450 8.39 30.52 22.89
N GLU C 451 9.16 30.35 23.96
CA GLU C 451 10.53 30.84 24.02
C GLU C 451 11.41 30.12 23.01
N ILE C 452 11.23 28.81 22.89
CA ILE C 452 12.02 28.00 21.98
C ILE C 452 11.79 28.38 20.51
N MET C 453 10.54 28.69 20.17
CA MET C 453 10.19 29.03 18.79
C MET C 453 10.69 30.42 18.41
N ILE C 454 10.65 31.36 19.34
CA ILE C 454 11.17 32.70 19.09
C ILE C 454 12.69 32.65 18.94
N SER C 455 13.34 31.86 19.78
CA SER C 455 14.79 31.69 19.71
C SER C 455 15.18 31.06 18.38
N LYS C 456 14.45 30.02 17.99
CA LYS C 456 14.64 29.37 16.70
C LYS C 456 14.45 30.39 15.57
N LEU C 457 13.56 31.34 15.79
CA LEU C 457 13.22 32.35 14.79
C LEU C 457 14.24 33.49 14.76
N ALA C 458 14.92 33.70 15.89
CA ALA C 458 15.97 34.71 15.97
C ALA C 458 17.24 34.20 15.29
N ARG C 459 17.50 32.91 15.43
CA ARG C 459 18.65 32.28 14.78
C ARG C 459 18.40 32.08 13.29
N GLN C 460 17.16 32.35 12.85
CA GLN C 460 16.83 32.32 11.43
C GLN C 460 17.12 33.66 10.78
N ILE C 461 16.99 34.72 11.56
CA ILE C 461 17.21 36.08 11.06
C ILE C 461 18.71 36.38 10.93
N ASP C 462 19.50 35.95 11.92
CA ASP C 462 20.94 36.20 11.89
C ASP C 462 21.66 35.30 10.89
N GLY C 463 20.94 34.35 10.31
CA GLY C 463 21.46 33.52 9.24
C GLY C 463 22.33 32.37 9.70
N SER C 464 22.35 32.12 11.01
CA SER C 464 23.15 31.02 11.55
C SER C 464 22.57 29.68 11.12
N GLU C 465 21.27 29.50 11.34
CA GLU C 465 20.57 28.26 10.98
C GLU C 465 19.63 28.48 9.80
N TRP C 466 19.96 29.44 8.96
CA TRP C 466 19.09 29.78 7.82
C TRP C 466 19.19 28.79 6.68
N SER C 467 18.04 28.26 6.29
CA SER C 467 17.94 27.40 5.11
C SER C 467 16.47 27.27 4.77
N TRP C 468 16.17 26.74 3.58
CA TRP C 468 14.80 26.56 3.15
C TRP C 468 14.13 25.42 3.91
N HIS C 469 14.91 24.43 4.33
CA HIS C 469 14.37 23.30 5.06
C HIS C 469 14.05 23.67 6.51
N ASN C 470 14.86 24.56 7.07
CA ASN C 470 14.74 24.91 8.48
C ASN C 470 13.72 26.03 8.72
N ILE C 471 13.54 26.91 7.75
CA ILE C 471 12.55 27.97 7.87
C ILE C 471 11.15 27.40 7.73
N ASN C 472 10.99 26.41 6.85
CA ASN C 472 9.72 25.75 6.65
C ASN C 472 9.35 24.87 7.84
N THR C 473 10.35 24.12 8.32
CA THR C 473 10.16 23.24 9.48
C THR C 473 9.70 24.05 10.68
N LEU C 474 10.27 25.22 10.88
CA LEU C 474 9.93 26.09 11.99
C LEU C 474 8.51 26.66 11.83
N SER C 475 8.18 27.04 10.61
CA SER C 475 6.87 27.61 10.32
C SER C 475 5.76 26.59 10.59
N TRP C 476 5.98 25.36 10.14
CA TRP C 476 5.02 24.29 10.32
C TRP C 476 4.76 24.02 11.80
N ALA C 477 5.82 24.07 12.60
CA ALA C 477 5.71 23.87 14.04
C ALA C 477 4.93 25.00 14.70
N ILE C 478 5.18 26.22 14.24
CA ILE C 478 4.51 27.39 14.78
C ILE C 478 3.02 27.36 14.48
N GLY C 479 2.66 26.77 13.34
CA GLY C 479 1.28 26.71 12.92
C GLY C 479 0.50 25.55 13.51
N SER C 480 1.22 24.56 14.02
CA SER C 480 0.59 23.33 14.50
C SER C 480 0.02 23.50 15.91
N ILE C 481 0.63 24.37 16.70
CA ILE C 481 0.18 24.57 18.09
C ILE C 481 -0.96 25.60 18.17
N SER C 482 -1.59 25.89 17.05
CA SER C 482 -2.69 26.85 17.02
C SER C 482 -3.82 26.44 17.97
N GLY C 483 -4.41 27.42 18.64
CA GLY C 483 -5.54 27.18 19.52
C GLY C 483 -5.17 26.58 20.86
N THR C 484 -3.88 26.54 21.17
CA THR C 484 -3.41 25.96 22.41
C THR C 484 -3.14 27.03 23.47
N MET C 485 -2.85 28.25 23.01
CA MET C 485 -2.60 29.38 23.91
C MET C 485 -3.88 30.15 24.19
N SER C 486 -3.80 31.10 25.12
CA SER C 486 -4.88 32.04 25.34
C SER C 486 -4.92 33.01 24.17
N GLU C 487 -6.09 33.58 23.91
CA GLU C 487 -6.25 34.47 22.77
C GLU C 487 -5.34 35.69 22.89
N ASP C 488 -5.09 36.11 24.12
CA ASP C 488 -4.23 37.27 24.39
C ASP C 488 -2.76 36.92 24.14
N THR C 489 -2.31 35.84 24.75
CA THR C 489 -0.92 35.40 24.61
C THR C 489 -0.62 35.03 23.16
N GLU C 490 -1.66 34.56 22.47
CA GLU C 490 -1.54 34.20 21.06
C GLU C 490 -1.32 35.43 20.20
N LYS C 491 -2.06 36.50 20.50
CA LYS C 491 -1.91 37.77 19.80
C LYS C 491 -0.48 38.28 19.89
N ARG C 492 0.04 38.41 21.11
CA ARG C 492 1.40 38.87 21.32
C ARG C 492 2.39 37.96 20.59
N PHE C 493 2.06 36.67 20.54
CA PHE C 493 2.93 35.68 19.91
C PHE C 493 2.90 35.76 18.39
N VAL C 494 1.70 35.78 17.80
CA VAL C 494 1.56 35.82 16.35
C VAL C 494 2.21 37.07 15.77
N VAL C 495 1.97 38.23 16.40
CA VAL C 495 2.56 39.48 15.93
C VAL C 495 4.07 39.39 15.87
N THR C 496 4.67 38.89 16.95
CA THR C 496 6.11 38.73 17.01
C THR C 496 6.64 37.82 15.90
N VAL C 497 5.85 36.81 15.55
CA VAL C 497 6.23 35.87 14.49
C VAL C 497 6.10 36.50 13.11
N ILE C 498 4.95 37.11 12.83
CA ILE C 498 4.70 37.72 11.53
C ILE C 498 5.61 38.92 11.30
N LYS C 499 5.97 39.63 12.38
CA LYS C 499 6.91 40.74 12.27
C LYS C 499 8.28 40.24 11.85
N ASP C 500 8.79 39.23 12.57
CA ASP C 500 10.10 38.67 12.29
C ASP C 500 10.17 38.08 10.89
N LEU C 501 9.07 37.48 10.43
CA LEU C 501 9.02 36.87 9.11
C LEU C 501 8.96 37.91 8.00
N LEU C 502 8.23 39.01 8.24
CA LEU C 502 8.16 40.10 7.27
C LEU C 502 9.49 40.85 7.21
N GLY C 503 10.18 40.92 8.34
CA GLY C 503 11.49 41.52 8.40
C GLY C 503 12.52 40.63 7.72
N LEU C 504 12.22 39.34 7.67
CA LEU C 504 13.09 38.35 7.04
C LEU C 504 12.89 38.38 5.53
N CYS C 505 11.67 38.66 5.08
CA CYS C 505 11.36 38.71 3.67
C CYS C 505 12.01 39.91 3.01
N GLU C 506 12.08 41.02 3.75
CA GLU C 506 12.76 42.22 3.28
C GLU C 506 14.26 42.01 3.20
N GLN C 507 14.77 41.21 4.14
CA GLN C 507 16.21 40.94 4.24
C GLN C 507 16.75 40.24 2.98
N LYS C 508 16.04 39.22 2.53
CA LYS C 508 16.46 38.46 1.35
C LYS C 508 16.23 39.27 0.09
N ARG C 509 17.04 39.00 -0.94
CA ARG C 509 16.97 39.74 -2.20
C ARG C 509 16.66 38.81 -3.37
N GLY C 510 16.90 37.52 -3.19
CA GLY C 510 16.61 36.53 -4.21
C GLY C 510 15.11 36.36 -4.40
N LYS C 511 14.67 36.33 -5.65
CA LYS C 511 13.25 36.22 -5.96
C LYS C 511 12.71 34.86 -5.52
N ASP C 512 13.60 33.87 -5.43
CA ASP C 512 13.24 32.54 -4.94
C ASP C 512 13.17 32.54 -3.43
N ASN C 513 14.15 33.18 -2.78
CA ASN C 513 14.19 33.28 -1.33
C ASN C 513 12.96 33.98 -0.78
N LYS C 514 12.48 35.00 -1.48
CA LYS C 514 11.29 35.74 -1.07
C LYS C 514 10.03 34.90 -1.22
N ALA C 515 10.06 33.94 -2.14
CA ALA C 515 8.90 33.07 -2.36
C ALA C 515 8.72 32.09 -1.21
N VAL C 516 9.83 31.65 -0.65
CA VAL C 516 9.80 30.69 0.46
C VAL C 516 9.21 31.32 1.72
N VAL C 517 9.61 32.56 2.00
CA VAL C 517 9.14 33.25 3.19
C VAL C 517 7.68 33.64 3.06
N ALA C 518 7.30 34.14 1.90
CA ALA C 518 5.93 34.58 1.65
C ALA C 518 4.93 33.43 1.86
N SER C 519 5.34 32.23 1.48
CA SER C 519 4.49 31.05 1.63
C SER C 519 4.28 30.71 3.10
N ASP C 520 5.36 30.81 3.88
CA ASP C 520 5.31 30.49 5.31
C ASP C 520 4.46 31.50 6.08
N ILE C 521 4.61 32.78 5.73
CA ILE C 521 3.81 33.82 6.37
C ILE C 521 2.33 33.58 6.10
N MET C 522 2.02 33.11 4.89
CA MET C 522 0.64 32.83 4.51
C MET C 522 0.14 31.51 5.09
N TYR C 523 1.05 30.55 5.29
CA TYR C 523 0.67 29.30 5.92
C TYR C 523 0.31 29.53 7.39
N VAL C 524 1.13 30.33 8.07
CA VAL C 524 0.93 30.59 9.50
C VAL C 524 -0.40 31.30 9.76
N VAL C 525 -0.65 32.38 9.04
CA VAL C 525 -1.91 33.11 9.22
C VAL C 525 -3.10 32.20 8.90
N GLY C 526 -2.87 31.24 8.00
CA GLY C 526 -3.90 30.27 7.66
C GLY C 526 -4.18 29.32 8.81
N GLN C 527 -3.24 29.19 9.73
CA GLN C 527 -3.39 28.28 10.87
C GLN C 527 -4.01 28.96 12.09
N TYR C 528 -4.04 30.28 12.08
CA TYR C 528 -4.59 31.07 13.19
C TYR C 528 -5.82 31.85 12.77
N PRO C 529 -6.95 31.14 12.55
CA PRO C 529 -8.19 31.78 12.12
C PRO C 529 -8.82 32.63 13.23
N ARG C 530 -8.60 32.24 14.48
CA ARG C 530 -9.11 33.00 15.62
C ARG C 530 -8.55 34.42 15.60
N PHE C 531 -7.27 34.54 15.26
CA PHE C 531 -6.62 35.84 15.16
C PHE C 531 -7.21 36.66 14.02
N LEU C 532 -7.52 35.99 12.92
CA LEU C 532 -8.10 36.66 11.75
C LEU C 532 -9.52 37.14 12.02
N LYS C 533 -10.28 36.35 12.79
CA LYS C 533 -11.65 36.71 13.11
C LYS C 533 -11.74 38.00 13.90
N ALA C 534 -10.82 38.19 14.84
CA ALA C 534 -10.85 39.32 15.75
C ALA C 534 -10.47 40.63 15.04
N HIS C 535 -9.58 40.54 14.06
CA HIS C 535 -9.01 41.71 13.41
C HIS C 535 -9.33 41.74 11.92
N TRP C 536 -10.40 42.44 11.57
CA TRP C 536 -10.87 42.49 10.20
C TRP C 536 -9.88 43.16 9.27
N ASN C 537 -9.38 44.33 9.68
CA ASN C 537 -8.47 45.10 8.84
C ASN C 537 -7.25 44.28 8.44
N PHE C 538 -6.75 43.48 9.36
CA PHE C 538 -5.63 42.61 9.07
C PHE C 538 -6.06 41.50 8.11
N LEU C 539 -7.21 40.89 8.39
CA LEU C 539 -7.74 39.85 7.54
C LEU C 539 -7.93 40.36 6.11
N ARG C 540 -8.46 41.57 5.99
CA ARG C 540 -8.68 42.19 4.68
C ARG C 540 -7.37 42.36 3.94
N THR C 541 -6.33 42.78 4.65
CA THR C 541 -5.01 42.96 4.07
C THR C 541 -4.49 41.65 3.47
N VAL C 542 -4.61 40.56 4.23
CA VAL C 542 -4.16 39.25 3.77
C VAL C 542 -4.81 38.86 2.45
N ILE C 543 -6.14 38.83 2.45
CA ILE C 543 -6.90 38.43 1.27
C ILE C 543 -6.57 39.31 0.07
N LEU C 544 -6.46 40.62 0.30
CA LEU C 544 -6.10 41.55 -0.76
C LEU C 544 -4.70 41.26 -1.28
N LYS C 545 -3.84 40.73 -0.42
CA LYS C 545 -2.47 40.41 -0.82
C LYS C 545 -2.42 39.08 -1.55
N LEU C 546 -3.31 38.17 -1.19
CA LEU C 546 -3.43 36.90 -1.91
C LEU C 546 -3.85 37.16 -3.35
N PHE C 547 -4.76 38.12 -3.53
CA PHE C 547 -5.22 38.50 -4.85
C PHE C 547 -4.07 39.09 -5.67
N GLU C 548 -3.15 39.78 -5.00
CA GLU C 548 -1.97 40.32 -5.68
C GLU C 548 -1.02 39.19 -6.08
N PHE C 549 -1.02 38.10 -5.33
CA PHE C 549 -0.18 36.95 -5.63
C PHE C 549 -0.80 36.09 -6.73
N MET C 550 -2.11 36.25 -6.95
CA MET C 550 -2.80 35.49 -7.99
C MET C 550 -2.42 36.01 -9.38
N HIS C 551 -1.63 37.08 -9.42
CA HIS C 551 -1.10 37.62 -10.67
C HIS C 551 0.40 37.33 -10.80
N GLU C 552 1.00 36.83 -9.72
CA GLU C 552 2.43 36.50 -9.73
C GLU C 552 2.70 35.28 -10.62
N THR C 553 3.80 35.35 -11.37
CA THR C 553 4.11 34.33 -12.37
C THR C 553 5.05 33.25 -11.84
N HIS C 554 5.73 33.52 -10.73
CA HIS C 554 6.68 32.57 -10.16
C HIS C 554 5.98 31.26 -9.79
N GLU C 555 6.68 30.14 -10.00
CA GLU C 555 6.11 28.82 -9.80
C GLU C 555 5.62 28.59 -8.37
N GLY C 556 4.37 28.13 -8.25
CA GLY C 556 3.82 27.73 -6.98
C GLY C 556 3.10 28.83 -6.21
N VAL C 557 3.45 30.07 -6.52
CA VAL C 557 2.89 31.21 -5.79
C VAL C 557 1.38 31.31 -5.99
N GLN C 558 0.93 31.07 -7.21
CA GLN C 558 -0.50 31.15 -7.53
C GLN C 558 -1.28 30.05 -6.84
N ASP C 559 -0.73 28.84 -6.81
CA ASP C 559 -1.37 27.73 -6.12
C ASP C 559 -1.38 27.98 -4.61
N MET C 560 -0.31 28.57 -4.10
CA MET C 560 -0.21 28.89 -2.69
C MET C 560 -1.25 29.96 -2.32
N ALA C 561 -1.45 30.90 -3.21
CA ALA C 561 -2.39 32.00 -2.98
C ALA C 561 -3.84 31.49 -2.96
N CYS C 562 -4.14 30.55 -3.85
CA CYS C 562 -5.50 30.01 -3.93
C CYS C 562 -5.77 29.02 -2.81
N ASP C 563 -4.77 28.24 -2.44
CA ASP C 563 -4.90 27.30 -1.34
C ASP C 563 -5.15 28.01 -0.02
N THR C 564 -4.35 29.03 0.25
CA THR C 564 -4.50 29.82 1.47
C THR C 564 -5.85 30.55 1.47
N PHE C 565 -6.26 30.99 0.28
CA PHE C 565 -7.51 31.74 0.15
C PHE C 565 -8.70 30.90 0.59
N ILE C 566 -8.87 29.74 -0.03
CA ILE C 566 -9.99 28.87 0.29
C ILE C 566 -9.84 28.32 1.73
N LYS C 567 -8.60 28.13 2.16
CA LYS C 567 -8.33 27.63 3.51
C LYS C 567 -8.83 28.61 4.56
N ILE C 568 -8.65 29.89 4.30
CA ILE C 568 -9.10 30.94 5.21
C ILE C 568 -10.62 31.12 5.13
N VAL C 569 -11.16 31.02 3.92
CA VAL C 569 -12.59 31.19 3.71
C VAL C 569 -13.41 30.14 4.47
N GLN C 570 -12.89 28.92 4.56
CA GLN C 570 -13.57 27.84 5.28
C GLN C 570 -13.73 28.14 6.77
N LYS C 571 -12.71 28.77 7.34
CA LYS C 571 -12.64 29.00 8.78
C LYS C 571 -13.22 30.37 9.18
N CYS C 572 -13.38 31.26 8.21
CA CYS C 572 -13.84 32.62 8.47
C CYS C 572 -14.96 33.04 7.51
N LYS C 573 -15.71 32.07 7.02
CA LYS C 573 -16.79 32.31 6.07
C LYS C 573 -17.82 33.33 6.58
N TYR C 574 -17.91 33.48 7.90
CA TYR C 574 -18.91 34.36 8.49
C TYR C 574 -18.50 35.84 8.40
N HIS C 575 -17.20 36.10 8.29
CA HIS C 575 -16.71 37.47 8.26
C HIS C 575 -16.72 38.06 6.86
N PHE C 576 -17.03 37.22 5.86
CA PHE C 576 -17.11 37.67 4.48
C PHE C 576 -18.56 37.94 4.07
N VAL C 577 -19.50 37.45 4.86
CA VAL C 577 -20.92 37.56 4.50
C VAL C 577 -21.61 38.70 5.23
N ILE C 578 -21.14 39.04 6.43
CA ILE C 578 -21.72 40.14 7.20
C ILE C 578 -21.07 41.48 6.84
N GLN C 579 -21.74 42.56 7.24
CA GLN C 579 -21.26 43.91 6.98
C GLN C 579 -20.31 44.31 8.10
N GLN C 580 -19.03 44.49 7.73
CA GLN C 580 -18.03 44.90 8.71
C GLN C 580 -18.18 46.39 9.00
N PRO C 581 -17.94 46.80 10.27
CA PRO C 581 -18.19 48.19 10.69
C PRO C 581 -17.48 49.24 9.83
N ARG C 582 -16.22 49.00 9.48
CA ARG C 582 -15.41 49.98 8.75
C ARG C 582 -15.52 49.82 7.24
N GLU C 583 -16.53 49.07 6.80
CA GLU C 583 -16.77 48.82 5.38
C GLU C 583 -18.18 49.25 5.00
N SER C 584 -18.40 49.43 3.70
CA SER C 584 -19.69 49.87 3.19
C SER C 584 -20.58 48.68 2.81
N GLU C 585 -19.98 47.50 2.72
CA GLU C 585 -20.72 46.31 2.30
C GLU C 585 -20.00 45.02 2.70
N PRO C 586 -20.73 43.88 2.67
CA PRO C 586 -20.11 42.57 2.88
C PRO C 586 -18.98 42.31 1.89
N PHE C 587 -17.84 41.84 2.38
CA PHE C 587 -16.64 41.75 1.56
C PHE C 587 -16.80 40.75 0.41
N ILE C 588 -17.78 39.87 0.51
CA ILE C 588 -18.02 38.89 -0.56
C ILE C 588 -18.38 39.59 -1.87
N GLN C 589 -19.16 40.67 -1.77
CA GLN C 589 -19.59 41.40 -2.95
C GLN C 589 -18.41 42.03 -3.66
N THR C 590 -17.47 42.58 -2.89
CA THR C 590 -16.28 43.21 -3.45
C THR C 590 -15.43 42.22 -4.23
N ILE C 591 -15.37 40.98 -3.76
CA ILE C 591 -14.61 39.94 -4.42
C ILE C 591 -15.22 39.60 -5.78
N ILE C 592 -16.55 39.49 -5.81
CA ILE C 592 -17.25 39.14 -7.04
C ILE C 592 -17.10 40.23 -8.10
N ARG C 593 -17.06 41.49 -7.67
CA ARG C 593 -16.93 42.61 -8.59
C ARG C 593 -15.65 42.49 -9.40
N ASP C 594 -14.53 42.33 -8.71
CA ASP C 594 -13.23 42.26 -9.37
C ASP C 594 -12.75 40.83 -9.55
N ILE C 595 -13.69 39.89 -9.58
CA ILE C 595 -13.32 38.47 -9.68
C ILE C 595 -12.60 38.20 -11.00
N GLN C 596 -13.01 38.90 -12.05
CA GLN C 596 -12.40 38.74 -13.35
C GLN C 596 -10.96 39.25 -13.32
N LYS C 597 -10.78 40.43 -12.77
CA LYS C 597 -9.45 41.04 -12.66
C LYS C 597 -8.58 40.22 -11.71
N THR C 598 -9.19 39.63 -10.69
CA THR C 598 -8.45 38.84 -9.72
C THR C 598 -7.95 37.53 -10.33
N THR C 599 -8.86 36.82 -11.01
CA THR C 599 -8.56 35.48 -11.52
C THR C 599 -8.10 35.50 -12.97
N ALA C 600 -7.56 36.63 -13.42
CA ALA C 600 -7.20 36.81 -14.82
C ALA C 600 -6.02 35.94 -15.25
N ASP C 601 -4.98 35.89 -14.41
CA ASP C 601 -3.75 35.19 -14.75
C ASP C 601 -3.68 33.79 -14.15
N LEU C 602 -4.82 33.27 -13.69
CA LEU C 602 -4.87 31.96 -13.07
C LEU C 602 -5.16 30.86 -14.09
N GLN C 603 -4.72 29.64 -13.77
CA GLN C 603 -5.02 28.48 -14.59
C GLN C 603 -6.47 28.07 -14.36
N PRO C 604 -7.07 27.36 -15.32
CA PRO C 604 -8.47 26.92 -15.21
C PRO C 604 -8.80 26.25 -13.87
N GLN C 605 -7.87 25.48 -13.33
CA GLN C 605 -8.10 24.83 -12.04
C GLN C 605 -8.10 25.84 -10.90
N GLN C 606 -7.14 26.76 -10.93
CA GLN C 606 -7.00 27.77 -9.89
C GLN C 606 -8.23 28.67 -9.85
N VAL C 607 -8.86 28.87 -11.00
CA VAL C 607 -10.09 29.65 -11.08
C VAL C 607 -11.24 28.88 -10.43
N HIS C 608 -11.31 27.58 -10.71
CA HIS C 608 -12.36 26.74 -10.13
C HIS C 608 -12.30 26.75 -8.62
N THR C 609 -11.09 26.71 -8.07
CA THR C 609 -10.90 26.75 -6.62
C THR C 609 -11.36 28.08 -6.05
N PHE C 610 -11.12 29.15 -6.80
CA PHE C 610 -11.54 30.49 -6.39
C PHE C 610 -13.06 30.59 -6.36
N TYR C 611 -13.70 30.14 -7.44
CA TYR C 611 -15.15 30.12 -7.50
C TYR C 611 -15.73 29.21 -6.42
N LYS C 612 -15.02 28.12 -6.13
CA LYS C 612 -15.46 27.19 -5.08
C LYS C 612 -15.44 27.89 -3.73
N ALA C 613 -14.35 28.61 -3.45
CA ALA C 613 -14.21 29.33 -2.19
C ALA C 613 -15.32 30.36 -2.03
N CYS C 614 -15.61 31.09 -3.11
CA CYS C 614 -16.71 32.06 -3.10
C CYS C 614 -18.03 31.36 -2.77
N GLY C 615 -18.17 30.13 -3.24
CA GLY C 615 -19.38 29.36 -2.98
C GLY C 615 -19.54 29.03 -1.51
N ILE C 616 -18.42 28.83 -0.81
CA ILE C 616 -18.43 28.55 0.61
C ILE C 616 -18.97 29.76 1.38
N ILE C 617 -18.63 30.96 0.90
CA ILE C 617 -19.06 32.19 1.54
C ILE C 617 -20.56 32.41 1.30
N ILE C 618 -20.99 32.31 0.05
CA ILE C 618 -22.37 32.58 -0.32
C ILE C 618 -23.33 31.64 0.41
N SER C 619 -22.84 30.45 0.73
CA SER C 619 -23.68 29.43 1.36
C SER C 619 -24.06 29.83 2.79
N GLU C 620 -23.29 30.75 3.37
CA GLU C 620 -23.54 31.19 4.74
C GLU C 620 -24.68 32.21 4.83
N GLU C 621 -24.94 32.91 3.73
CA GLU C 621 -26.05 33.86 3.69
C GLU C 621 -27.38 33.13 3.85
N ARG C 622 -28.03 33.34 4.98
CA ARG C 622 -29.25 32.61 5.32
C ARG C 622 -30.50 33.23 4.67
N SER C 623 -30.38 34.46 4.20
CA SER C 623 -31.47 35.10 3.45
C SER C 623 -31.54 34.53 2.05
N VAL C 624 -32.68 33.94 1.70
CA VAL C 624 -32.85 33.27 0.41
C VAL C 624 -32.66 34.22 -0.77
N ALA C 625 -33.28 35.39 -0.70
CA ALA C 625 -33.21 36.36 -1.79
C ALA C 625 -31.79 36.89 -1.99
N GLU C 626 -31.08 37.09 -0.88
CA GLU C 626 -29.72 37.63 -0.92
C GLU C 626 -28.72 36.59 -1.39
N ARG C 627 -28.92 35.34 -0.95
CA ARG C 627 -28.04 34.24 -1.32
C ARG C 627 -28.12 33.97 -2.82
N ASN C 628 -29.32 34.01 -3.36
CA ASN C 628 -29.54 33.75 -4.78
C ASN C 628 -28.98 34.88 -5.65
N ARG C 629 -28.96 36.09 -5.12
CA ARG C 629 -28.45 37.23 -5.87
C ARG C 629 -26.93 37.17 -5.97
N LEU C 630 -26.28 36.72 -4.90
CA LEU C 630 -24.83 36.56 -4.89
C LEU C 630 -24.42 35.46 -5.86
N LEU C 631 -25.28 34.46 -5.99
CA LEU C 631 -25.01 33.34 -6.88
C LEU C 631 -25.09 33.79 -8.34
N SER C 632 -26.04 34.67 -8.64
CA SER C 632 -26.20 35.19 -9.99
C SER C 632 -24.99 36.03 -10.41
N ASP C 633 -24.40 36.72 -9.44
CA ASP C 633 -23.27 37.60 -9.71
C ASP C 633 -21.97 36.81 -9.84
N LEU C 634 -21.84 35.75 -9.04
CA LEU C 634 -20.67 34.89 -9.11
C LEU C 634 -20.60 34.17 -10.44
N MET C 635 -21.74 33.60 -10.84
CA MET C 635 -21.81 32.80 -12.06
C MET C 635 -22.05 33.67 -13.30
N GLN C 636 -21.76 34.96 -13.18
CA GLN C 636 -21.99 35.90 -14.26
C GLN C 636 -21.15 35.57 -15.49
N LEU C 637 -19.85 35.37 -15.28
CA LEU C 637 -18.94 35.10 -16.39
C LEU C 637 -19.28 33.78 -17.09
N PRO C 638 -19.35 32.67 -16.33
CA PRO C 638 -19.66 31.40 -17.01
C PRO C 638 -21.03 31.39 -17.68
N ASN C 639 -22.02 32.07 -17.10
CA ASN C 639 -23.35 32.12 -17.70
C ASN C 639 -23.36 32.89 -19.00
N MET C 640 -22.53 33.93 -19.11
CA MET C 640 -22.44 34.71 -20.34
C MET C 640 -21.73 33.91 -21.42
N ALA C 641 -20.63 33.24 -21.04
CA ALA C 641 -19.91 32.36 -21.96
C ALA C 641 -20.82 31.23 -22.40
N TRP C 642 -21.54 30.67 -21.43
CA TRP C 642 -22.48 29.57 -21.67
C TRP C 642 -23.54 29.94 -22.70
N ASP C 643 -24.31 30.99 -22.42
CA ASP C 643 -25.37 31.43 -23.33
C ASP C 643 -24.83 31.72 -24.73
N THR C 644 -23.59 32.21 -24.79
CA THR C 644 -22.95 32.49 -26.06
C THR C 644 -22.65 31.20 -26.82
N ILE C 645 -22.05 30.24 -26.13
CA ILE C 645 -21.73 28.95 -26.74
C ILE C 645 -22.99 28.21 -27.16
N VAL C 646 -23.97 28.14 -26.26
CA VAL C 646 -25.21 27.42 -26.53
C VAL C 646 -25.94 28.00 -27.74
N GLU C 647 -25.82 29.31 -27.93
CA GLU C 647 -26.41 29.96 -29.09
C GLU C 647 -25.65 29.58 -30.36
N GLN C 648 -24.32 29.60 -30.28
CA GLN C 648 -23.48 29.29 -31.42
C GLN C 648 -23.35 27.79 -31.65
N SER C 649 -23.58 27.00 -30.61
CA SER C 649 -23.42 25.55 -30.68
C SER C 649 -24.52 24.90 -31.52
N THR C 650 -25.76 25.37 -31.33
CA THR C 650 -26.89 24.84 -32.08
C THR C 650 -26.93 25.40 -33.50
N ALA C 651 -26.40 26.61 -33.66
CA ALA C 651 -26.37 27.26 -34.96
C ALA C 651 -25.37 26.59 -35.89
N ASN C 652 -24.23 26.18 -35.35
CA ASN C 652 -23.17 25.55 -36.12
C ASN C 652 -22.57 24.37 -35.33
N PRO C 653 -23.25 23.20 -35.38
CA PRO C 653 -22.87 22.03 -34.59
C PRO C 653 -21.44 21.55 -34.77
N THR C 654 -20.77 21.98 -35.84
CA THR C 654 -19.40 21.55 -36.10
C THR C 654 -18.39 22.34 -35.25
N LEU C 655 -18.89 23.26 -34.42
CA LEU C 655 -18.03 24.01 -33.52
C LEU C 655 -17.51 23.13 -32.39
N LEU C 656 -18.15 21.98 -32.18
CA LEU C 656 -17.72 21.05 -31.15
C LEU C 656 -16.44 20.30 -31.54
N LEU C 657 -16.07 20.42 -32.81
CA LEU C 657 -14.81 19.86 -33.28
C LEU C 657 -13.64 20.78 -32.94
N ASP C 658 -13.95 22.04 -32.67
CA ASP C 658 -12.95 23.02 -32.26
C ASP C 658 -12.49 22.72 -30.85
N SER C 659 -11.18 22.54 -30.68
CA SER C 659 -10.61 22.22 -29.38
C SER C 659 -10.87 23.33 -28.37
N GLU C 660 -10.64 24.57 -28.78
CA GLU C 660 -10.80 25.71 -27.89
C GLU C 660 -12.23 25.82 -27.36
N THR C 661 -13.19 25.51 -28.22
CA THR C 661 -14.60 25.55 -27.83
C THR C 661 -14.89 24.48 -26.78
N VAL C 662 -14.45 23.26 -27.04
CA VAL C 662 -14.63 22.15 -26.11
C VAL C 662 -14.00 22.49 -24.76
N LYS C 663 -12.86 23.17 -24.78
CA LYS C 663 -12.18 23.58 -23.55
C LYS C 663 -13.02 24.57 -22.75
N ILE C 664 -13.47 25.63 -23.42
CA ILE C 664 -14.32 26.63 -22.79
C ILE C 664 -15.53 25.99 -22.13
N ILE C 665 -16.22 25.13 -22.87
CA ILE C 665 -17.40 24.44 -22.36
C ILE C 665 -17.09 23.62 -21.12
N ALA C 666 -16.01 22.84 -21.18
CA ALA C 666 -15.65 21.97 -20.05
C ALA C 666 -15.39 22.80 -18.80
N ASN C 667 -14.69 23.92 -18.96
CA ASN C 667 -14.38 24.79 -17.83
C ASN C 667 -15.62 25.45 -17.25
N ILE C 668 -16.60 25.75 -18.10
CA ILE C 668 -17.85 26.32 -17.64
C ILE C 668 -18.57 25.34 -16.72
N ILE C 669 -18.60 24.07 -17.13
CA ILE C 669 -19.24 23.04 -16.33
C ILE C 669 -18.45 22.79 -15.06
N LYS C 670 -17.12 22.69 -15.18
CA LYS C 670 -16.27 22.49 -14.01
C LYS C 670 -16.44 23.61 -12.99
N THR C 671 -16.63 24.84 -13.49
CA THR C 671 -16.89 25.97 -12.62
C THR C 671 -18.22 25.79 -11.89
N ASN C 672 -19.18 25.18 -12.58
CA ASN C 672 -20.47 24.88 -11.98
C ASN C 672 -20.37 23.75 -10.95
N VAL C 673 -19.57 22.73 -11.28
CA VAL C 673 -19.34 21.62 -10.35
C VAL C 673 -18.67 22.14 -9.09
N ALA C 674 -17.70 23.03 -9.28
CA ALA C 674 -16.93 23.61 -8.17
C ALA C 674 -17.85 24.33 -7.18
N VAL C 675 -18.64 25.27 -7.69
CA VAL C 675 -19.54 26.04 -6.83
C VAL C 675 -20.61 25.15 -6.21
N CYS C 676 -21.15 24.23 -7.01
CA CYS C 676 -22.20 23.32 -6.54
C CYS C 676 -21.69 22.44 -5.40
N THR C 677 -20.39 22.16 -5.40
CA THR C 677 -19.79 21.39 -4.32
C THR C 677 -19.91 22.15 -3.00
N SER C 678 -19.59 23.45 -3.04
CA SER C 678 -19.61 24.28 -1.86
C SER C 678 -21.03 24.51 -1.34
N MET C 679 -21.97 24.70 -2.27
CA MET C 679 -23.29 25.21 -1.94
C MET C 679 -24.35 24.11 -1.81
N GLY C 680 -24.15 22.99 -2.51
CA GLY C 680 -25.06 21.88 -2.43
C GLY C 680 -26.48 22.23 -2.84
N ALA C 681 -27.41 22.07 -1.90
CA ALA C 681 -28.83 22.30 -2.18
C ALA C 681 -29.11 23.75 -2.57
N ASP C 682 -28.25 24.66 -2.14
CA ASP C 682 -28.43 26.08 -2.43
C ASP C 682 -27.98 26.43 -3.85
N PHE C 683 -27.61 25.42 -4.63
CA PHE C 683 -27.12 25.63 -5.99
C PHE C 683 -28.25 25.44 -7.02
N TYR C 684 -29.41 24.97 -6.55
CA TYR C 684 -30.53 24.63 -7.41
C TYR C 684 -30.94 25.75 -8.38
N PRO C 685 -30.96 27.01 -7.90
CA PRO C 685 -31.34 28.10 -8.81
C PRO C 685 -30.40 28.26 -10.01
N GLN C 686 -29.11 28.03 -9.81
CA GLN C 686 -28.13 28.12 -10.90
C GLN C 686 -28.27 26.94 -11.84
N LEU C 687 -28.51 25.76 -11.28
CA LEU C 687 -28.66 24.55 -12.06
C LEU C 687 -29.79 24.69 -13.08
N GLY C 688 -30.93 25.21 -12.61
CA GLY C 688 -32.10 25.37 -13.47
C GLY C 688 -31.87 26.32 -14.63
N HIS C 689 -30.97 27.28 -14.45
CA HIS C 689 -30.68 28.25 -15.49
C HIS C 689 -30.04 27.59 -16.71
N ILE C 690 -29.36 26.47 -16.48
CA ILE C 690 -28.58 25.81 -17.54
C ILE C 690 -29.01 24.35 -17.78
N TYR C 691 -29.89 23.82 -16.93
CA TYR C 691 -30.18 22.39 -16.93
C TYR C 691 -30.67 21.84 -18.26
N TYR C 692 -31.69 22.48 -18.83
CA TYR C 692 -32.30 21.97 -20.06
C TYR C 692 -31.34 22.06 -21.25
N ASN C 693 -30.59 23.16 -21.33
CA ASN C 693 -29.60 23.31 -22.39
C ASN C 693 -28.40 22.40 -22.18
N MET C 694 -28.08 22.12 -20.92
CA MET C 694 -26.94 21.29 -20.59
C MET C 694 -27.16 19.85 -21.01
N LEU C 695 -28.41 19.38 -20.88
CA LEU C 695 -28.77 18.04 -21.33
C LEU C 695 -28.93 17.99 -22.85
N GLN C 696 -29.31 19.13 -23.43
CA GLN C 696 -29.34 19.25 -24.89
C GLN C 696 -27.92 19.16 -25.44
N LEU C 697 -26.98 19.75 -24.72
CA LEU C 697 -25.57 19.66 -25.08
C LEU C 697 -25.08 18.22 -24.96
N TYR C 698 -25.51 17.56 -23.89
CA TYR C 698 -25.16 16.16 -23.66
C TYR C 698 -25.59 15.28 -24.83
N ARG C 699 -26.68 15.67 -25.49
CA ARG C 699 -27.22 14.92 -26.62
C ARG C 699 -26.45 15.22 -27.90
N ALA C 700 -26.07 16.48 -28.09
CA ALA C 700 -25.32 16.88 -29.27
C ALA C 700 -23.92 16.33 -29.24
N VAL C 701 -23.31 16.36 -28.06
CA VAL C 701 -21.96 15.83 -27.87
C VAL C 701 -21.95 14.33 -28.12
N SER C 702 -22.98 13.64 -27.66
CA SER C 702 -23.08 12.19 -27.84
C SER C 702 -23.15 11.82 -29.31
N SER C 703 -23.90 12.60 -30.08
CA SER C 703 -24.04 12.37 -31.52
C SER C 703 -22.71 12.57 -32.22
N MET C 704 -21.95 13.57 -31.76
CA MET C 704 -20.68 13.92 -32.37
C MET C 704 -19.67 12.79 -32.21
N ILE C 705 -19.67 12.15 -31.04
CA ILE C 705 -18.79 11.03 -30.77
C ILE C 705 -19.16 9.83 -31.67
N SER C 706 -20.45 9.50 -31.71
CA SER C 706 -20.93 8.39 -32.52
C SER C 706 -20.59 8.60 -34.00
N ALA C 707 -20.68 9.84 -34.46
CA ALA C 707 -20.34 10.17 -35.84
C ALA C 707 -18.84 10.01 -36.08
N GLN C 708 -18.07 10.16 -35.02
CA GLN C 708 -16.62 10.09 -35.10
C GLN C 708 -16.14 8.64 -35.07
N VAL C 709 -16.73 7.83 -34.20
CA VAL C 709 -16.39 6.41 -34.09
C VAL C 709 -16.75 5.67 -35.37
N ALA C 710 -17.79 6.14 -36.06
CA ALA C 710 -18.25 5.51 -37.29
C ALA C 710 -17.39 5.92 -38.49
N ALA C 711 -16.77 7.09 -38.39
CA ALA C 711 -16.02 7.67 -39.51
C ALA C 711 -14.51 7.49 -39.35
N GLU C 712 -14.06 7.02 -38.19
CA GLU C 712 -12.64 6.85 -37.91
C GLU C 712 -12.34 5.49 -37.25
N GLY C 713 -13.34 4.92 -36.59
CA GLY C 713 -13.18 3.64 -35.91
C GLY C 713 -13.13 3.79 -34.41
N LEU C 714 -12.81 2.71 -33.72
CA LEU C 714 -12.75 2.72 -32.26
C LEU C 714 -11.53 3.47 -31.74
N ILE C 715 -10.55 3.72 -32.61
CA ILE C 715 -9.37 4.47 -32.23
C ILE C 715 -9.73 5.92 -31.93
N ALA C 716 -10.85 6.37 -32.51
CA ALA C 716 -11.31 7.74 -32.32
C ALA C 716 -11.58 8.05 -30.85
N THR C 717 -11.88 7.02 -30.05
CA THR C 717 -12.12 7.20 -28.63
C THR C 717 -10.84 7.63 -27.92
N LYS C 718 -9.69 7.40 -28.56
CA LYS C 718 -8.40 7.75 -28.00
C LYS C 718 -7.94 9.14 -28.44
N THR C 719 -8.53 9.66 -29.50
CA THR C 719 -8.12 10.94 -30.08
C THR C 719 -8.44 12.10 -29.13
N PRO C 720 -7.62 13.17 -29.18
CA PRO C 720 -7.83 14.34 -28.31
C PRO C 720 -9.20 14.98 -28.46
N LYS C 721 -9.72 15.02 -29.69
CA LYS C 721 -11.00 15.65 -29.96
C LYS C 721 -12.14 14.96 -29.23
N VAL C 722 -12.20 13.63 -29.33
CA VAL C 722 -13.26 12.87 -28.70
C VAL C 722 -13.09 12.85 -27.18
N ARG C 723 -11.87 12.67 -26.71
CA ARG C 723 -11.60 12.65 -25.28
C ARG C 723 -12.08 13.95 -24.63
N GLY C 724 -11.95 15.05 -25.35
CA GLY C 724 -12.45 16.33 -24.89
C GLY C 724 -13.97 16.35 -24.86
N LEU C 725 -14.58 15.76 -25.88
CA LEU C 725 -16.04 15.66 -25.94
C LEU C 725 -16.57 14.78 -24.81
N ARG C 726 -15.86 13.70 -24.50
CA ARG C 726 -16.28 12.81 -23.43
C ARG C 726 -16.12 13.49 -22.06
N THR C 727 -15.20 14.44 -21.98
CA THR C 727 -15.01 15.21 -20.75
C THR C 727 -16.25 16.02 -20.43
N ILE C 728 -16.85 16.62 -21.46
CA ILE C 728 -18.07 17.40 -21.29
C ILE C 728 -19.19 16.52 -20.74
N LYS C 729 -19.35 15.32 -21.29
CA LYS C 729 -20.38 14.42 -20.84
C LYS C 729 -20.16 13.98 -19.40
N LYS C 730 -18.90 13.79 -19.02
CA LYS C 730 -18.57 13.31 -17.68
C LYS C 730 -18.67 14.42 -16.64
N GLU C 731 -18.38 15.65 -17.03
CA GLU C 731 -18.48 16.78 -16.11
C GLU C 731 -19.93 17.21 -15.94
N ILE C 732 -20.73 17.03 -16.99
CA ILE C 732 -22.17 17.28 -16.91
C ILE C 732 -22.81 16.27 -15.96
N LEU C 733 -22.42 15.01 -16.09
CA LEU C 733 -22.92 13.97 -15.19
C LEU C 733 -22.44 14.23 -13.77
N LYS C 734 -21.20 14.68 -13.63
CA LYS C 734 -20.61 14.94 -12.33
C LYS C 734 -21.34 16.07 -11.60
N LEU C 735 -21.79 17.08 -12.35
CA LEU C 735 -22.53 18.18 -11.76
C LEU C 735 -23.86 17.70 -11.18
N VAL C 736 -24.56 16.87 -11.94
CA VAL C 736 -25.87 16.36 -11.53
C VAL C 736 -25.74 15.47 -10.30
N GLU C 737 -24.74 14.59 -10.29
CA GLU C 737 -24.43 13.79 -9.11
C GLU C 737 -24.26 14.70 -7.90
N THR C 738 -23.40 15.70 -8.07
CA THR C 738 -23.03 16.60 -6.99
C THR C 738 -24.25 17.27 -6.36
N TYR C 739 -25.19 17.70 -7.21
CA TYR C 739 -26.39 18.35 -6.69
C TYR C 739 -27.33 17.36 -6.02
N ILE C 740 -27.80 16.37 -6.78
CA ILE C 740 -28.81 15.44 -6.30
C ILE C 740 -28.38 14.77 -5.00
N SER C 741 -27.09 14.45 -4.89
CA SER C 741 -26.56 13.83 -3.68
C SER C 741 -26.65 14.75 -2.47
N LYS C 742 -26.65 16.05 -2.71
CA LYS C 742 -26.68 17.05 -1.65
C LYS C 742 -28.00 17.82 -1.61
N ALA C 743 -28.97 17.39 -2.41
CA ALA C 743 -30.25 18.07 -2.52
C ALA C 743 -31.10 17.85 -1.26
N ARG C 744 -31.93 18.84 -0.93
CA ARG C 744 -32.85 18.75 0.20
C ARG C 744 -34.27 18.54 -0.28
N ASN C 745 -34.68 19.34 -1.25
CA ASN C 745 -36.00 19.20 -1.87
C ASN C 745 -35.98 18.04 -2.86
N LEU C 746 -36.38 16.86 -2.38
CA LEU C 746 -36.36 15.66 -3.20
C LEU C 746 -37.53 15.67 -4.19
N ASP C 747 -38.59 16.39 -3.86
CA ASP C 747 -39.73 16.51 -4.76
C ASP C 747 -39.32 17.16 -6.07
N ASP C 748 -38.50 18.21 -5.98
CA ASP C 748 -37.99 18.89 -7.17
C ASP C 748 -37.12 17.97 -8.01
N VAL C 749 -36.30 17.16 -7.33
CA VAL C 749 -35.41 16.23 -8.01
C VAL C 749 -36.19 15.29 -8.93
N VAL C 750 -37.22 14.65 -8.37
CA VAL C 750 -38.04 13.72 -9.13
C VAL C 750 -38.82 14.42 -10.24
N LYS C 751 -39.61 15.43 -9.86
CA LYS C 751 -40.50 16.11 -10.78
C LYS C 751 -39.78 16.79 -11.95
N VAL C 752 -38.64 17.41 -11.66
CA VAL C 752 -37.97 18.28 -12.62
C VAL C 752 -36.73 17.67 -13.26
N LEU C 753 -35.88 17.04 -12.46
CA LEU C 753 -34.55 16.65 -12.91
C LEU C 753 -34.44 15.22 -13.45
N VAL C 754 -35.12 14.26 -12.82
CA VAL C 754 -34.94 12.86 -13.18
C VAL C 754 -35.40 12.53 -14.60
N GLU C 755 -36.58 13.01 -14.99
CA GLU C 755 -37.16 12.65 -16.27
C GLU C 755 -36.30 13.08 -17.46
N PRO C 756 -35.91 14.37 -17.52
CA PRO C 756 -35.05 14.77 -18.64
C PRO C 756 -33.70 14.07 -18.62
N LEU C 757 -33.19 13.77 -17.43
CA LEU C 757 -31.88 13.11 -17.29
C LEU C 757 -31.90 11.73 -17.91
N LEU C 758 -32.80 10.88 -17.43
CA LEU C 758 -32.87 9.50 -17.88
C LEU C 758 -33.11 9.41 -19.38
N ASN C 759 -34.00 10.26 -19.89
CA ASN C 759 -34.33 10.27 -21.31
C ASN C 759 -33.21 10.83 -22.17
N ALA C 760 -32.14 11.28 -21.52
CA ALA C 760 -30.99 11.86 -22.22
C ALA C 760 -29.78 10.94 -22.17
N VAL C 761 -29.64 10.18 -21.09
CA VAL C 761 -28.42 9.41 -20.86
C VAL C 761 -28.58 7.90 -21.10
N LEU C 762 -29.76 7.37 -20.79
CA LEU C 762 -29.97 5.92 -20.82
C LEU C 762 -29.88 5.35 -22.23
N GLU C 763 -30.72 5.83 -23.13
CA GLU C 763 -30.76 5.30 -24.50
C GLU C 763 -29.43 5.51 -25.22
N ASP C 764 -28.75 6.60 -24.89
CA ASP C 764 -27.44 6.89 -25.46
C ASP C 764 -26.43 5.84 -25.00
N TYR C 765 -26.46 5.53 -23.72
CA TYR C 765 -25.56 4.55 -23.13
C TYR C 765 -25.81 3.16 -23.73
N MET C 766 -27.09 2.83 -23.90
CA MET C 766 -27.49 1.51 -24.37
C MET C 766 -27.08 1.26 -25.82
N ASN C 767 -27.29 2.26 -26.67
CA ASN C 767 -27.08 2.12 -28.11
C ASN C 767 -25.68 2.51 -28.57
N ASN C 768 -24.78 2.78 -27.64
CA ASN C 768 -23.38 2.99 -27.96
C ASN C 768 -22.61 1.67 -27.99
N VAL C 769 -21.53 1.63 -28.76
CA VAL C 769 -20.63 0.50 -28.71
C VAL C 769 -19.99 0.48 -27.33
N PRO C 770 -19.64 -0.70 -26.81
CA PRO C 770 -19.04 -0.83 -25.47
C PRO C 770 -17.90 0.15 -25.19
N ASP C 771 -17.04 0.39 -26.16
CA ASP C 771 -15.87 1.25 -25.97
C ASP C 771 -16.22 2.75 -25.99
N ALA C 772 -17.50 3.05 -26.19
CA ALA C 772 -17.97 4.44 -26.19
C ALA C 772 -18.94 4.71 -25.04
N ARG C 773 -19.12 3.72 -24.17
CA ARG C 773 -20.02 3.84 -23.03
C ARG C 773 -19.28 4.36 -21.81
N ASP C 774 -19.69 5.53 -21.33
CA ASP C 774 -19.07 6.13 -20.16
C ASP C 774 -19.59 5.46 -18.89
N ALA C 775 -18.67 4.94 -18.09
CA ALA C 775 -19.02 4.26 -16.85
C ALA C 775 -19.61 5.22 -15.81
N GLU C 776 -19.38 6.52 -16.01
CA GLU C 776 -19.90 7.54 -15.09
C GLU C 776 -21.43 7.58 -15.13
N VAL C 777 -22.00 7.09 -16.23
CA VAL C 777 -23.44 6.99 -16.36
C VAL C 777 -23.98 6.06 -15.28
N LEU C 778 -23.35 4.91 -15.12
CA LEU C 778 -23.73 3.95 -14.10
C LEU C 778 -23.61 4.58 -12.72
N ASN C 779 -22.53 5.32 -12.51
CA ASN C 779 -22.28 5.95 -11.21
C ASN C 779 -23.26 7.07 -10.93
N CYS C 780 -23.70 7.75 -11.98
CA CYS C 780 -24.71 8.80 -11.84
C CYS C 780 -26.04 8.18 -11.43
N MET C 781 -26.42 7.11 -12.12
CA MET C 781 -27.65 6.40 -11.80
C MET C 781 -27.62 5.87 -10.37
N THR C 782 -26.44 5.46 -9.92
CA THR C 782 -26.27 4.96 -8.56
C THR C 782 -26.61 6.05 -7.54
N THR C 783 -26.18 7.28 -7.83
CA THR C 783 -26.46 8.41 -6.95
C THR C 783 -27.96 8.71 -6.94
N VAL C 784 -28.59 8.67 -8.11
CA VAL C 784 -30.01 8.94 -8.22
C VAL C 784 -30.84 7.97 -7.39
N VAL C 785 -30.60 6.68 -7.58
CA VAL C 785 -31.34 5.65 -6.87
C VAL C 785 -31.07 5.71 -5.36
N GLU C 786 -29.84 6.03 -4.98
CA GLU C 786 -29.49 6.12 -3.56
C GLU C 786 -30.27 7.22 -2.86
N LYS C 787 -30.65 8.26 -3.61
CA LYS C 787 -31.24 9.44 -3.02
C LYS C 787 -32.77 9.47 -3.15
N VAL C 788 -33.27 9.23 -4.36
CA VAL C 788 -34.71 9.28 -4.61
C VAL C 788 -35.25 7.99 -5.20
N GLY C 789 -34.42 6.95 -5.24
CA GLY C 789 -34.79 5.69 -5.86
C GLY C 789 -36.06 5.07 -5.30
N HIS C 790 -36.39 5.40 -4.06
CA HIS C 790 -37.60 4.87 -3.43
C HIS C 790 -38.85 5.59 -3.93
N MET C 791 -38.67 6.65 -4.72
CA MET C 791 -39.78 7.45 -5.24
C MET C 791 -39.96 7.31 -6.75
N ILE C 792 -39.17 6.45 -7.38
CA ILE C 792 -39.19 6.30 -8.83
C ILE C 792 -39.14 4.84 -9.27
N PRO C 793 -40.21 4.08 -8.99
CA PRO C 793 -40.26 2.67 -9.37
C PRO C 793 -40.14 2.46 -10.88
N GLN C 794 -40.86 3.26 -11.66
CA GLN C 794 -40.76 3.16 -13.12
C GLN C 794 -39.41 3.66 -13.59
N GLY C 795 -38.81 4.56 -12.81
CA GLY C 795 -37.51 5.10 -13.12
C GLY C 795 -36.40 4.08 -12.96
N VAL C 796 -36.43 3.37 -11.83
CA VAL C 796 -35.45 2.33 -11.57
C VAL C 796 -35.60 1.18 -12.56
N ILE C 797 -36.84 0.87 -12.92
CA ILE C 797 -37.11 -0.17 -13.91
C ILE C 797 -36.53 0.23 -15.26
N LEU C 798 -36.68 1.50 -15.61
CA LEU C 798 -36.19 2.00 -16.89
C LEU C 798 -34.66 1.98 -16.93
N ILE C 799 -34.04 2.24 -15.79
CA ILE C 799 -32.59 2.20 -15.67
C ILE C 799 -32.05 0.80 -15.89
N LEU C 800 -32.62 -0.19 -15.20
CA LEU C 800 -32.21 -1.58 -15.37
C LEU C 800 -32.30 -2.03 -16.81
N GLN C 801 -33.44 -1.78 -17.44
CA GLN C 801 -33.67 -2.20 -18.82
C GLN C 801 -32.58 -1.70 -19.76
N SER C 802 -32.12 -0.47 -19.50
CA SER C 802 -31.19 0.20 -20.39
C SER C 802 -29.73 -0.19 -20.15
N VAL C 803 -29.36 -0.45 -18.90
CA VAL C 803 -27.95 -0.64 -18.55
C VAL C 803 -27.59 -2.05 -18.07
N PHE C 804 -28.56 -2.82 -17.62
CA PHE C 804 -28.26 -4.12 -17.03
C PHE C 804 -27.64 -5.11 -18.01
N GLU C 805 -28.43 -5.57 -18.97
CA GLU C 805 -27.99 -6.62 -19.87
C GLU C 805 -26.78 -6.23 -20.72
N CYS C 806 -26.80 -5.02 -21.26
CA CYS C 806 -25.73 -4.58 -22.16
C CYS C 806 -24.40 -4.41 -21.42
N THR C 807 -24.47 -4.02 -20.15
CA THR C 807 -23.26 -3.84 -19.34
C THR C 807 -22.74 -5.21 -18.90
N LEU C 808 -23.65 -6.13 -18.61
CA LEU C 808 -23.27 -7.45 -18.15
C LEU C 808 -22.51 -8.20 -19.24
N ASP C 809 -22.88 -7.95 -20.49
CA ASP C 809 -22.25 -8.64 -21.62
C ASP C 809 -20.81 -8.14 -21.82
N MET C 810 -20.49 -6.98 -21.28
CA MET C 810 -19.16 -6.41 -21.38
C MET C 810 -18.18 -7.05 -20.40
N ILE C 811 -18.71 -7.66 -19.34
CA ILE C 811 -17.87 -8.11 -18.22
C ILE C 811 -18.08 -9.58 -17.85
N ASN C 812 -18.93 -10.29 -18.59
CA ASN C 812 -19.19 -11.70 -18.30
C ASN C 812 -18.30 -12.62 -19.13
N LYS C 813 -17.20 -12.07 -19.64
CA LYS C 813 -16.28 -12.82 -20.49
C LYS C 813 -14.93 -13.05 -19.81
N ASP C 814 -14.57 -12.14 -18.90
CA ASP C 814 -13.32 -12.27 -18.14
C ASP C 814 -13.37 -11.37 -16.90
N PHE C 815 -12.25 -11.28 -16.19
CA PHE C 815 -12.18 -10.52 -14.93
C PHE C 815 -11.37 -9.23 -15.05
N THR C 816 -10.89 -8.92 -16.26
CA THR C 816 -10.00 -7.78 -16.45
C THR C 816 -10.65 -6.63 -17.23
N GLU C 817 -11.23 -6.94 -18.38
CA GLU C 817 -11.71 -5.93 -19.31
C GLU C 817 -12.80 -5.05 -18.72
N TYR C 818 -12.76 -3.77 -19.06
CA TYR C 818 -13.74 -2.78 -18.58
C TYR C 818 -13.84 -2.79 -17.05
N PRO C 819 -12.72 -2.49 -16.37
CA PRO C 819 -12.68 -2.49 -14.91
C PRO C 819 -13.55 -1.39 -14.29
N GLU C 820 -13.67 -0.26 -14.98
CA GLU C 820 -14.45 0.85 -14.47
C GLU C 820 -15.93 0.48 -14.43
N HIS C 821 -16.43 -0.04 -15.55
CA HIS C 821 -17.82 -0.42 -15.67
C HIS C 821 -18.15 -1.54 -14.71
N ARG C 822 -17.16 -2.40 -14.48
CA ARG C 822 -17.32 -3.56 -13.62
C ARG C 822 -17.74 -3.18 -12.21
N VAL C 823 -17.03 -2.22 -11.62
CA VAL C 823 -17.28 -1.83 -10.23
C VAL C 823 -18.55 -1.01 -10.08
N GLU C 824 -18.81 -0.13 -11.04
CA GLU C 824 -19.99 0.72 -11.00
C GLU C 824 -21.26 -0.08 -11.29
N PHE C 825 -21.10 -1.18 -12.01
CA PHE C 825 -22.23 -2.04 -12.35
C PHE C 825 -22.81 -2.70 -11.10
N TYR C 826 -21.94 -3.15 -10.20
CA TYR C 826 -22.37 -3.87 -9.02
C TYR C 826 -22.73 -2.92 -7.87
N LYS C 827 -22.20 -1.71 -7.93
CA LYS C 827 -22.64 -0.65 -7.04
C LYS C 827 -24.09 -0.28 -7.34
N LEU C 828 -24.42 -0.27 -8.62
CA LEU C 828 -25.76 0.11 -9.06
C LEU C 828 -26.79 -0.95 -8.71
N LEU C 829 -26.45 -2.21 -8.94
CA LEU C 829 -27.35 -3.30 -8.59
C LEU C 829 -27.51 -3.40 -7.08
N LYS C 830 -26.46 -3.04 -6.35
CA LYS C 830 -26.50 -3.07 -4.90
C LYS C 830 -27.55 -2.11 -4.36
N VAL C 831 -27.48 -0.85 -4.75
CA VAL C 831 -28.42 0.16 -4.25
C VAL C 831 -29.83 -0.11 -4.75
N ILE C 832 -29.93 -0.64 -5.97
CA ILE C 832 -31.24 -0.97 -6.53
C ILE C 832 -31.87 -2.08 -5.68
N ASN C 833 -31.07 -3.07 -5.32
CA ASN C 833 -31.54 -4.18 -4.50
C ASN C 833 -31.90 -3.73 -3.09
N GLU C 834 -31.25 -2.66 -2.63
CA GLU C 834 -31.55 -2.08 -1.32
C GLU C 834 -32.83 -1.25 -1.37
N LYS C 835 -32.80 -0.19 -2.18
CA LYS C 835 -33.91 0.73 -2.28
C LYS C 835 -35.11 0.10 -2.98
N SER C 836 -35.04 0.00 -4.31
CA SER C 836 -36.17 -0.46 -5.11
C SER C 836 -36.02 -1.92 -5.54
N PHE C 837 -36.19 -2.84 -4.60
CA PHE C 837 -36.10 -4.27 -4.91
C PHE C 837 -37.24 -4.72 -5.83
N ALA C 838 -38.33 -3.95 -5.85
CA ALA C 838 -39.49 -4.30 -6.65
C ALA C 838 -39.15 -4.39 -8.13
N ALA C 839 -38.17 -3.59 -8.57
CA ALA C 839 -37.77 -3.55 -9.96
C ALA C 839 -37.28 -4.91 -10.45
N PHE C 840 -36.72 -5.70 -9.53
CA PHE C 840 -36.22 -7.03 -9.87
C PHE C 840 -37.36 -8.05 -9.99
N LEU C 841 -38.47 -7.78 -9.32
CA LEU C 841 -39.63 -8.66 -9.41
C LEU C 841 -40.31 -8.51 -10.77
N GLU C 842 -40.19 -7.31 -11.35
CA GLU C 842 -40.81 -7.03 -12.64
C GLU C 842 -39.96 -7.59 -13.77
N LEU C 843 -38.70 -7.89 -13.49
CA LEU C 843 -37.84 -8.51 -14.49
C LEU C 843 -38.42 -9.86 -14.91
N PRO C 844 -38.47 -10.13 -16.23
CA PRO C 844 -38.92 -11.46 -16.68
C PRO C 844 -38.08 -12.59 -16.07
N PRO C 845 -38.62 -13.82 -16.05
CA PRO C 845 -37.92 -14.97 -15.49
C PRO C 845 -36.49 -15.13 -16.03
N ALA C 846 -36.33 -14.99 -17.35
CA ALA C 846 -35.04 -15.16 -18.00
C ALA C 846 -34.08 -14.03 -17.63
N ALA C 847 -34.63 -12.84 -17.40
CA ALA C 847 -33.82 -11.68 -17.03
C ALA C 847 -33.38 -11.79 -15.57
N PHE C 848 -34.28 -12.27 -14.71
CA PHE C 848 -33.97 -12.47 -13.30
C PHE C 848 -32.90 -13.56 -13.17
N LYS C 849 -32.86 -14.46 -14.15
CA LYS C 849 -31.89 -15.54 -14.15
C LYS C 849 -30.49 -14.99 -14.41
N LEU C 850 -30.40 -14.00 -15.29
CA LEU C 850 -29.13 -13.32 -15.55
C LEU C 850 -28.68 -12.50 -14.35
N PHE C 851 -29.65 -11.98 -13.60
CA PHE C 851 -29.35 -11.22 -12.40
C PHE C 851 -28.63 -12.10 -11.38
N VAL C 852 -29.07 -13.34 -11.23
CA VAL C 852 -28.45 -14.27 -10.31
C VAL C 852 -27.07 -14.70 -10.83
N ASP C 853 -26.98 -14.90 -12.14
CA ASP C 853 -25.71 -15.26 -12.76
C ASP C 853 -24.66 -14.17 -12.54
N ALA C 854 -25.13 -12.92 -12.40
CA ALA C 854 -24.23 -11.78 -12.27
C ALA C 854 -23.71 -11.66 -10.85
N ILE C 855 -24.53 -12.05 -9.88
CA ILE C 855 -24.14 -11.97 -8.47
C ILE C 855 -23.08 -13.01 -8.15
N CYS C 856 -23.31 -14.24 -8.59
CA CYS C 856 -22.33 -15.31 -8.38
C CYS C 856 -21.06 -15.02 -9.16
N TRP C 857 -21.20 -14.32 -10.29
CA TRP C 857 -20.06 -13.92 -11.09
C TRP C 857 -19.17 -12.96 -10.30
N ALA C 858 -19.79 -12.18 -9.40
CA ALA C 858 -19.06 -11.24 -8.58
C ALA C 858 -18.31 -11.94 -7.46
N PHE C 859 -18.81 -13.09 -7.02
CA PHE C 859 -18.14 -13.86 -5.98
C PHE C 859 -16.73 -14.24 -6.43
N LYS C 860 -16.61 -14.65 -7.69
CA LYS C 860 -15.38 -15.24 -8.21
C LYS C 860 -14.30 -14.21 -8.49
N HIS C 861 -14.61 -12.94 -8.29
CA HIS C 861 -13.65 -11.88 -8.53
C HIS C 861 -12.61 -11.80 -7.43
N ASN C 862 -11.34 -11.82 -7.84
CA ASN C 862 -10.25 -11.57 -6.93
C ASN C 862 -10.24 -10.10 -6.53
N ASN C 863 -10.69 -9.25 -7.47
CA ASN C 863 -10.89 -7.84 -7.18
C ASN C 863 -11.79 -7.66 -5.98
N ARG C 864 -11.36 -6.84 -5.03
CA ARG C 864 -12.11 -6.67 -3.78
C ARG C 864 -13.22 -5.63 -3.90
N ASP C 865 -13.10 -4.72 -4.87
CA ASP C 865 -14.14 -3.72 -5.09
C ASP C 865 -15.42 -4.35 -5.65
N VAL C 866 -15.29 -5.56 -6.18
CA VAL C 866 -16.42 -6.25 -6.79
C VAL C 866 -16.85 -7.43 -5.92
N GLU C 867 -15.89 -8.15 -5.36
CA GLU C 867 -16.16 -9.33 -4.54
C GLU C 867 -17.04 -8.99 -3.35
N VAL C 868 -16.74 -7.88 -2.69
CA VAL C 868 -17.50 -7.45 -1.52
C VAL C 868 -18.93 -7.07 -1.88
N ASN C 869 -19.08 -6.36 -3.01
CA ASN C 869 -20.40 -5.98 -3.49
C ASN C 869 -21.23 -7.21 -3.86
N GLY C 870 -20.60 -8.15 -4.55
CA GLY C 870 -21.25 -9.38 -4.97
C GLY C 870 -21.89 -10.10 -3.81
N LEU C 871 -21.09 -10.33 -2.76
CA LEU C 871 -21.56 -11.03 -1.57
C LEU C 871 -22.69 -10.29 -0.88
N GLN C 872 -22.54 -8.97 -0.74
CA GLN C 872 -23.54 -8.16 -0.07
C GLN C 872 -24.88 -8.21 -0.78
N ILE C 873 -24.87 -8.12 -2.10
CA ILE C 873 -26.09 -8.18 -2.89
C ILE C 873 -26.80 -9.51 -2.65
N ALA C 874 -26.04 -10.60 -2.66
CA ALA C 874 -26.58 -11.93 -2.42
C ALA C 874 -27.22 -12.00 -1.04
N LEU C 875 -26.51 -11.46 -0.05
CA LEU C 875 -26.99 -11.49 1.33
C LEU C 875 -28.28 -10.66 1.49
N ASP C 876 -28.31 -9.49 0.87
CA ASP C 876 -29.50 -8.64 0.90
C ASP C 876 -30.64 -9.21 0.06
N LEU C 877 -30.28 -9.95 -0.99
CA LEU C 877 -31.28 -10.56 -1.87
C LEU C 877 -32.07 -11.64 -1.12
N VAL C 878 -31.36 -12.45 -0.35
CA VAL C 878 -32.00 -13.49 0.45
C VAL C 878 -32.91 -12.89 1.50
N LYS C 879 -32.44 -11.84 2.16
CA LYS C 879 -33.24 -11.16 3.18
C LYS C 879 -34.48 -10.54 2.55
N ASN C 880 -34.36 -10.04 1.32
CA ASN C 880 -35.51 -9.50 0.62
C ASN C 880 -36.55 -10.58 0.32
N ILE C 881 -36.09 -11.70 -0.23
CA ILE C 881 -36.98 -12.83 -0.53
C ILE C 881 -37.61 -13.37 0.75
N GLU C 882 -36.85 -13.34 1.83
CA GLU C 882 -37.32 -13.86 3.11
C GLU C 882 -38.52 -13.08 3.62
N ARG C 883 -38.41 -11.75 3.60
CA ARG C 883 -39.44 -10.89 4.16
C ARG C 883 -40.63 -10.70 3.21
N MET C 884 -40.66 -11.46 2.12
CA MET C 884 -41.83 -11.51 1.25
C MET C 884 -42.86 -12.48 1.83
N GLY C 885 -42.39 -13.39 2.67
CA GLY C 885 -43.25 -14.37 3.30
C GLY C 885 -43.44 -15.58 2.40
N ASN C 886 -44.49 -16.34 2.67
CA ASN C 886 -44.80 -17.51 1.86
C ASN C 886 -45.64 -17.14 0.64
N VAL C 887 -44.94 -16.85 -0.46
CA VAL C 887 -45.61 -16.46 -1.71
C VAL C 887 -44.93 -17.15 -2.90
N PRO C 888 -45.67 -17.27 -4.03
CA PRO C 888 -45.17 -17.97 -5.21
C PRO C 888 -43.77 -17.56 -5.67
N PHE C 889 -43.47 -16.28 -5.64
CA PHE C 889 -42.17 -15.82 -6.13
C PHE C 889 -41.05 -16.20 -5.16
N ALA C 890 -41.33 -16.08 -3.87
CA ALA C 890 -40.34 -16.40 -2.84
C ALA C 890 -40.02 -17.88 -2.84
N ASN C 891 -41.03 -18.71 -3.02
CA ASN C 891 -40.84 -20.16 -3.04
C ASN C 891 -40.14 -20.59 -4.32
N GLU C 892 -40.53 -20.01 -5.45
CA GLU C 892 -39.90 -20.30 -6.73
C GLU C 892 -38.42 -19.93 -6.70
N PHE C 893 -38.11 -18.86 -5.98
CA PHE C 893 -36.72 -18.41 -5.86
C PHE C 893 -35.88 -19.49 -5.19
N HIS C 894 -36.41 -20.07 -4.10
CA HIS C 894 -35.69 -21.08 -3.35
C HIS C 894 -35.53 -22.36 -4.17
N LYS C 895 -36.60 -22.78 -4.84
CA LYS C 895 -36.55 -23.95 -5.71
C LYS C 895 -35.46 -23.78 -6.77
N ASN C 896 -35.37 -22.57 -7.32
CA ASN C 896 -34.50 -22.32 -8.46
C ASN C 896 -33.05 -22.03 -8.07
N TYR C 897 -32.86 -21.16 -7.09
CA TYR C 897 -31.56 -20.55 -6.88
C TYR C 897 -30.94 -20.77 -5.49
N PHE C 898 -31.64 -21.45 -4.60
CA PHE C 898 -31.12 -21.70 -3.26
C PHE C 898 -29.81 -22.48 -3.32
N PHE C 899 -29.86 -23.72 -3.81
CA PHE C 899 -28.69 -24.58 -3.84
C PHE C 899 -27.59 -24.02 -4.76
N ILE C 900 -27.97 -23.18 -5.71
CA ILE C 900 -27.00 -22.48 -6.54
C ILE C 900 -26.16 -21.54 -5.69
N PHE C 901 -26.82 -20.73 -4.87
CA PHE C 901 -26.13 -19.80 -4.01
C PHE C 901 -25.27 -20.52 -2.95
N VAL C 902 -25.70 -21.71 -2.53
CA VAL C 902 -24.96 -22.47 -1.53
C VAL C 902 -23.66 -23.05 -2.10
N SER C 903 -23.76 -23.64 -3.28
CA SER C 903 -22.60 -24.26 -3.92
C SER C 903 -21.59 -23.22 -4.39
N GLU C 904 -22.08 -22.14 -5.00
CA GLU C 904 -21.21 -21.09 -5.48
C GLU C 904 -20.45 -20.44 -4.32
N THR C 905 -21.11 -20.35 -3.17
CA THR C 905 -20.48 -19.80 -1.98
C THR C 905 -19.41 -20.76 -1.47
N PHE C 906 -19.73 -22.05 -1.47
CA PHE C 906 -18.79 -23.07 -1.02
C PHE C 906 -17.57 -23.10 -1.91
N PHE C 907 -17.78 -22.88 -3.21
CA PHE C 907 -16.70 -22.91 -4.19
C PHE C 907 -15.64 -21.87 -3.87
N VAL C 908 -16.05 -20.61 -3.75
CA VAL C 908 -15.11 -19.54 -3.45
C VAL C 908 -14.53 -19.67 -2.05
N LEU C 909 -15.22 -20.41 -1.18
CA LEU C 909 -14.75 -20.61 0.18
C LEU C 909 -13.58 -21.58 0.25
N THR C 910 -13.54 -22.53 -0.69
CA THR C 910 -12.62 -23.66 -0.61
C THR C 910 -11.59 -23.71 -1.74
N ASP C 911 -11.81 -22.94 -2.80
CA ASP C 911 -10.90 -22.98 -3.94
C ASP C 911 -9.55 -22.34 -3.62
N SER C 912 -9.48 -21.68 -2.46
CA SER C 912 -8.22 -21.15 -1.94
C SER C 912 -7.65 -20.04 -2.82
N ASP C 913 -8.53 -19.27 -3.45
CA ASP C 913 -8.14 -18.13 -4.29
C ASP C 913 -9.00 -16.89 -4.01
N HIS C 914 -9.81 -16.98 -2.96
CA HIS C 914 -10.67 -15.87 -2.56
C HIS C 914 -10.65 -15.71 -1.04
N LYS C 915 -9.48 -15.90 -0.45
CA LYS C 915 -9.33 -15.85 1.00
C LYS C 915 -9.60 -14.45 1.53
N SER C 916 -9.49 -13.45 0.68
CA SER C 916 -9.70 -12.06 1.07
C SER C 916 -11.12 -11.84 1.60
N GLY C 917 -12.08 -12.61 1.10
CA GLY C 917 -13.48 -12.46 1.46
C GLY C 917 -14.06 -13.63 2.24
N PHE C 918 -13.25 -14.21 3.13
CA PHE C 918 -13.67 -15.37 3.90
C PHE C 918 -14.80 -15.05 4.88
N SER C 919 -14.70 -13.90 5.54
CA SER C 919 -15.65 -13.55 6.58
C SER C 919 -17.07 -13.36 6.03
N LYS C 920 -17.18 -12.75 4.85
CA LYS C 920 -18.48 -12.46 4.26
C LYS C 920 -19.07 -13.70 3.59
N GLN C 921 -18.22 -14.55 3.04
CA GLN C 921 -18.66 -15.82 2.47
C GLN C 921 -19.27 -16.68 3.56
N ALA C 922 -18.63 -16.68 4.73
CA ALA C 922 -19.11 -17.44 5.89
C ALA C 922 -20.47 -16.93 6.35
N LEU C 923 -20.58 -15.61 6.45
CA LEU C 923 -21.82 -14.98 6.89
C LEU C 923 -22.97 -15.29 5.94
N LEU C 924 -22.68 -15.27 4.64
CA LEU C 924 -23.68 -15.60 3.63
C LEU C 924 -24.11 -17.06 3.75
N LEU C 925 -23.14 -17.95 3.82
CA LEU C 925 -23.39 -19.37 3.92
C LEU C 925 -24.18 -19.69 5.18
N MET C 926 -23.82 -19.02 6.28
CA MET C 926 -24.49 -19.25 7.55
C MET C 926 -25.95 -18.83 7.48
N LYS C 927 -26.23 -17.78 6.70
CA LYS C 927 -27.59 -17.30 6.53
C LYS C 927 -28.40 -18.30 5.70
N LEU C 928 -27.75 -18.95 4.75
CA LEU C 928 -28.41 -19.91 3.89
C LEU C 928 -28.80 -21.18 4.65
N ILE C 929 -27.86 -21.69 5.45
CA ILE C 929 -28.10 -22.90 6.24
C ILE C 929 -29.18 -22.64 7.29
N SER C 930 -29.16 -21.45 7.88
CA SER C 930 -30.08 -21.12 8.96
C SER C 930 -31.52 -21.06 8.47
N LEU C 931 -31.71 -20.74 7.19
CA LEU C 931 -33.06 -20.69 6.62
C LEU C 931 -33.72 -22.06 6.69
N VAL C 932 -32.90 -23.10 6.58
CA VAL C 932 -33.40 -24.47 6.61
C VAL C 932 -33.55 -24.98 8.04
N TYR C 933 -32.63 -24.59 8.91
CA TYR C 933 -32.67 -25.00 10.31
C TYR C 933 -33.89 -24.40 11.04
N ASP C 934 -34.42 -23.31 10.51
CA ASP C 934 -35.53 -22.60 11.15
C ASP C 934 -36.88 -22.84 10.46
N ASN C 935 -36.87 -23.63 9.39
CA ASN C 935 -38.08 -23.88 8.60
C ASN C 935 -38.71 -22.60 8.09
N LYS C 936 -37.89 -21.71 7.53
CA LYS C 936 -38.39 -20.46 6.96
C LYS C 936 -38.57 -20.59 5.45
N ILE C 937 -38.38 -21.81 4.94
CA ILE C 937 -38.65 -22.12 3.55
C ILE C 937 -39.78 -23.14 3.49
N SER C 938 -40.99 -22.67 3.21
CA SER C 938 -42.19 -23.49 3.27
C SER C 938 -42.15 -24.68 2.31
N VAL C 939 -41.85 -24.41 1.05
CA VAL C 939 -41.85 -25.45 0.02
C VAL C 939 -40.62 -26.36 0.15
N PRO C 940 -40.69 -27.57 -0.43
CA PRO C 940 -39.52 -28.44 -0.48
C PRO C 940 -38.52 -28.00 -1.56
N LEU C 941 -37.23 -28.16 -1.29
CA LEU C 941 -36.19 -27.73 -2.22
C LEU C 941 -35.82 -28.81 -3.24
N TYR C 942 -36.62 -29.87 -3.28
CA TYR C 942 -36.32 -31.05 -4.10
C TYR C 942 -37.49 -31.47 -4.98
N GLN C 943 -37.22 -32.43 -5.87
CA GLN C 943 -38.23 -32.99 -6.77
C GLN C 943 -38.96 -34.14 -6.07
N GLU C 944 -40.22 -34.34 -6.42
CA GLU C 944 -41.02 -35.40 -5.81
C GLU C 944 -40.48 -36.79 -6.11
N ALA C 945 -39.58 -36.88 -7.09
CA ALA C 945 -39.09 -38.17 -7.56
C ALA C 945 -37.80 -38.60 -6.88
N GLU C 946 -36.90 -37.64 -6.63
CA GLU C 946 -35.54 -37.97 -6.18
C GLU C 946 -35.44 -38.29 -4.70
N VAL C 947 -36.49 -37.98 -3.93
CA VAL C 947 -36.50 -38.25 -2.50
C VAL C 947 -37.90 -38.69 -2.06
N PRO C 948 -37.97 -39.67 -1.13
CA PRO C 948 -39.29 -40.11 -0.65
C PRO C 948 -40.13 -38.97 -0.09
N GLN C 949 -41.40 -38.93 -0.48
CA GLN C 949 -42.31 -37.87 -0.09
C GLN C 949 -42.47 -37.83 1.43
N GLY C 950 -42.11 -36.69 2.02
CA GLY C 950 -42.22 -36.48 3.46
C GLY C 950 -40.93 -36.00 4.09
N THR C 951 -39.82 -36.13 3.37
CA THR C 951 -38.51 -35.76 3.89
C THR C 951 -38.42 -34.26 4.10
N SER C 952 -37.81 -33.85 5.21
CA SER C 952 -37.65 -32.44 5.53
C SER C 952 -36.48 -31.82 4.76
N ASN C 953 -36.49 -30.51 4.63
CA ASN C 953 -35.39 -29.81 3.96
C ASN C 953 -34.08 -29.98 4.72
N GLN C 954 -34.18 -30.09 6.05
CA GLN C 954 -33.01 -30.29 6.90
C GLN C 954 -32.23 -31.53 6.46
N VAL C 955 -32.94 -32.63 6.25
CA VAL C 955 -32.31 -33.89 5.86
C VAL C 955 -31.77 -33.80 4.45
N TYR C 956 -32.59 -33.29 3.52
CA TYR C 956 -32.17 -33.19 2.13
C TYR C 956 -31.00 -32.22 1.96
N LEU C 957 -30.90 -31.24 2.86
CA LEU C 957 -29.79 -30.30 2.82
C LEU C 957 -28.48 -31.00 3.14
N SER C 958 -28.53 -31.96 4.06
CA SER C 958 -27.33 -32.71 4.45
C SER C 958 -26.97 -33.75 3.38
N GLN C 959 -27.96 -34.19 2.62
CA GLN C 959 -27.74 -35.15 1.54
C GLN C 959 -27.12 -34.46 0.32
N TYR C 960 -27.64 -33.27 0.01
CA TYR C 960 -27.11 -32.49 -1.11
C TYR C 960 -25.68 -32.06 -0.83
N LEU C 961 -25.43 -31.55 0.38
CA LEU C 961 -24.10 -31.09 0.76
C LEU C 961 -23.11 -32.24 0.86
N ALA C 962 -23.58 -33.38 1.36
CA ALA C 962 -22.72 -34.56 1.51
C ALA C 962 -22.24 -35.04 0.15
N ASN C 963 -23.17 -35.10 -0.81
CA ASN C 963 -22.85 -35.54 -2.16
C ASN C 963 -21.97 -34.53 -2.88
N MET C 964 -22.20 -33.25 -2.61
CA MET C 964 -21.45 -32.18 -3.27
C MET C 964 -19.98 -32.24 -2.86
N LEU C 965 -19.73 -32.35 -1.56
CA LEU C 965 -18.38 -32.31 -1.03
C LEU C 965 -17.58 -33.55 -1.40
N SER C 966 -18.28 -34.66 -1.63
CA SER C 966 -17.61 -35.91 -1.97
C SER C 966 -17.02 -35.82 -3.37
N ASN C 967 -17.78 -35.28 -4.31
CA ASN C 967 -17.33 -35.16 -5.69
C ASN C 967 -16.29 -34.06 -5.87
N ALA C 968 -16.36 -33.04 -5.01
CA ALA C 968 -15.44 -31.92 -5.06
C ALA C 968 -14.16 -32.20 -4.29
N PHE C 969 -14.25 -33.13 -3.34
CA PHE C 969 -13.12 -33.49 -2.49
C PHE C 969 -13.10 -35.00 -2.23
N PRO C 970 -12.80 -35.79 -3.27
CA PRO C 970 -12.88 -37.26 -3.18
C PRO C 970 -11.88 -37.88 -2.22
N HIS C 971 -10.95 -37.10 -1.68
CA HIS C 971 -9.94 -37.61 -0.76
C HIS C 971 -10.40 -37.52 0.69
N LEU C 972 -11.54 -36.89 0.92
CA LEU C 972 -12.15 -36.86 2.24
C LEU C 972 -12.97 -38.13 2.46
N THR C 973 -12.95 -38.64 3.68
CA THR C 973 -13.77 -39.79 4.01
C THR C 973 -15.21 -39.34 4.16
N SER C 974 -16.15 -40.28 4.12
CA SER C 974 -17.55 -39.96 4.31
C SER C 974 -17.78 -39.48 5.74
N GLU C 975 -16.94 -39.95 6.66
CA GLU C 975 -17.07 -39.60 8.07
C GLU C 975 -16.64 -38.17 8.33
N GLN C 976 -15.63 -37.70 7.60
CA GLN C 976 -15.18 -36.31 7.68
C GLN C 976 -16.32 -35.38 7.28
N ILE C 977 -16.88 -35.64 6.10
CA ILE C 977 -17.96 -34.83 5.56
C ILE C 977 -19.17 -34.82 6.48
N ALA C 978 -19.54 -35.99 6.98
CA ALA C 978 -20.68 -36.12 7.88
C ALA C 978 -20.49 -35.33 9.16
N SER C 979 -19.27 -35.39 9.71
CA SER C 979 -18.96 -34.68 10.95
C SER C 979 -18.92 -33.18 10.72
N PHE C 980 -18.27 -32.76 9.64
CA PHE C 980 -18.17 -31.36 9.29
C PHE C 980 -19.55 -30.73 9.13
N LEU C 981 -20.39 -31.36 8.32
CA LEU C 981 -21.74 -30.86 8.08
C LEU C 981 -22.58 -30.87 9.35
N SER C 982 -22.46 -31.95 10.12
CA SER C 982 -23.18 -32.06 11.39
C SER C 982 -22.83 -30.88 12.29
N ALA C 983 -21.53 -30.62 12.45
CA ALA C 983 -21.08 -29.52 13.28
C ALA C 983 -21.40 -28.16 12.66
N LEU C 984 -21.33 -28.09 11.33
CA LEU C 984 -21.57 -26.83 10.63
C LEU C 984 -23.04 -26.42 10.73
N THR C 985 -23.95 -27.39 10.70
CA THR C 985 -25.38 -27.11 10.70
C THR C 985 -25.90 -26.71 12.07
N LYS C 986 -25.36 -27.32 13.13
CA LYS C 986 -25.78 -26.99 14.49
C LYS C 986 -24.89 -25.90 15.09
N GLN C 987 -24.26 -25.12 14.21
CA GLN C 987 -23.45 -23.98 14.62
C GLN C 987 -23.77 -22.77 13.76
N CYS C 988 -24.88 -22.83 13.04
CA CYS C 988 -25.25 -21.76 12.11
C CYS C 988 -25.88 -20.57 12.83
N LYS C 989 -25.78 -20.53 14.16
CA LYS C 989 -26.24 -19.40 14.96
C LYS C 989 -25.08 -18.74 15.70
N ASP C 990 -23.88 -19.28 15.52
CA ASP C 990 -22.68 -18.75 16.18
C ASP C 990 -21.57 -18.58 15.14
N LEU C 991 -21.40 -17.34 14.66
CA LEU C 991 -20.54 -17.06 13.52
C LEU C 991 -19.06 -17.31 13.79
N VAL C 992 -18.59 -16.94 14.98
CA VAL C 992 -17.18 -17.13 15.32
C VAL C 992 -16.83 -18.62 15.38
N VAL C 993 -17.79 -19.44 15.82
CA VAL C 993 -17.60 -20.89 15.86
C VAL C 993 -17.77 -21.47 14.46
N PHE C 994 -18.80 -21.01 13.77
CA PHE C 994 -19.08 -21.40 12.40
C PHE C 994 -17.85 -21.18 11.52
N LYS C 995 -17.23 -20.00 11.69
CA LYS C 995 -16.02 -19.66 10.94
C LYS C 995 -14.89 -20.62 11.30
N GLY C 996 -14.76 -20.92 12.59
CA GLY C 996 -13.73 -21.82 13.06
C GLY C 996 -13.88 -23.21 12.45
N THR C 997 -15.12 -23.63 12.25
CA THR C 997 -15.41 -24.94 11.66
C THR C 997 -15.03 -24.95 10.18
N LEU C 998 -15.32 -23.86 9.49
CA LEU C 998 -14.94 -23.74 8.08
C LEU C 998 -13.42 -23.75 7.94
N ARG C 999 -12.73 -23.06 8.85
CA ARG C 999 -11.27 -22.97 8.79
C ARG C 999 -10.65 -24.32 9.09
N ASP C 1000 -11.29 -25.09 9.97
CA ASP C 1000 -10.86 -26.46 10.24
C ASP C 1000 -11.03 -27.30 8.98
N PHE C 1001 -12.15 -27.11 8.30
CA PHE C 1001 -12.41 -27.81 7.05
C PHE C 1001 -11.37 -27.45 5.98
N LEU C 1002 -11.00 -26.17 5.91
CA LEU C 1002 -10.03 -25.72 4.93
C LEU C 1002 -8.65 -26.33 5.16
N VAL C 1003 -8.34 -26.64 6.42
CA VAL C 1003 -7.07 -27.27 6.76
C VAL C 1003 -7.03 -28.74 6.37
N GLN C 1004 -8.17 -29.41 6.50
CA GLN C 1004 -8.24 -30.85 6.28
C GLN C 1004 -8.38 -31.23 4.81
N ILE C 1005 -8.82 -30.31 3.97
CA ILE C 1005 -8.94 -30.58 2.54
C ILE C 1005 -7.60 -30.42 1.82
N LYS C 1006 -6.60 -29.96 2.56
CA LYS C 1006 -5.26 -29.78 2.03
C LYS C 1006 -4.35 -30.94 2.43
N GLU C 1007 -4.93 -31.92 3.12
CA GLU C 1007 -4.20 -33.11 3.54
C GLU C 1007 -5.04 -34.36 3.33
N VAL C 1008 -4.47 -35.51 3.70
CA VAL C 1008 -5.16 -36.79 3.62
C VAL C 1008 -5.20 -37.45 5.00
N GLY C 1009 -6.38 -37.94 5.38
CA GLY C 1009 -6.54 -38.62 6.64
C GLY C 1009 -6.93 -37.68 7.77
N GLY C 1010 -7.59 -36.59 7.42
CA GLY C 1010 -8.06 -35.62 8.41
C GLY C 1010 -8.89 -36.28 9.48
N ASP C 1011 -8.62 -35.94 10.74
CA ASP C 1011 -9.32 -36.52 11.86
C ASP C 1011 -10.75 -35.97 11.95
N PRO C 1012 -11.76 -36.82 11.73
CA PRO C 1012 -13.13 -36.29 11.71
C PRO C 1012 -13.65 -35.88 13.09
N THR C 1013 -12.91 -36.22 14.15
CA THR C 1013 -13.33 -35.88 15.50
C THR C 1013 -12.95 -34.44 15.84
N ASP C 1014 -12.27 -33.77 14.93
CA ASP C 1014 -11.79 -32.42 15.16
C ASP C 1014 -12.95 -31.43 15.15
N TYR C 1015 -14.05 -31.81 14.50
CA TYR C 1015 -15.22 -30.94 14.42
C TYR C 1015 -16.08 -30.97 15.68
N LEU C 1016 -15.64 -31.72 16.68
CA LEU C 1016 -16.32 -31.76 17.98
C LEU C 1016 -15.65 -30.82 18.96
N PHE C 1017 -14.86 -29.89 18.44
CA PHE C 1017 -14.07 -28.98 19.27
C PHE C 1017 -14.96 -28.16 20.20
N ALA C 1018 -16.10 -27.72 19.69
CA ALA C 1018 -17.04 -26.92 20.47
C ALA C 1018 -18.18 -27.78 21.00
N MET D 6 -0.70 48.31 17.46
CA MET D 6 0.18 47.15 17.37
C MET D 6 -0.11 46.37 16.09
N ILE D 7 -1.39 46.26 15.76
CA ILE D 7 -1.84 45.49 14.60
C ILE D 7 -1.90 46.35 13.35
N ASP D 8 -2.35 47.59 13.51
CA ASP D 8 -2.49 48.52 12.39
C ASP D 8 -1.16 48.64 11.65
N ILE D 9 -0.06 48.57 12.39
CA ILE D 9 1.27 48.57 11.80
C ILE D 9 1.50 47.25 11.09
N LEU D 10 1.12 46.17 11.75
CA LEU D 10 1.32 44.81 11.20
C LEU D 10 0.62 44.67 9.86
N SER D 11 -0.54 45.29 9.73
CA SER D 11 -1.29 45.27 8.49
C SER D 11 -0.51 45.99 7.40
N SER D 12 0.07 47.13 7.75
CA SER D 12 0.81 47.94 6.80
C SER D 12 2.07 47.22 6.35
N GLU D 13 2.73 46.53 7.26
CA GLU D 13 3.94 45.78 6.94
C GLU D 13 3.65 44.66 5.93
N LEU D 14 2.54 43.97 6.13
CA LEU D 14 2.16 42.86 5.26
C LEU D 14 1.80 43.33 3.86
N SER D 15 1.12 44.47 3.78
CA SER D 15 0.62 44.99 2.52
C SER D 15 1.72 45.50 1.58
N HIS D 16 2.97 45.49 2.06
CA HIS D 16 4.10 45.96 1.28
C HIS D 16 5.08 44.85 0.89
N MET D 17 4.57 43.62 0.77
CA MET D 17 5.41 42.51 0.31
C MET D 17 5.56 42.54 -1.22
N ASP D 18 6.75 42.90 -1.67
CA ASP D 18 7.07 42.91 -3.10
C ASP D 18 8.26 42.02 -3.38
N PHE D 19 8.49 41.72 -4.65
CA PHE D 19 9.63 40.90 -5.07
C PHE D 19 10.66 41.74 -5.83
#